data_7OU2
#
_entry.id   7OU2
#
_cell.length_a   1.00
_cell.length_b   1.00
_cell.length_c   1.00
_cell.angle_alpha   90.00
_cell.angle_beta   90.00
_cell.angle_gamma   90.00
#
loop_
_entity.id
_entity.type
_entity.pdbx_description
1 polymer 'DNA mismatch repair protein MutS'
2 non-polymer "ADENOSINE-5'-DIPHOSPHATE"
#
_entity_poly.entity_id   1
_entity_poly.type   'polypeptide(L)'
_entity_poly.pdbx_seq_one_letter_code
;HHHHHHMSAIENFDAHTPMMQQYLRLKAQHPEILLFYRMGDFYELFYDDAKRASQLLDISLTKRGASAGEPIPMAGIPYH
AVENYLAKLVNQGESVAICEQIGDPATSKGPVERKVVRIVTPGTISDEALLQERQDNLLAAIWQDSKGFGYATLDISSGR
FRLSEPADRETMAAELQRTNPAELLYAEDFAEMSLIEGRRGLRRRPLWEFEIDTARQQLNLQFGTRDLVGFGVENAPRGL
CAAGCLLQYAKDTQRTTLPHIRSITMEREQDSIIMDAATRRNLEITQNLAGGAENTLASVLDCTVTPMGSRMLKRWLHMP
VRDTRVLLERQQTIGALQDFTAGLQPVLRQVGDLERILARLALRTARPRDLARMRHAFQQLPELRAQLETVDSAPVQALR
EKMGEFAELRDLLERAIIDTPPVLVRDGGVIASGYNEELDEWRALADGATDYLERLEVRERERTGLDTLKVGFNAVHGYY
IQISRGQSHLAPINYMRRQTLKNAERYIIPELKEYEDKVLTSKGKALALEKQLYEELFDLLLPHLEALQQSASALAELDV
LVNLAERAYTLNYTCPTFIDKPGIRITEGRHPVVEQVLNEPFIANPLNLSPQRRMLIITGPNMGGKSTYMRQTALIALMA
YIGSYVPAQKVEIGPIDRIFTRVGAADDLASGRSTFMVEMTETANILHNATEYSLVLMDEIGRGTSTYDGLSLAWACAEN
LANKIKALTLFATHYFELTQLPEKMEGVANVHLDALEHGDTIAFMHSVQDGAASKSYGLAVAALAGVPKEVIKRARQKLR
ELESISPNAAATQVDGTQMSLLSVPEETSPAVEALENLDPDSLTPEQALEWIYRLKSLV
;
_entity_poly.pdbx_strand_id   A,B
#
loop_
_chem_comp.id
_chem_comp.type
_chem_comp.name
_chem_comp.formula
ADP non-polymer ADENOSINE-5'-DIPHOSPHATE 'C10 H15 N5 O10 P2'
#
# COMPACT_ATOMS: atom_id res chain seq x y z
N ASP A 14 -13.01 52.09 -22.58
CA ASP A 14 -14.23 52.81 -23.03
C ASP A 14 -15.32 51.80 -23.42
N ALA A 15 -14.98 50.78 -24.22
CA ALA A 15 -15.95 49.75 -24.66
C ALA A 15 -16.48 48.98 -23.43
N HIS A 16 -15.61 48.70 -22.46
CA HIS A 16 -16.02 48.03 -21.20
C HIS A 16 -16.90 48.97 -20.38
N THR A 17 -17.84 48.42 -19.61
CA THR A 17 -18.72 49.23 -18.73
C THR A 17 -17.89 49.66 -17.52
N PRO A 18 -18.24 50.72 -16.77
CA PRO A 18 -17.35 51.21 -15.69
C PRO A 18 -16.99 50.14 -14.64
N MET A 19 -17.90 49.23 -14.31
CA MET A 19 -17.63 48.14 -13.34
C MET A 19 -16.52 47.23 -13.86
N MET A 20 -16.56 46.84 -15.14
CA MET A 20 -15.52 45.96 -15.76
C MET A 20 -14.20 46.73 -15.95
N GLN A 21 -14.27 48.04 -16.20
CA GLN A 21 -13.03 48.86 -16.32
C GLN A 21 -12.31 48.82 -14.97
N GLN A 22 -13.08 48.93 -13.89
CA GLN A 22 -12.51 48.87 -12.51
C GLN A 22 -11.93 47.47 -12.24
N TYR A 23 -12.65 46.41 -12.66
CA TYR A 23 -12.18 45.01 -12.45
C TYR A 23 -10.91 44.77 -13.28
N LEU A 24 -10.88 45.28 -14.53
CA LEU A 24 -9.73 45.00 -15.42
C LEU A 24 -8.45 45.56 -14.82
N ARG A 25 -8.51 46.77 -14.26
CA ARG A 25 -7.32 47.38 -13.60
C ARG A 25 -6.96 46.56 -12.35
N LEU A 26 -7.96 46.13 -11.58
CA LEU A 26 -7.73 45.34 -10.34
C LEU A 26 -7.08 44.01 -10.71
N LYS A 27 -7.59 43.35 -11.76
CA LYS A 27 -7.04 42.06 -12.25
C LYS A 27 -5.63 42.31 -12.80
N ALA A 28 -5.41 43.46 -13.44
CA ALA A 28 -4.10 43.83 -14.01
C ALA A 28 -3.05 43.90 -12.89
N GLN A 29 -3.44 44.36 -11.71
CA GLN A 29 -2.49 44.44 -10.55
C GLN A 29 -2.04 43.03 -10.20
N HIS A 30 -2.95 42.05 -10.24
CA HIS A 30 -2.62 40.63 -9.90
C HIS A 30 -3.12 39.72 -11.02
N PRO A 31 -2.50 39.72 -12.22
CA PRO A 31 -3.01 38.95 -13.36
C PRO A 31 -2.60 37.48 -13.37
N GLU A 32 -1.62 37.10 -12.53
CA GLU A 32 -1.08 35.72 -12.51
C GLU A 32 -1.85 34.87 -11.48
N ILE A 33 -2.81 35.48 -10.76
CA ILE A 33 -3.55 34.75 -9.67
C ILE A 33 -5.04 35.01 -9.84
N LEU A 34 -5.88 34.11 -9.31
CA LEU A 34 -7.36 34.26 -9.41
C LEU A 34 -7.81 35.37 -8.47
N LEU A 35 -8.99 35.96 -8.72
CA LEU A 35 -9.53 37.03 -7.84
C LEU A 35 -10.99 36.73 -7.51
N PHE A 36 -11.40 36.96 -6.24
CA PHE A 36 -12.83 36.83 -5.85
C PHE A 36 -13.32 38.28 -5.79
N TYR A 37 -14.30 38.67 -6.62
CA TYR A 37 -14.76 40.09 -6.75
C TYR A 37 -16.15 40.22 -6.14
N ARG A 38 -16.32 40.98 -5.06
CA ARG A 38 -17.62 40.97 -4.34
C ARG A 38 -18.71 41.73 -5.12
N MET A 39 -19.82 41.05 -5.44
CA MET A 39 -20.99 41.68 -6.10
C MET A 39 -22.26 41.08 -5.47
N GLY A 40 -23.11 41.89 -4.83
CA GLY A 40 -24.27 41.32 -4.13
C GLY A 40 -23.84 40.38 -3.02
N ASP A 41 -24.26 39.10 -3.07
CA ASP A 41 -23.85 38.09 -2.07
C ASP A 41 -22.90 37.07 -2.69
N PHE A 42 -22.39 37.33 -3.91
CA PHE A 42 -21.54 36.34 -4.63
C PHE A 42 -20.20 36.95 -5.03
N TYR A 43 -19.13 36.14 -5.02
CA TYR A 43 -17.81 36.61 -5.53
C TYR A 43 -17.76 36.16 -6.98
N GLU A 44 -17.86 37.09 -7.93
CA GLU A 44 -17.97 36.69 -9.35
C GLU A 44 -16.59 36.59 -10.01
N LEU A 45 -16.36 35.55 -10.81
CA LEU A 45 -15.07 35.37 -11.56
C LEU A 45 -15.45 35.52 -13.03
N PHE A 46 -14.55 36.03 -13.87
CA PHE A 46 -14.90 36.32 -15.29
C PHE A 46 -13.87 35.75 -16.28
N TYR A 47 -14.27 35.57 -17.54
CA TYR A 47 -13.35 35.14 -18.63
C TYR A 47 -12.58 33.86 -18.25
N ASP A 48 -11.25 33.88 -18.34
CA ASP A 48 -10.40 32.69 -18.07
C ASP A 48 -10.55 32.25 -16.61
N ASP A 49 -10.68 33.19 -15.66
CA ASP A 49 -10.84 32.86 -14.22
C ASP A 49 -12.12 32.05 -14.03
N ALA A 50 -13.20 32.44 -14.73
CA ALA A 50 -14.49 31.73 -14.62
C ALA A 50 -14.28 30.29 -15.10
N LYS A 51 -13.47 30.13 -16.15
CA LYS A 51 -13.21 28.78 -16.71
C LYS A 51 -12.47 27.91 -15.68
N ARG A 52 -11.41 28.43 -15.05
CA ARG A 52 -10.61 27.62 -14.08
C ARG A 52 -11.46 27.28 -12.86
N ALA A 53 -12.26 28.25 -12.40
CA ALA A 53 -13.10 28.04 -11.20
C ALA A 53 -14.10 26.91 -11.51
N SER A 54 -14.68 26.91 -12.71
CA SER A 54 -15.67 25.88 -13.09
C SER A 54 -15.00 24.50 -13.08
N GLN A 55 -13.73 24.41 -13.50
CA GLN A 55 -12.97 23.14 -13.49
C GLN A 55 -12.67 22.64 -12.07
N LEU A 56 -12.23 23.51 -11.15
CA LEU A 56 -11.79 23.05 -9.81
C LEU A 56 -12.92 23.13 -8.79
N LEU A 57 -13.57 24.30 -8.66
CA LEU A 57 -14.67 24.50 -7.68
C LEU A 57 -15.88 23.70 -8.16
N ASP A 58 -15.91 23.33 -9.45
CA ASP A 58 -17.00 22.47 -9.99
C ASP A 58 -18.28 23.31 -10.07
N ILE A 59 -18.15 24.64 -10.00
CA ILE A 59 -19.33 25.56 -10.06
C ILE A 59 -19.73 25.71 -11.54
N SER A 60 -21.02 25.93 -11.80
CA SER A 60 -21.50 26.00 -13.20
C SER A 60 -20.85 27.19 -13.92
N LEU A 61 -20.27 26.98 -15.11
CA LEU A 61 -19.74 28.12 -15.89
C LEU A 61 -20.94 28.73 -16.63
N THR A 62 -21.20 30.02 -16.44
CA THR A 62 -22.34 30.73 -17.09
C THR A 62 -21.73 31.92 -17.83
N LYS A 63 -22.53 32.68 -18.59
CA LYS A 63 -22.02 33.92 -19.24
C LYS A 63 -22.76 35.13 -18.67
N ARG A 64 -22.03 36.15 -18.20
CA ARG A 64 -22.67 37.40 -17.71
C ARG A 64 -23.38 38.04 -18.90
N GLY A 65 -24.54 38.67 -18.70
CA GLY A 65 -25.31 39.20 -19.84
C GLY A 65 -24.45 40.18 -20.63
N ALA A 66 -24.41 40.04 -21.96
CA ALA A 66 -23.50 40.87 -22.80
C ALA A 66 -24.19 42.19 -23.16
N SER A 67 -24.39 43.07 -22.17
CA SER A 67 -24.94 44.43 -22.46
C SER A 67 -23.91 45.20 -23.29
N ALA A 68 -22.63 45.11 -22.93
CA ALA A 68 -21.54 45.78 -23.69
C ALA A 68 -21.49 45.17 -25.10
N GLY A 69 -21.71 43.85 -25.21
CA GLY A 69 -21.68 43.12 -26.50
C GLY A 69 -20.61 42.05 -26.50
N GLU A 70 -19.54 42.25 -25.73
CA GLU A 70 -18.44 41.25 -25.64
C GLU A 70 -18.89 40.11 -24.73
N PRO A 71 -18.66 38.81 -25.08
CA PRO A 71 -19.02 37.71 -24.17
C PRO A 71 -18.16 37.80 -22.90
N ILE A 72 -18.77 37.61 -21.72
CA ILE A 72 -18.03 37.63 -20.42
C ILE A 72 -18.33 36.31 -19.70
N PRO A 73 -17.53 35.24 -19.89
CA PRO A 73 -17.73 34.00 -19.13
C PRO A 73 -17.72 34.34 -17.63
N MET A 74 -18.69 33.84 -16.86
CA MET A 74 -18.81 34.24 -15.44
C MET A 74 -19.06 33.03 -14.53
N ALA A 75 -18.54 33.03 -13.31
CA ALA A 75 -18.84 31.97 -12.31
C ALA A 75 -19.00 32.71 -10.97
N GLY A 76 -19.81 32.21 -10.03
CA GLY A 76 -20.04 32.89 -8.74
C GLY A 76 -20.16 31.91 -7.58
N ILE A 77 -19.66 32.30 -6.40
CA ILE A 77 -19.76 31.43 -5.18
C ILE A 77 -20.27 32.27 -4.01
N PRO A 78 -21.15 31.74 -3.12
CA PRO A 78 -21.70 32.52 -2.04
C PRO A 78 -20.60 32.99 -1.06
N TYR A 79 -20.72 34.21 -0.55
CA TYR A 79 -19.71 34.80 0.37
C TYR A 79 -19.63 33.99 1.67
N HIS A 80 -20.76 33.49 2.17
CA HIS A 80 -20.81 32.74 3.45
C HIS A 80 -20.11 31.38 3.34
N ALA A 81 -20.03 30.81 2.14
CA ALA A 81 -19.40 29.48 1.93
C ALA A 81 -18.03 29.63 1.26
N VAL A 82 -17.46 30.84 1.21
CA VAL A 82 -16.16 31.10 0.51
C VAL A 82 -15.06 30.22 1.10
N GLU A 83 -15.07 30.02 2.41
CA GLU A 83 -13.96 29.29 3.10
C GLU A 83 -13.82 27.88 2.55
N ASN A 84 -14.93 27.23 2.22
CA ASN A 84 -14.91 25.84 1.69
C ASN A 84 -14.19 25.83 0.34
N TYR A 85 -14.49 26.79 -0.53
CA TYR A 85 -13.84 26.90 -1.86
C TYR A 85 -12.35 27.24 -1.67
N LEU A 86 -12.05 28.08 -0.68
CA LEU A 86 -10.64 28.47 -0.40
C LEU A 86 -9.88 27.19 0.01
N ALA A 87 -10.52 26.31 0.79
CA ALA A 87 -9.89 25.05 1.22
C ALA A 87 -9.59 24.20 -0.01
N LYS A 88 -10.55 24.13 -0.95
CA LYS A 88 -10.35 23.32 -2.18
C LYS A 88 -9.17 23.87 -2.94
N LEU A 89 -9.09 25.20 -3.07
CA LEU A 89 -8.00 25.86 -3.83
C LEU A 89 -6.66 25.60 -3.13
N VAL A 90 -6.59 25.76 -1.80
CA VAL A 90 -5.29 25.61 -1.06
C VAL A 90 -4.77 24.18 -1.22
N ASN A 91 -5.66 23.18 -1.21
CA ASN A 91 -5.25 21.77 -1.40
C ASN A 91 -4.59 21.66 -2.79
N GLN A 92 -5.12 22.38 -3.78
CA GLN A 92 -4.56 22.38 -5.16
C GLN A 92 -3.36 23.33 -5.23
N GLY A 93 -3.08 24.08 -4.16
CA GLY A 93 -1.97 25.05 -4.15
C GLY A 93 -2.26 26.26 -5.02
N GLU A 94 -3.53 26.67 -5.15
CA GLU A 94 -3.90 27.80 -6.04
C GLU A 94 -4.03 29.09 -5.22
N SER A 95 -3.22 30.12 -5.53
CA SER A 95 -3.32 31.44 -4.84
C SER A 95 -4.58 32.15 -5.33
N VAL A 96 -5.29 32.85 -4.43
CA VAL A 96 -6.52 33.60 -4.81
C VAL A 96 -6.52 34.95 -4.09
N ALA A 97 -6.89 36.04 -4.77
CA ALA A 97 -6.97 37.37 -4.12
C ALA A 97 -8.42 37.61 -3.67
N ILE A 98 -8.61 38.27 -2.54
CA ILE A 98 -9.98 38.61 -2.06
C ILE A 98 -10.11 40.13 -2.11
N CYS A 99 -11.12 40.65 -2.81
CA CYS A 99 -11.36 42.12 -2.93
C CYS A 99 -12.76 42.42 -2.38
N GLU A 100 -12.93 43.57 -1.73
CA GLU A 100 -14.23 43.87 -1.08
C GLU A 100 -14.63 45.33 -1.34
N GLN A 101 -15.93 45.63 -1.21
CA GLN A 101 -16.42 47.02 -1.41
C GLN A 101 -16.01 47.82 -0.18
N ILE A 102 -15.11 48.81 -0.35
CA ILE A 102 -14.61 49.64 0.79
C ILE A 102 -15.59 50.78 1.05
N GLY A 103 -16.08 51.43 -0.02
CA GLY A 103 -17.02 52.56 0.11
C GLY A 103 -18.46 52.10 0.27
N ASP A 104 -19.36 53.02 0.57
CA ASP A 104 -20.81 52.68 0.64
C ASP A 104 -21.37 52.86 -0.77
N PRO A 105 -21.95 51.82 -1.43
CA PRO A 105 -22.38 51.95 -2.83
C PRO A 105 -23.37 53.08 -3.11
N ALA A 106 -24.27 53.39 -2.17
CA ALA A 106 -25.26 54.48 -2.33
C ALA A 106 -24.55 55.84 -2.48
N THR A 107 -23.52 56.09 -1.66
CA THR A 107 -22.74 57.36 -1.73
C THR A 107 -21.90 57.43 -3.01
N SER A 108 -21.46 56.28 -3.54
CA SER A 108 -20.56 56.24 -4.74
C SER A 108 -21.37 56.31 -6.03
N LYS A 109 -21.31 57.45 -6.73
CA LYS A 109 -22.01 57.63 -8.04
C LYS A 109 -21.41 56.67 -9.04
N GLY A 110 -20.08 56.51 -9.05
CA GLY A 110 -19.38 55.57 -9.95
C GLY A 110 -19.36 54.19 -9.34
N PRO A 111 -18.64 53.19 -9.89
CA PRO A 111 -18.54 51.87 -9.25
C PRO A 111 -17.97 52.06 -7.83
N VAL A 112 -18.53 51.34 -6.85
CA VAL A 112 -18.11 51.52 -5.42
C VAL A 112 -16.62 51.19 -5.33
N GLU A 113 -15.87 51.94 -4.51
CA GLU A 113 -14.41 51.75 -4.48
C GLU A 113 -14.11 50.37 -3.90
N ARG A 114 -13.54 49.50 -4.74
CA ARG A 114 -13.21 48.12 -4.30
C ARG A 114 -11.69 48.06 -4.19
N LYS A 115 -11.19 47.41 -3.16
CA LYS A 115 -9.72 47.23 -2.99
C LYS A 115 -9.47 45.78 -2.60
N VAL A 116 -8.30 45.24 -2.99
CA VAL A 116 -7.97 43.84 -2.64
C VAL A 116 -7.69 43.88 -1.13
N VAL A 117 -8.57 43.28 -0.34
CA VAL A 117 -8.42 43.26 1.16
C VAL A 117 -7.26 42.37 1.58
N ARG A 118 -7.11 41.22 0.91
CA ARG A 118 -6.02 40.26 1.26
C ARG A 118 -5.76 39.34 0.07
N ILE A 119 -4.58 38.71 0.05
CA ILE A 119 -4.27 37.71 -1.01
C ILE A 119 -4.13 36.37 -0.27
N VAL A 120 -5.09 35.46 -0.46
CA VAL A 120 -5.06 34.16 0.25
C VAL A 120 -4.07 33.28 -0.51
N THR A 121 -2.94 32.95 0.13
CA THR A 121 -1.91 32.08 -0.50
C THR A 121 -1.70 30.91 0.45
N PRO A 122 -1.26 29.72 -0.01
CA PRO A 122 -1.17 28.57 0.88
C PRO A 122 -0.29 28.89 2.09
N GLY A 123 0.77 29.70 1.90
CA GLY A 123 1.65 30.11 3.01
C GLY A 123 0.99 30.99 4.07
N THR A 124 0.20 31.99 3.67
CA THR A 124 -0.37 32.99 4.63
C THR A 124 -1.83 32.71 4.95
N ILE A 125 -2.21 31.44 5.11
CA ILE A 125 -3.62 31.17 5.52
C ILE A 125 -3.71 31.22 7.05
N SER A 126 -4.36 32.27 7.57
CA SER A 126 -4.55 32.43 9.04
C SER A 126 -5.92 31.93 9.48
N ASP A 127 -6.81 31.62 8.53
CA ASP A 127 -8.19 31.19 8.89
C ASP A 127 -8.09 29.80 9.50
N GLU A 128 -8.75 29.57 10.64
CA GLU A 128 -8.72 28.25 11.34
C GLU A 128 -9.37 27.19 10.46
N ALA A 129 -10.42 27.57 9.72
CA ALA A 129 -11.17 26.61 8.87
C ALA A 129 -10.22 25.96 7.87
N LEU A 130 -9.20 26.70 7.44
CA LEU A 130 -8.24 26.18 6.42
C LEU A 130 -7.01 25.55 7.05
N LEU A 131 -6.92 25.48 8.39
CA LEU A 131 -5.70 24.96 9.06
C LEU A 131 -5.99 23.66 9.82
N GLN A 132 -5.20 22.61 9.56
CA GLN A 132 -5.35 21.36 10.37
C GLN A 132 -4.93 21.73 11.80
N GLU A 133 -5.69 21.30 12.81
CA GLU A 133 -5.43 21.76 14.20
C GLU A 133 -4.05 21.36 14.70
N ARG A 134 -3.61 20.14 14.43
CA ARG A 134 -2.33 19.63 15.01
C ARG A 134 -1.19 19.71 14.00
N GLN A 135 -1.37 20.42 12.87
CA GLN A 135 -0.29 20.61 11.86
C GLN A 135 -0.02 22.11 11.67
N ASP A 136 1.26 22.51 11.74
CA ASP A 136 1.66 23.93 11.57
C ASP A 136 1.71 24.29 10.09
N ASN A 137 1.16 25.45 9.70
CA ASN A 137 1.19 25.92 8.29
C ASN A 137 2.35 26.90 8.19
N LEU A 138 3.16 26.81 7.12
CA LEU A 138 4.37 27.68 7.01
C LEU A 138 4.50 28.31 5.63
N LEU A 139 5.11 29.51 5.55
CA LEU A 139 5.39 30.18 4.25
C LEU A 139 6.89 30.43 4.17
N ALA A 140 7.53 30.05 3.06
CA ALA A 140 9.01 30.17 2.96
C ALA A 140 9.42 30.63 1.56
N ALA A 141 10.61 31.22 1.43
CA ALA A 141 11.15 31.60 0.10
C ALA A 141 12.57 31.04 0.03
N ILE A 142 13.09 30.82 -1.18
CA ILE A 142 14.46 30.24 -1.33
C ILE A 142 15.22 31.06 -2.39
N TRP A 143 16.53 31.27 -2.18
CA TRP A 143 17.35 32.08 -3.11
C TRP A 143 18.67 31.35 -3.30
N GLN A 144 19.28 31.41 -4.49
CA GLN A 144 20.57 30.73 -4.72
C GLN A 144 21.66 31.72 -5.10
N ASP A 145 22.81 31.66 -4.41
CA ASP A 145 24.01 32.47 -4.77
C ASP A 145 25.01 31.40 -5.21
N SER A 146 26.09 31.80 -5.88
CA SER A 146 27.15 30.82 -6.26
C SER A 146 27.72 30.19 -4.98
N LYS A 147 27.90 30.99 -3.93
CA LYS A 147 28.45 30.52 -2.64
C LYS A 147 27.53 29.51 -1.93
N GLY A 148 26.20 29.74 -1.93
CA GLY A 148 25.29 28.88 -1.14
C GLY A 148 23.83 29.29 -1.33
N PHE A 149 22.94 28.88 -0.43
CA PHE A 149 21.48 29.17 -0.56
C PHE A 149 20.96 29.89 0.69
N GLY A 150 20.07 30.88 0.51
CA GLY A 150 19.43 31.55 1.66
C GLY A 150 17.99 31.11 1.82
N TYR A 151 17.68 30.37 2.90
CA TYR A 151 16.31 29.82 3.08
C TYR A 151 15.64 30.49 4.29
N ALA A 152 14.46 31.08 4.08
CA ALA A 152 13.73 31.78 5.17
C ALA A 152 12.40 31.07 5.39
N THR A 153 11.87 31.11 6.61
CA THR A 153 10.54 30.50 6.92
C THR A 153 9.75 31.41 7.87
N LEU A 154 8.44 31.57 7.64
CA LEU A 154 7.59 32.38 8.53
C LEU A 154 6.36 31.57 8.93
N ASP A 155 6.10 31.41 10.22
CA ASP A 155 4.85 30.77 10.68
C ASP A 155 3.87 31.93 10.89
N ILE A 156 3.12 32.30 9.84
CA ILE A 156 2.22 33.48 9.92
C ILE A 156 1.18 33.23 11.01
N SER A 157 0.82 31.97 11.27
CA SER A 157 -0.22 31.62 12.28
C SER A 157 0.28 31.81 13.72
N SER A 158 1.60 31.93 13.93
CA SER A 158 2.17 32.14 15.29
C SER A 158 3.02 33.41 15.37
N GLY A 159 3.47 33.95 14.24
CA GLY A 159 4.40 35.10 14.24
C GLY A 159 5.83 34.60 14.35
N ARG A 160 6.02 33.29 14.49
CA ARG A 160 7.39 32.72 14.63
C ARG A 160 8.09 32.92 13.29
N PHE A 161 9.25 33.56 13.30
CA PHE A 161 9.99 33.85 12.04
C PHE A 161 11.40 33.29 12.15
N ARG A 162 11.83 32.49 11.17
CA ARG A 162 13.15 31.83 11.24
C ARG A 162 13.92 32.06 9.93
N LEU A 163 15.24 31.82 9.96
CA LEU A 163 16.10 32.00 8.77
C LEU A 163 17.21 30.96 8.81
N SER A 164 17.80 30.58 7.66
CA SER A 164 18.95 29.65 7.64
C SER A 164 19.76 29.80 6.35
N GLU A 165 21.01 29.34 6.33
CA GLU A 165 21.83 29.37 5.09
C GLU A 165 22.41 27.97 4.87
N PRO A 166 21.61 26.99 4.38
CA PRO A 166 22.10 25.62 4.22
C PRO A 166 23.28 25.59 3.23
N ALA A 167 24.33 24.82 3.54
CA ALA A 167 25.56 24.81 2.72
C ALA A 167 25.38 24.21 1.31
N ASP A 168 24.64 23.11 1.16
CA ASP A 168 24.61 22.43 -0.17
C ASP A 168 23.22 21.90 -0.54
N ARG A 169 23.08 21.38 -1.76
CA ARG A 169 21.77 20.91 -2.29
C ARG A 169 21.16 19.83 -1.39
N GLU A 170 21.97 18.90 -0.88
CA GLU A 170 21.43 17.79 -0.04
C GLU A 170 20.80 18.36 1.22
N THR A 171 21.45 19.36 1.83
CA THR A 171 20.89 20.02 3.04
C THR A 171 19.58 20.70 2.67
N MET A 172 19.51 21.27 1.46
CA MET A 172 18.28 21.97 1.00
C MET A 172 17.11 20.99 1.01
N ALA A 173 17.31 19.74 0.55
CA ALA A 173 16.24 18.71 0.52
C ALA A 173 15.81 18.31 1.94
N ALA A 174 16.78 18.14 2.84
CA ALA A 174 16.45 17.74 4.23
C ALA A 174 15.61 18.85 4.87
N GLU A 175 16.03 20.12 4.64
CA GLU A 175 15.29 21.27 5.21
C GLU A 175 13.90 21.33 4.57
N LEU A 176 13.82 21.13 3.25
CA LEU A 176 12.51 21.26 2.55
C LEU A 176 11.53 20.20 3.05
N GLN A 177 11.96 18.94 3.26
CA GLN A 177 11.03 17.92 3.83
C GLN A 177 10.67 18.30 5.27
N ARG A 178 11.64 18.72 6.07
CA ARG A 178 11.35 18.99 7.51
C ARG A 178 10.33 20.12 7.59
N THR A 179 10.56 21.20 6.84
CA THR A 179 9.61 22.34 6.82
C THR A 179 8.33 21.92 6.11
N ASN A 180 8.45 21.17 5.00
CA ASN A 180 7.27 20.75 4.20
C ASN A 180 6.43 22.00 3.91
N PRO A 181 6.99 23.10 3.35
CA PRO A 181 6.21 24.33 3.24
C PRO A 181 5.01 24.13 2.31
N ALA A 182 3.84 24.58 2.75
CA ALA A 182 2.62 24.50 1.93
C ALA A 182 2.84 25.38 0.70
N GLU A 183 3.52 26.52 0.88
CA GLU A 183 3.84 27.42 -0.26
C GLU A 183 5.34 27.72 -0.25
N LEU A 184 5.99 27.74 -1.43
CA LEU A 184 7.43 28.09 -1.52
C LEU A 184 7.62 29.18 -2.59
N LEU A 185 8.30 30.28 -2.24
CA LEU A 185 8.63 31.35 -3.21
C LEU A 185 10.08 31.13 -3.67
N TYR A 186 10.39 31.40 -4.93
CA TYR A 186 11.79 31.25 -5.44
C TYR A 186 12.02 32.28 -6.54
N ALA A 187 13.26 32.38 -7.03
CA ALA A 187 13.60 33.41 -8.03
C ALA A 187 13.77 32.81 -9.43
N GLU A 188 13.58 33.62 -10.46
CA GLU A 188 13.68 33.16 -11.87
C GLU A 188 15.08 32.60 -12.15
N ASP A 189 16.11 33.06 -11.43
CA ASP A 189 17.52 32.65 -11.68
C ASP A 189 17.86 31.35 -10.93
N PHE A 190 16.90 30.69 -10.27
CA PHE A 190 17.24 29.51 -9.45
C PHE A 190 17.72 28.36 -10.33
N ALA A 191 18.99 27.93 -10.16
CA ALA A 191 19.60 26.86 -11.01
C ALA A 191 19.06 25.46 -10.72
N GLU A 192 18.98 25.06 -9.44
CA GLU A 192 18.60 23.66 -9.09
C GLU A 192 17.08 23.56 -9.05
N MET A 193 16.45 23.34 -10.21
CA MET A 193 14.96 23.32 -10.29
C MET A 193 14.42 21.95 -9.91
N SER A 194 15.29 20.95 -9.72
CA SER A 194 14.85 19.58 -9.32
C SER A 194 14.22 19.63 -7.92
N LEU A 195 14.85 20.33 -6.98
CA LEU A 195 14.34 20.46 -5.59
C LEU A 195 13.04 21.26 -5.60
N ILE A 196 12.99 22.35 -6.38
CA ILE A 196 11.82 23.26 -6.43
C ILE A 196 10.61 22.56 -7.07
N GLU A 197 10.82 21.83 -8.17
CA GLU A 197 9.67 21.24 -8.91
C GLU A 197 8.99 20.15 -8.09
N GLY A 198 7.66 20.08 -8.14
CA GLY A 198 6.89 19.06 -7.40
C GLY A 198 6.42 19.58 -6.05
N ARG A 199 6.92 20.75 -5.63
CA ARG A 199 6.44 21.38 -4.36
C ARG A 199 5.07 22.02 -4.63
N ARG A 200 4.16 21.97 -3.66
CA ARG A 200 2.79 22.55 -3.81
C ARG A 200 2.88 24.08 -3.70
N GLY A 201 1.97 24.80 -4.36
CA GLY A 201 1.95 26.28 -4.29
C GLY A 201 3.27 26.90 -4.71
N LEU A 202 3.84 26.43 -5.83
CA LEU A 202 5.18 26.92 -6.28
C LEU A 202 5.05 28.32 -6.89
N ARG A 203 5.89 29.28 -6.46
CA ARG A 203 5.80 30.69 -6.95
C ARG A 203 7.15 31.17 -7.49
N ARG A 204 7.19 31.73 -8.70
CA ARG A 204 8.42 32.31 -9.29
C ARG A 204 8.36 33.82 -9.00
N ARG A 205 9.49 34.48 -8.72
CA ARG A 205 9.44 35.92 -8.29
C ARG A 205 10.44 36.79 -9.07
N PRO A 206 10.24 38.13 -9.13
CA PRO A 206 11.20 39.03 -9.78
C PRO A 206 12.56 39.04 -9.08
N LEU A 207 13.64 39.32 -9.83
CA LEU A 207 15.03 39.35 -9.28
C LEU A 207 15.21 40.49 -8.28
N TRP A 208 14.57 41.65 -8.50
CA TRP A 208 14.78 42.87 -7.66
C TRP A 208 14.36 42.65 -6.21
N GLU A 209 13.43 41.72 -5.95
CA GLU A 209 12.92 41.44 -4.57
C GLU A 209 14.05 40.88 -3.69
N PHE A 210 15.08 40.26 -4.27
CA PHE A 210 16.16 39.60 -3.50
C PHE A 210 17.38 40.52 -3.36
N GLU A 211 17.21 41.84 -3.49
CA GLU A 211 18.34 42.80 -3.26
C GLU A 211 18.64 42.87 -1.76
N ILE A 212 19.92 42.77 -1.38
CA ILE A 212 20.34 42.78 0.07
C ILE A 212 20.03 44.11 0.75
N ASP A 213 20.28 45.25 0.09
CA ASP A 213 20.13 46.57 0.76
C ASP A 213 18.68 46.80 1.18
N THR A 214 17.72 46.49 0.30
CA THR A 214 16.27 46.70 0.59
C THR A 214 15.90 45.83 1.78
N ALA A 215 16.41 44.59 1.81
CA ALA A 215 16.13 43.66 2.91
C ALA A 215 16.68 44.20 4.23
N ARG A 216 17.89 44.76 4.21
CA ARG A 216 18.50 45.21 5.50
C ARG A 216 17.60 46.28 6.08
N GLN A 217 17.15 47.24 5.26
CA GLN A 217 16.28 48.34 5.73
C GLN A 217 14.90 47.79 6.13
N GLN A 218 14.31 46.91 5.31
CA GLN A 218 12.93 46.43 5.58
C GLN A 218 12.87 45.66 6.89
N LEU A 219 13.84 44.77 7.14
CA LEU A 219 13.81 43.93 8.37
C LEU A 219 13.98 44.85 9.58
N ASN A 220 14.90 45.81 9.50
CA ASN A 220 15.14 46.75 10.63
C ASN A 220 13.85 47.55 10.89
N LEU A 221 13.18 47.99 9.82
CA LEU A 221 11.96 48.82 9.96
C LEU A 221 10.85 48.01 10.64
N GLN A 222 10.63 46.76 10.22
CA GLN A 222 9.52 45.95 10.78
C GLN A 222 9.78 45.69 12.26
N PHE A 223 11.02 45.32 12.61
CA PHE A 223 11.39 45.02 14.03
C PHE A 223 11.39 46.32 14.84
N GLY A 224 11.79 47.44 14.23
CA GLY A 224 11.91 48.72 14.96
C GLY A 224 13.30 48.83 15.58
N THR A 225 14.20 47.90 15.24
CA THR A 225 15.58 47.89 15.80
C THR A 225 16.53 48.45 14.74
N ARG A 226 17.43 49.36 15.14
CA ARG A 226 18.36 50.00 14.18
C ARG A 226 19.26 48.93 13.55
N ASP A 227 19.72 47.96 14.36
CA ASP A 227 20.68 46.93 13.86
C ASP A 227 20.09 45.52 14.01
N LEU A 228 20.24 44.68 13.00
CA LEU A 228 19.78 43.27 13.07
C LEU A 228 20.75 42.51 13.97
N VAL A 229 21.84 43.17 14.41
CA VAL A 229 22.84 42.55 15.32
C VAL A 229 22.10 42.13 16.59
N GLY A 230 20.98 42.76 16.90
CA GLY A 230 20.15 42.40 18.07
C GLY A 230 19.64 40.97 17.99
N PHE A 231 19.53 40.41 16.78
CA PHE A 231 19.08 39.01 16.58
C PHE A 231 20.20 38.14 15.99
N GLY A 232 21.41 38.68 15.86
CA GLY A 232 22.56 37.92 15.31
C GLY A 232 22.30 37.37 13.92
N VAL A 233 21.67 38.16 13.03
CA VAL A 233 21.40 37.72 11.62
C VAL A 233 22.19 38.60 10.63
N GLU A 234 22.87 39.63 11.11
CA GLU A 234 23.61 40.58 10.24
C GLU A 234 24.70 39.86 9.45
N ASN A 235 25.31 38.82 10.03
CA ASN A 235 26.47 38.12 9.40
C ASN A 235 26.02 37.09 8.36
N ALA A 236 24.71 36.98 8.09
CA ALA A 236 24.18 36.00 7.10
C ALA A 236 23.30 36.71 6.06
N PRO A 237 23.88 37.48 5.11
CA PRO A 237 23.09 38.25 4.14
C PRO A 237 22.22 37.44 3.17
N ARG A 238 22.69 36.28 2.70
CA ARG A 238 21.94 35.50 1.68
C ARG A 238 20.55 35.16 2.23
N GLY A 239 20.48 34.72 3.48
CA GLY A 239 19.19 34.41 4.13
C GLY A 239 18.34 35.65 4.28
N LEU A 240 18.95 36.78 4.63
CA LEU A 240 18.21 38.05 4.86
C LEU A 240 17.49 38.45 3.58
N CYS A 241 18.10 38.20 2.41
CA CYS A 241 17.49 38.61 1.12
C CYS A 241 16.15 37.87 0.98
N ALA A 242 16.14 36.57 1.27
CA ALA A 242 14.89 35.77 1.21
C ALA A 242 13.91 36.30 2.26
N ALA A 243 14.44 36.65 3.44
CA ALA A 243 13.56 37.14 4.54
C ALA A 243 12.85 38.40 4.06
N GLY A 244 13.60 39.31 3.42
CA GLY A 244 12.98 40.59 3.01
C GLY A 244 11.86 40.33 2.03
N CYS A 245 12.10 39.44 1.06
CA CYS A 245 11.07 39.12 0.04
C CYS A 245 9.88 38.49 0.76
N LEU A 246 10.15 37.59 1.71
CA LEU A 246 9.06 36.90 2.44
C LEU A 246 8.28 37.93 3.24
N LEU A 247 8.99 38.86 3.90
CA LEU A 247 8.34 39.91 4.72
C LEU A 247 7.50 40.80 3.81
N GLN A 248 8.05 41.16 2.64
CA GLN A 248 7.32 41.99 1.66
C GLN A 248 6.12 41.22 1.11
N TYR A 249 6.33 39.93 0.83
CA TYR A 249 5.25 39.07 0.28
C TYR A 249 4.16 38.97 1.33
N ALA A 250 4.53 38.76 2.59
CA ALA A 250 3.56 38.64 3.70
C ALA A 250 2.84 39.98 3.84
N LYS A 251 3.60 41.08 3.78
CA LYS A 251 3.00 42.42 3.93
C LYS A 251 2.03 42.65 2.77
N ASP A 252 2.45 42.27 1.56
CA ASP A 252 1.60 42.44 0.34
C ASP A 252 0.36 41.54 0.47
N THR A 253 0.53 40.30 0.91
CA THR A 253 -0.57 39.31 1.00
C THR A 253 -1.57 39.72 2.08
N GLN A 254 -1.09 40.40 3.13
CA GLN A 254 -1.99 40.77 4.26
C GLN A 254 -2.48 42.22 4.12
N ARG A 255 -1.74 43.06 3.39
CA ARG A 255 -2.13 44.48 3.14
C ARG A 255 -2.16 45.25 4.46
N THR A 256 -1.51 44.73 5.51
CA THR A 256 -1.53 45.34 6.87
C THR A 256 -0.17 45.16 7.54
N THR A 257 0.10 45.89 8.63
CA THR A 257 1.36 45.74 9.40
C THR A 257 1.33 44.41 10.14
N LEU A 258 2.48 43.84 10.49
CA LEU A 258 2.54 42.49 11.14
C LEU A 258 3.27 42.64 12.47
N PRO A 259 2.64 43.28 13.49
CA PRO A 259 3.27 43.54 14.80
C PRO A 259 3.62 42.25 15.56
N HIS A 260 2.84 41.20 15.38
CA HIS A 260 3.07 39.88 16.03
C HIS A 260 4.42 39.30 15.58
N ILE A 261 4.83 39.57 14.34
CA ILE A 261 6.16 39.11 13.82
C ILE A 261 7.16 40.11 14.40
N ARG A 262 7.53 39.93 15.68
CA ARG A 262 8.38 40.92 16.38
C ARG A 262 9.85 40.49 16.49
N SER A 263 10.25 39.36 15.88
CA SER A 263 11.65 38.89 16.07
C SER A 263 12.10 37.99 14.91
N ILE A 264 13.42 37.83 14.72
CA ILE A 264 13.98 36.88 13.71
C ILE A 264 14.99 36.01 14.46
N THR A 265 15.04 34.72 14.12
CA THR A 265 16.01 33.81 14.79
C THR A 265 16.78 33.04 13.73
N MET A 266 18.07 32.79 13.98
CA MET A 266 18.88 31.99 13.03
C MET A 266 18.92 30.55 13.55
N GLU A 267 18.37 29.60 12.78
CA GLU A 267 18.34 28.19 13.22
C GLU A 267 19.75 27.66 12.91
N ARG A 268 20.56 27.46 13.94
CA ARG A 268 21.97 27.04 13.74
C ARG A 268 22.04 25.52 13.63
N GLU A 269 22.76 25.01 12.63
CA GLU A 269 22.95 23.54 12.46
C GLU A 269 23.68 23.03 13.70
N GLN A 270 24.60 23.84 14.24
CA GLN A 270 25.40 23.48 15.45
C GLN A 270 24.50 23.29 16.67
N ASP A 271 23.37 24.01 16.76
CA ASP A 271 22.52 23.98 17.98
C ASP A 271 21.40 22.94 17.91
N SER A 272 21.37 22.07 16.88
CA SER A 272 20.27 21.08 16.73
C SER A 272 20.78 19.76 16.15
N ILE A 273 20.02 18.66 16.33
CA ILE A 273 20.40 17.37 15.69
C ILE A 273 19.97 17.44 14.23
N ILE A 274 20.91 17.21 13.31
CA ILE A 274 20.59 17.35 11.86
C ILE A 274 20.14 15.96 11.38
N MET A 275 18.83 15.78 11.22
CA MET A 275 18.29 14.50 10.71
C MET A 275 18.06 14.64 9.20
N ASP A 276 18.60 13.71 8.42
CA ASP A 276 18.39 13.75 6.95
C ASP A 276 16.92 13.46 6.68
N ALA A 277 16.41 13.92 5.54
CA ALA A 277 14.98 13.75 5.21
C ALA A 277 14.65 12.26 5.19
N ALA A 278 15.54 11.42 4.67
CA ALA A 278 15.30 9.96 4.56
C ALA A 278 15.14 9.33 5.96
N THR A 279 15.98 9.70 6.92
CA THR A 279 15.92 9.11 8.28
C THR A 279 14.54 9.42 8.86
N ARG A 280 14.04 10.63 8.61
CA ARG A 280 12.75 11.08 9.18
C ARG A 280 11.63 10.14 8.74
N ARG A 281 11.62 9.76 7.46
CA ARG A 281 10.51 8.89 6.94
C ARG A 281 10.59 7.52 7.63
N ASN A 282 11.79 6.96 7.79
CA ASN A 282 11.96 5.61 8.40
C ASN A 282 11.57 5.60 9.89
N LEU A 283 11.91 6.65 10.62
CA LEU A 283 11.60 6.73 12.08
C LEU A 283 10.08 6.79 12.26
N GLU A 284 9.34 7.24 11.23
CA GLU A 284 7.87 7.41 11.35
C GLU A 284 7.63 8.33 12.54
N ILE A 285 8.31 9.48 12.58
CA ILE A 285 8.19 10.41 13.73
C ILE A 285 6.74 10.89 13.86
N THR A 286 6.13 11.39 12.77
CA THR A 286 4.69 11.81 12.78
C THR A 286 3.90 11.13 11.66
N GLN A 287 4.55 10.80 10.54
CA GLN A 287 3.84 10.18 9.38
C GLN A 287 4.57 8.89 9.01
N ASN A 288 3.83 7.79 8.85
CA ASN A 288 4.43 6.47 8.55
C ASN A 288 4.89 6.40 7.09
N LEU A 289 5.62 5.35 6.71
CA LEU A 289 6.03 5.15 5.31
C LEU A 289 4.74 5.05 4.48
N ALA A 290 3.70 4.42 5.03
CA ALA A 290 2.38 4.26 4.37
C ALA A 290 1.67 5.62 4.21
N GLY A 291 2.09 6.63 4.97
CA GLY A 291 1.45 7.96 4.93
C GLY A 291 0.37 8.11 5.98
N GLY A 292 0.15 7.07 6.80
CA GLY A 292 -0.84 7.12 7.89
C GLY A 292 -0.36 7.87 9.12
N ALA A 293 -1.27 8.20 10.05
CA ALA A 293 -0.92 8.86 11.33
C ALA A 293 -0.96 7.81 12.45
N GLU A 294 -0.84 6.52 12.09
CA GLU A 294 -0.94 5.40 13.06
C GLU A 294 0.45 4.73 13.18
N ASN A 295 0.73 4.08 14.32
CA ASN A 295 2.02 3.39 14.59
C ASN A 295 3.14 4.42 14.51
N THR A 296 2.86 5.68 14.87
CA THR A 296 3.87 6.76 14.81
C THR A 296 4.51 6.96 16.19
N LEU A 297 5.72 7.51 16.26
CA LEU A 297 6.36 7.83 17.57
C LEU A 297 5.47 8.87 18.24
N ALA A 298 4.94 9.81 17.45
CA ALA A 298 4.12 10.91 18.01
C ALA A 298 2.87 10.35 18.69
N SER A 299 2.14 9.43 18.06
CA SER A 299 0.86 8.96 18.65
C SER A 299 1.16 8.29 20.00
N VAL A 300 2.23 7.50 20.08
CA VAL A 300 2.62 6.82 21.35
C VAL A 300 3.01 7.88 22.38
N LEU A 301 3.76 8.91 21.97
CA LEU A 301 4.26 9.94 22.92
C LEU A 301 3.22 11.06 23.10
N ASP A 302 2.13 11.08 22.33
CA ASP A 302 1.19 12.23 22.39
C ASP A 302 -0.17 11.85 22.96
N CYS A 303 -0.52 12.38 24.13
CA CYS A 303 -1.88 12.25 24.73
C CYS A 303 -2.18 13.67 25.22
N THR A 304 -1.63 14.68 24.54
CA THR A 304 -1.71 16.09 24.98
C THR A 304 -3.13 16.64 24.90
N VAL A 305 -3.50 17.47 25.87
CA VAL A 305 -4.87 18.07 25.93
C VAL A 305 -5.11 19.12 24.83
N THR A 306 -4.10 19.95 24.48
CA THR A 306 -4.33 21.08 23.52
C THR A 306 -3.53 20.91 22.21
N PRO A 307 -4.05 21.33 21.04
CA PRO A 307 -3.33 21.21 19.77
C PRO A 307 -2.00 22.00 19.80
N MET A 308 -1.96 23.15 20.47
CA MET A 308 -0.74 23.98 20.51
C MET A 308 0.40 23.12 21.08
N GLY A 309 0.10 22.36 22.13
CA GLY A 309 1.10 21.48 22.74
C GLY A 309 1.55 20.41 21.79
N SER A 310 0.63 19.85 20.99
CA SER A 310 0.98 18.80 20.01
C SER A 310 1.92 19.37 18.96
N ARG A 311 1.62 20.57 18.48
CA ARG A 311 2.46 21.19 17.43
C ARG A 311 3.83 21.45 18.02
N MET A 312 3.89 21.99 19.25
CA MET A 312 5.19 22.29 19.89
C MET A 312 5.92 20.97 20.06
N LEU A 313 5.20 19.91 20.42
CA LEU A 313 5.82 18.58 20.58
C LEU A 313 6.34 18.12 19.22
N LYS A 314 5.54 18.28 18.16
CA LYS A 314 5.94 17.85 16.80
C LYS A 314 7.16 18.68 16.36
N ARG A 315 7.17 19.97 16.66
CA ARG A 315 8.33 20.84 16.33
C ARG A 315 9.53 20.36 17.14
N TRP A 316 9.32 20.03 18.41
CA TRP A 316 10.42 19.56 19.29
C TRP A 316 10.98 18.27 18.70
N LEU A 317 10.11 17.37 18.25
CA LEU A 317 10.55 16.07 17.67
C LEU A 317 11.36 16.35 16.40
N HIS A 318 10.88 17.23 15.53
CA HIS A 318 11.58 17.54 14.25
C HIS A 318 12.87 18.33 14.53
N MET A 319 12.91 19.09 15.63
CA MET A 319 14.09 19.93 15.97
C MET A 319 14.59 19.53 17.35
N PRO A 320 15.25 18.36 17.53
CA PRO A 320 15.81 18.01 18.83
C PRO A 320 16.91 19.03 19.17
N VAL A 321 16.87 19.59 20.38
CA VAL A 321 17.86 20.62 20.82
C VAL A 321 19.11 19.89 21.33
N ARG A 322 20.31 20.49 21.19
CA ARG A 322 21.57 19.85 21.65
C ARG A 322 22.07 20.45 22.98
N ASP A 323 21.63 21.65 23.37
CA ASP A 323 22.18 22.31 24.59
C ASP A 323 21.73 21.55 25.84
N THR A 324 22.65 21.21 26.73
CA THR A 324 22.35 20.43 27.96
C THR A 324 21.48 21.24 28.92
N ARG A 325 21.72 22.54 29.05
CA ARG A 325 21.01 23.38 30.05
C ARG A 325 19.51 23.34 29.79
N VAL A 326 19.08 23.43 28.52
CA VAL A 326 17.63 23.44 28.19
C VAL A 326 17.02 22.10 28.59
N LEU A 327 17.76 21.01 28.37
CA LEU A 327 17.26 19.64 28.71
C LEU A 327 17.16 19.45 30.22
N LEU A 328 18.18 19.89 30.97
CA LEU A 328 18.18 19.70 32.45
C LEU A 328 17.02 20.51 33.02
N GLU A 329 16.76 21.68 32.43
CA GLU A 329 15.66 22.55 32.91
C GLU A 329 14.32 21.82 32.70
N ARG A 330 14.13 21.21 31.53
CA ARG A 330 12.85 20.53 31.20
C ARG A 330 12.64 19.29 32.08
N GLN A 331 13.68 18.48 32.30
CA GLN A 331 13.51 17.21 33.05
C GLN A 331 13.10 17.50 34.48
N GLN A 332 13.76 18.49 35.11
CA GLN A 332 13.49 18.80 36.54
C GLN A 332 12.02 19.23 36.63
N THR A 333 11.59 20.03 35.65
CA THR A 333 10.19 20.53 35.65
C THR A 333 9.23 19.35 35.50
N ILE A 334 9.51 18.43 34.58
CA ILE A 334 8.58 17.27 34.31
C ILE A 334 8.48 16.41 35.57
N GLY A 335 9.62 16.18 36.25
CA GLY A 335 9.64 15.35 37.46
C GLY A 335 8.82 15.98 38.57
N ALA A 336 8.94 17.30 38.75
CA ALA A 336 8.16 18.05 39.75
C ALA A 336 6.67 18.03 39.41
N LEU A 337 6.33 18.18 38.12
CA LEU A 337 4.91 18.22 37.67
C LEU A 337 4.25 16.83 37.77
N GLN A 338 5.04 15.75 37.84
CA GLN A 338 4.48 14.37 37.78
C GLN A 338 3.41 14.17 38.86
N ASP A 339 3.64 14.69 40.07
CA ASP A 339 2.69 14.51 41.21
C ASP A 339 1.35 15.18 40.92
N PHE A 340 1.37 16.37 40.30
CA PHE A 340 0.14 17.18 40.09
C PHE A 340 -0.42 16.99 38.68
N THR A 341 0.11 16.04 37.89
CA THR A 341 -0.31 15.90 36.47
C THR A 341 -1.82 15.67 36.39
N ALA A 342 -2.37 14.86 37.28
CA ALA A 342 -3.82 14.54 37.23
C ALA A 342 -4.62 15.83 37.41
N GLY A 343 -4.22 16.70 38.34
CA GLY A 343 -4.89 17.99 38.55
C GLY A 343 -4.65 18.95 37.40
N LEU A 344 -3.43 18.99 36.85
CA LEU A 344 -3.06 19.95 35.79
C LEU A 344 -3.76 19.67 34.45
N GLN A 345 -3.91 18.40 34.04
CA GLN A 345 -4.42 18.10 32.68
C GLN A 345 -5.83 18.66 32.41
N PRO A 346 -6.86 18.53 33.28
CA PRO A 346 -8.18 19.06 32.94
C PRO A 346 -8.21 20.58 32.78
N VAL A 347 -7.51 21.32 33.66
CA VAL A 347 -7.50 22.81 33.62
C VAL A 347 -6.84 23.29 32.32
N LEU A 348 -5.75 22.64 31.89
CA LEU A 348 -4.99 23.05 30.67
C LEU A 348 -5.83 22.79 29.40
N ARG A 349 -6.75 21.83 29.46
CA ARG A 349 -7.62 21.47 28.31
C ARG A 349 -8.51 22.66 27.95
N GLN A 350 -8.97 23.41 28.95
CA GLN A 350 -9.94 24.52 28.72
C GLN A 350 -9.22 25.79 28.25
N VAL A 351 -7.88 25.78 28.18
CA VAL A 351 -7.07 26.95 27.72
C VAL A 351 -7.42 27.29 26.26
N GLY A 352 -7.52 26.29 25.38
CA GLY A 352 -7.87 26.51 23.97
C GLY A 352 -6.66 26.84 23.10
N ASP A 353 -6.87 27.17 21.81
CA ASP A 353 -5.76 27.43 20.86
C ASP A 353 -5.31 28.89 20.99
N LEU A 354 -4.64 29.26 22.09
CA LEU A 354 -4.26 30.68 22.34
C LEU A 354 -3.30 31.21 21.26
N GLU A 355 -2.32 30.41 20.80
CA GLU A 355 -1.27 30.93 19.86
C GLU A 355 -1.88 31.41 18.54
N ARG A 356 -2.74 30.61 17.93
CA ARG A 356 -3.43 31.02 16.68
C ARG A 356 -4.45 32.13 16.97
N ILE A 357 -5.10 32.07 18.13
CA ILE A 357 -6.12 33.11 18.51
C ILE A 357 -5.41 34.47 18.58
N LEU A 358 -4.21 34.52 19.17
CA LEU A 358 -3.43 35.79 19.32
C LEU A 358 -3.00 36.34 17.96
N ALA A 359 -2.58 35.45 17.05
CA ALA A 359 -2.17 35.88 15.69
C ALA A 359 -3.38 36.45 14.95
N ARG A 360 -4.54 35.80 15.08
CA ARG A 360 -5.78 36.31 14.42
C ARG A 360 -6.12 37.67 15.04
N LEU A 361 -5.95 37.81 16.36
CA LEU A 361 -6.19 39.10 17.04
C LEU A 361 -5.18 40.13 16.52
N ALA A 362 -3.91 39.72 16.31
CA ALA A 362 -2.86 40.64 15.81
C ALA A 362 -3.22 41.14 14.42
N LEU A 363 -3.73 40.24 13.58
CA LEU A 363 -4.10 40.59 12.18
C LEU A 363 -5.47 41.27 12.18
N ARG A 364 -6.14 41.34 13.34
CA ARG A 364 -7.49 41.98 13.46
C ARG A 364 -8.48 41.10 12.70
N THR A 365 -8.17 39.81 12.58
CA THR A 365 -9.07 38.84 11.90
C THR A 365 -9.62 37.84 12.92
N ALA A 366 -9.46 38.11 14.22
CA ALA A 366 -9.99 37.22 15.28
C ALA A 366 -11.52 37.30 15.31
N ARG A 367 -12.20 36.24 15.74
CA ARG A 367 -13.70 36.19 15.79
C ARG A 367 -14.15 36.08 17.26
N PRO A 368 -15.41 36.42 17.63
CA PRO A 368 -15.84 36.44 19.03
C PRO A 368 -15.70 35.08 19.73
N ARG A 369 -15.90 33.98 19.00
CA ARG A 369 -15.73 32.62 19.58
C ARG A 369 -14.27 32.49 20.04
N ASP A 370 -13.32 33.02 19.26
CA ASP A 370 -11.88 33.00 19.64
C ASP A 370 -11.71 33.84 20.92
N LEU A 371 -12.41 34.97 21.01
CA LEU A 371 -12.34 35.86 22.21
C LEU A 371 -12.92 35.14 23.45
N ALA A 372 -13.96 34.33 23.27
CA ALA A 372 -14.53 33.54 24.39
C ALA A 372 -13.46 32.58 24.91
N ARG A 373 -12.71 31.93 24.02
CA ARG A 373 -11.62 31.01 24.42
C ARG A 373 -10.50 31.80 25.12
N MET A 374 -10.23 33.03 24.66
CA MET A 374 -9.17 33.88 25.27
C MET A 374 -9.54 34.22 26.72
N ARG A 375 -10.78 34.65 26.97
CA ARG A 375 -11.25 35.00 28.34
C ARG A 375 -11.30 33.72 29.17
N HIS A 376 -11.71 32.62 28.54
CA HIS A 376 -11.81 31.31 29.25
C HIS A 376 -10.41 30.91 29.71
N ALA A 377 -9.40 31.09 28.85
CA ALA A 377 -7.99 30.78 29.20
C ALA A 377 -7.55 31.67 30.35
N PHE A 378 -7.99 32.94 30.33
CA PHE A 378 -7.65 33.92 31.40
C PHE A 378 -8.24 33.44 32.72
N GLN A 379 -9.45 32.86 32.69
CA GLN A 379 -10.11 32.30 33.91
C GLN A 379 -9.30 31.11 34.45
N GLN A 380 -8.74 30.27 33.56
CA GLN A 380 -7.95 29.07 33.96
C GLN A 380 -6.58 29.45 34.56
N LEU A 381 -6.02 30.61 34.22
CA LEU A 381 -4.65 30.98 34.67
C LEU A 381 -4.54 31.08 36.19
N PRO A 382 -5.45 31.72 36.97
CA PRO A 382 -5.25 31.81 38.41
C PRO A 382 -5.18 30.45 39.11
N GLU A 383 -6.04 29.50 38.72
CA GLU A 383 -6.02 28.13 39.31
C GLU A 383 -4.68 27.48 38.96
N LEU A 384 -4.21 27.69 37.73
CA LEU A 384 -2.89 27.12 37.32
C LEU A 384 -1.83 27.72 38.23
N ARG A 385 -1.87 29.03 38.45
CA ARG A 385 -0.88 29.73 39.29
C ARG A 385 -0.95 29.18 40.71
N ALA A 386 -2.15 28.89 41.21
CA ALA A 386 -2.32 28.32 42.56
C ALA A 386 -1.68 26.94 42.65
N GLN A 387 -1.95 26.06 41.66
CA GLN A 387 -1.38 24.68 41.66
C GLN A 387 0.13 24.76 41.46
N LEU A 388 0.60 25.66 40.58
CA LEU A 388 2.04 25.79 40.26
C LEU A 388 2.81 26.37 41.45
N GLU A 389 2.15 27.18 42.29
CA GLU A 389 2.82 27.83 43.44
C GLU A 389 3.32 26.76 44.42
N THR A 390 2.50 25.73 44.68
CA THR A 390 2.88 24.63 45.61
C THR A 390 4.07 23.85 45.03
N VAL A 391 4.11 23.69 43.70
CA VAL A 391 5.22 22.94 43.03
C VAL A 391 6.51 23.71 43.33
N ASP A 392 7.56 22.99 43.76
CA ASP A 392 8.82 23.68 44.13
C ASP A 392 9.87 23.40 43.06
N SER A 393 9.97 24.25 42.05
CA SER A 393 11.02 24.12 41.00
C SER A 393 11.27 25.52 40.43
N ALA A 394 12.53 25.88 40.15
CA ALA A 394 12.87 27.23 39.65
C ALA A 394 12.25 27.46 38.26
N PRO A 395 12.32 26.54 37.28
CA PRO A 395 11.66 26.75 35.99
C PRO A 395 10.13 26.83 36.10
N VAL A 396 9.51 26.02 36.98
CA VAL A 396 8.03 26.01 37.13
C VAL A 396 7.57 27.38 37.61
N GLN A 397 8.29 27.98 38.57
CA GLN A 397 7.95 29.35 39.08
C GLN A 397 8.21 30.36 37.96
N ALA A 398 9.27 30.16 37.17
CA ALA A 398 9.58 31.05 36.03
C ALA A 398 8.46 30.96 35.00
N LEU A 399 7.98 29.75 34.72
CA LEU A 399 6.84 29.55 33.77
C LEU A 399 5.60 30.21 34.38
N ARG A 400 5.44 30.10 35.70
CA ARG A 400 4.27 30.69 36.39
C ARG A 400 4.28 32.20 36.21
N GLU A 401 5.44 32.84 36.32
CA GLU A 401 5.58 34.31 36.11
C GLU A 401 5.32 34.67 34.65
N LYS A 402 5.80 33.84 33.72
CA LYS A 402 5.70 34.13 32.26
C LYS A 402 4.22 34.18 31.82
N MET A 403 3.36 33.38 32.43
CA MET A 403 1.92 33.34 32.04
C MET A 403 1.28 34.71 32.28
N GLY A 404 1.60 35.36 33.39
CA GLY A 404 1.02 36.67 33.72
C GLY A 404 -0.38 36.51 34.29
N GLU A 405 -1.05 37.61 34.63
CA GLU A 405 -2.40 37.55 35.25
C GLU A 405 -3.45 38.01 34.24
N PHE A 406 -3.32 39.24 33.72
CA PHE A 406 -4.25 39.80 32.70
C PHE A 406 -5.68 39.75 33.25
N ALA A 407 -5.84 39.88 34.57
CA ALA A 407 -7.17 39.84 35.21
C ALA A 407 -8.00 41.05 34.79
N GLU A 408 -7.35 42.21 34.66
CA GLU A 408 -8.04 43.47 34.24
C GLU A 408 -8.57 43.27 32.83
N LEU A 409 -7.77 42.64 31.96
CA LEU A 409 -8.17 42.37 30.55
C LEU A 409 -9.34 41.38 30.56
N ARG A 410 -9.30 40.37 31.44
CA ARG A 410 -10.40 39.38 31.53
C ARG A 410 -11.67 40.13 31.97
N ASP A 411 -11.53 41.04 32.93
CA ASP A 411 -12.70 41.82 33.43
C ASP A 411 -13.22 42.64 32.26
N LEU A 412 -12.31 43.25 31.49
CA LEU A 412 -12.70 44.07 30.32
C LEU A 412 -13.44 43.17 29.32
N LEU A 413 -12.92 41.97 29.07
CA LEU A 413 -13.53 41.03 28.09
C LEU A 413 -14.90 40.59 28.58
N GLU A 414 -15.03 40.29 29.88
CA GLU A 414 -16.32 39.86 30.46
C GLU A 414 -17.31 41.02 30.32
N ARG A 415 -16.83 42.26 30.57
CA ARG A 415 -17.67 43.47 30.43
C ARG A 415 -17.99 43.73 28.96
N ALA A 416 -17.06 43.45 28.05
CA ALA A 416 -17.24 43.80 26.60
C ALA A 416 -17.72 42.63 25.73
N ILE A 417 -17.94 41.43 26.29
CA ILE A 417 -18.45 40.26 25.51
C ILE A 417 -19.37 39.43 26.40
N ILE A 418 -20.44 38.84 25.82
CA ILE A 418 -21.37 37.96 26.59
C ILE A 418 -20.68 36.62 26.83
N ASP A 419 -21.18 35.81 27.78
CA ASP A 419 -20.46 34.55 28.15
C ASP A 419 -20.33 33.59 26.96
N THR A 420 -21.40 33.41 26.17
CA THR A 420 -21.36 32.53 24.97
C THR A 420 -21.63 33.38 23.72
N PRO A 421 -20.60 33.87 22.99
CA PRO A 421 -20.82 34.76 21.84
C PRO A 421 -21.14 34.03 20.54
N PRO A 422 -21.84 34.67 19.57
CA PRO A 422 -22.07 34.05 18.26
C PRO A 422 -20.79 34.10 17.42
N VAL A 423 -20.70 33.26 16.38
CA VAL A 423 -19.48 33.19 15.52
C VAL A 423 -19.25 34.52 14.80
N LEU A 424 -20.31 35.17 14.32
CA LEU A 424 -20.15 36.39 13.48
C LEU A 424 -20.53 37.66 14.23
N VAL A 425 -19.80 38.76 14.02
CA VAL A 425 -20.12 40.09 14.64
C VAL A 425 -21.06 40.81 13.66
N ARG A 426 -21.33 40.19 12.50
CA ARG A 426 -22.21 40.79 11.46
C ARG A 426 -23.62 41.00 12.01
N ASP A 427 -24.11 40.07 12.84
CA ASP A 427 -25.48 40.17 13.40
C ASP A 427 -25.43 40.72 14.84
N GLY A 428 -24.24 40.96 15.39
CA GLY A 428 -24.10 41.56 16.75
C GLY A 428 -24.48 40.63 17.86
N GLY A 429 -24.96 41.17 18.99
CA GLY A 429 -25.30 40.35 20.18
C GLY A 429 -24.05 39.77 20.79
N VAL A 430 -22.88 40.40 20.55
CA VAL A 430 -21.58 39.91 21.07
C VAL A 430 -21.22 40.66 22.35
N ILE A 431 -21.30 42.00 22.32
CA ILE A 431 -20.86 42.83 23.47
C ILE A 431 -21.82 42.61 24.64
N ALA A 432 -21.29 42.48 25.87
CA ALA A 432 -22.16 42.37 27.06
C ALA A 432 -22.85 43.73 27.28
N SER A 433 -24.12 43.75 27.69
CA SER A 433 -24.89 45.02 27.81
C SER A 433 -24.30 45.96 28.85
N GLY A 434 -24.32 47.27 28.60
CA GLY A 434 -23.85 48.27 29.58
C GLY A 434 -22.37 48.57 29.49
N TYR A 435 -21.64 47.86 28.61
CA TYR A 435 -20.20 48.18 28.40
C TYR A 435 -20.15 49.59 27.83
N ASN A 436 -21.04 49.88 26.88
CA ASN A 436 -21.15 51.24 26.30
C ASN A 436 -22.59 51.66 26.61
N GLU A 437 -22.77 52.78 27.32
CA GLU A 437 -24.12 53.27 27.68
C GLU A 437 -24.87 53.59 26.38
N GLU A 438 -24.16 54.10 25.38
CA GLU A 438 -24.75 54.42 24.05
C GLU A 438 -25.21 53.12 23.38
N LEU A 439 -24.45 52.02 23.52
CA LEU A 439 -24.84 50.74 22.87
C LEU A 439 -26.19 50.31 23.42
N ASP A 440 -26.34 50.35 24.75
CA ASP A 440 -27.61 49.95 25.43
C ASP A 440 -28.72 50.91 25.03
N GLU A 441 -28.39 52.20 24.83
CA GLU A 441 -29.41 53.21 24.40
C GLU A 441 -29.93 52.81 23.01
N TRP A 442 -29.05 52.43 22.09
CA TRP A 442 -29.47 51.98 20.73
C TRP A 442 -30.20 50.63 20.80
N ARG A 443 -29.76 49.73 21.67
CA ARG A 443 -30.43 48.41 21.87
C ARG A 443 -31.84 48.63 22.44
N ALA A 444 -32.01 49.64 23.30
CA ALA A 444 -33.32 49.93 23.93
C ALA A 444 -34.35 50.31 22.87
N LEU A 445 -33.94 51.08 21.85
CA LEU A 445 -34.87 51.43 20.74
C LEU A 445 -35.25 50.15 19.98
N ALA A 446 -34.28 49.25 19.78
CA ALA A 446 -34.53 47.96 19.07
C ALA A 446 -35.52 47.11 19.86
N ASP A 447 -35.37 47.07 21.19
CA ASP A 447 -36.25 46.26 22.06
C ASP A 447 -37.59 46.98 22.27
N GLY A 448 -37.65 48.29 21.97
CA GLY A 448 -38.88 49.07 22.18
C GLY A 448 -40.01 48.53 21.33
N ALA A 449 -39.72 48.16 20.07
CA ALA A 449 -40.73 47.56 19.17
C ALA A 449 -41.17 46.20 19.70
N THR A 450 -40.23 45.41 20.24
CA THR A 450 -40.53 44.06 20.77
C THR A 450 -41.00 44.18 22.22
N VAL A 519 -36.66 52.36 13.18
CA VAL A 519 -35.84 51.65 14.20
C VAL A 519 -34.70 50.93 13.46
N LEU A 520 -34.80 50.84 12.13
CA LEU A 520 -33.71 50.22 11.31
C LEU A 520 -32.46 51.08 11.39
N THR A 521 -32.62 52.41 11.42
CA THR A 521 -31.47 53.34 11.56
C THR A 521 -30.81 53.12 12.91
N SER A 522 -31.59 53.01 13.99
CA SER A 522 -31.04 52.75 15.35
C SER A 522 -30.41 51.36 15.39
N LYS A 523 -31.01 50.39 14.69
CA LYS A 523 -30.42 49.02 14.63
C LYS A 523 -29.07 49.10 13.93
N GLY A 524 -29.00 49.86 12.82
CA GLY A 524 -27.73 50.06 12.10
C GLY A 524 -26.74 50.82 12.96
N LYS A 525 -27.23 51.82 13.69
CA LYS A 525 -26.35 52.61 14.61
C LYS A 525 -25.81 51.66 15.67
N ALA A 526 -26.67 50.77 16.20
CA ALA A 526 -26.22 49.81 17.22
C ALA A 526 -25.18 48.87 16.64
N LEU A 527 -25.43 48.35 15.42
CA LEU A 527 -24.50 47.35 14.80
C LEU A 527 -23.17 48.02 14.47
N ALA A 528 -23.21 49.22 13.90
CA ALA A 528 -21.98 49.95 13.52
C ALA A 528 -21.20 50.29 14.80
N LEU A 529 -21.90 50.67 15.87
CA LEU A 529 -21.24 50.97 17.16
C LEU A 529 -20.61 49.66 17.67
N GLU A 530 -21.32 48.54 17.51
CA GLU A 530 -20.81 47.23 17.99
C GLU A 530 -19.52 46.91 17.23
N LYS A 531 -19.50 47.15 15.91
CA LYS A 531 -18.29 46.90 15.09
C LYS A 531 -17.18 47.86 15.52
N GLN A 532 -17.52 49.14 15.75
CA GLN A 532 -16.53 50.17 16.16
C GLN A 532 -15.92 49.80 17.51
N LEU A 533 -16.75 49.34 18.45
CA LEU A 533 -16.26 48.89 19.79
C LEU A 533 -15.44 47.61 19.58
N TYR A 534 -15.87 46.75 18.66
CA TYR A 534 -15.14 45.48 18.39
C TYR A 534 -13.72 45.81 17.90
N GLU A 535 -13.58 46.88 17.10
CA GLU A 535 -12.22 47.33 16.68
C GLU A 535 -11.48 47.83 17.93
N GLU A 536 -12.18 48.55 18.82
CA GLU A 536 -11.57 49.11 20.05
C GLU A 536 -11.06 47.97 20.95
N LEU A 537 -11.76 46.83 20.95
CA LEU A 537 -11.33 45.67 21.79
C LEU A 537 -9.93 45.28 21.35
N PHE A 538 -9.68 45.24 20.04
CA PHE A 538 -8.31 44.92 19.53
C PHE A 538 -7.36 45.99 20.04
N ASP A 539 -7.76 47.27 19.95
CA ASP A 539 -6.89 48.41 20.34
C ASP A 539 -6.57 48.33 21.83
N LEU A 540 -7.52 47.89 22.64
CA LEU A 540 -7.30 47.77 24.12
C LEU A 540 -6.26 46.67 24.39
N LEU A 541 -6.29 45.58 23.62
CA LEU A 541 -5.37 44.43 23.87
C LEU A 541 -4.09 44.53 23.03
N LEU A 542 -3.99 45.51 22.11
CA LEU A 542 -2.81 45.62 21.21
C LEU A 542 -1.51 45.86 22.00
N PRO A 543 -1.44 46.70 23.05
CA PRO A 543 -0.17 46.95 23.75
C PRO A 543 0.36 45.69 24.43
N HIS A 544 -0.53 44.84 24.96
CA HIS A 544 -0.10 43.64 25.74
C HIS A 544 0.16 42.45 24.83
N LEU A 545 0.07 42.63 23.50
CA LEU A 545 0.18 41.48 22.58
C LEU A 545 1.51 40.74 22.80
N GLU A 546 2.60 41.47 23.04
CA GLU A 546 3.92 40.83 23.28
C GLU A 546 3.83 39.94 24.52
N ALA A 547 3.20 40.44 25.59
CA ALA A 547 3.04 39.68 26.85
C ALA A 547 2.14 38.48 26.63
N LEU A 548 1.06 38.66 25.85
CA LEU A 548 0.10 37.56 25.57
C LEU A 548 0.83 36.48 24.79
N GLN A 549 1.67 36.87 23.84
CA GLN A 549 2.44 35.90 23.02
C GLN A 549 3.39 35.15 23.93
N GLN A 550 4.01 35.84 24.90
CA GLN A 550 4.89 35.18 25.89
C GLN A 550 4.06 34.20 26.73
N SER A 551 2.83 34.58 27.07
CA SER A 551 1.93 33.69 27.87
C SER A 551 1.62 32.40 27.10
N ALA A 552 1.27 32.50 25.82
CA ALA A 552 0.92 31.31 24.99
C ALA A 552 2.15 30.43 24.85
N SER A 553 3.35 31.03 24.74
CA SER A 553 4.60 30.24 24.60
C SER A 553 4.76 29.39 25.85
N ALA A 554 4.56 29.96 27.04
CA ALA A 554 4.65 29.21 28.30
C ALA A 554 3.54 28.16 28.44
N LEU A 555 2.30 28.48 28.07
CA LEU A 555 1.16 27.54 28.29
C LEU A 555 1.33 26.28 27.44
N ALA A 556 1.69 26.44 26.16
CA ALA A 556 1.93 25.27 25.28
C ALA A 556 3.16 24.53 25.81
N GLU A 557 4.15 25.29 26.27
CA GLU A 557 5.40 24.69 26.80
C GLU A 557 5.02 23.84 28.00
N LEU A 558 4.13 24.34 28.87
CA LEU A 558 3.69 23.59 30.07
C LEU A 558 2.92 22.33 29.66
N ASP A 559 2.07 22.43 28.63
CA ASP A 559 1.21 21.28 28.21
C ASP A 559 2.13 20.13 27.83
N VAL A 560 3.20 20.42 27.10
CA VAL A 560 4.15 19.34 26.65
C VAL A 560 4.79 18.72 27.90
N LEU A 561 5.23 19.54 28.86
CA LEU A 561 5.94 19.02 30.05
C LEU A 561 4.99 18.15 30.88
N VAL A 562 3.73 18.58 31.05
CA VAL A 562 2.72 17.82 31.85
C VAL A 562 2.43 16.50 31.15
N ASN A 563 2.27 16.51 29.81
CA ASN A 563 1.97 15.27 29.07
C ASN A 563 3.15 14.31 29.18
N LEU A 564 4.38 14.80 29.05
CA LEU A 564 5.56 13.91 29.08
C LEU A 564 5.58 13.25 30.45
N ALA A 565 5.25 14.01 31.51
CA ALA A 565 5.16 13.44 32.87
C ALA A 565 4.06 12.39 32.93
N GLU A 566 2.89 12.67 32.34
CA GLU A 566 1.74 11.72 32.41
C GLU A 566 2.15 10.43 31.71
N ARG A 567 2.75 10.56 30.52
CA ARG A 567 3.18 9.36 29.74
C ARG A 567 4.27 8.64 30.54
N ALA A 568 5.17 9.39 31.17
CA ALA A 568 6.25 8.77 31.96
C ALA A 568 5.65 7.96 33.10
N TYR A 569 4.64 8.51 33.79
CA TYR A 569 4.01 7.81 34.93
C TYR A 569 3.28 6.56 34.44
N THR A 570 2.52 6.68 33.34
CA THR A 570 1.73 5.54 32.79
C THR A 570 2.62 4.47 32.18
N LEU A 571 3.61 4.87 31.37
CA LEU A 571 4.42 3.88 30.60
C LEU A 571 5.75 3.60 31.32
N ASN A 572 5.87 4.03 32.59
CA ASN A 572 7.07 3.70 33.40
C ASN A 572 8.35 4.22 32.73
N TYR A 573 8.35 5.47 32.25
CA TYR A 573 9.57 6.07 31.64
C TYR A 573 10.47 6.64 32.75
N THR A 574 11.80 6.51 32.61
CA THR A 574 12.78 7.03 33.61
C THR A 574 13.66 8.10 32.96
N CYS A 575 14.01 9.17 33.69
CA CYS A 575 14.82 10.29 33.13
C CYS A 575 16.22 9.81 32.73
N PRO A 576 16.76 10.19 31.55
CA PRO A 576 18.12 9.83 31.16
C PRO A 576 19.18 10.91 31.40
N THR A 577 20.27 10.55 32.09
CA THR A 577 21.37 11.52 32.37
C THR A 577 22.16 11.80 31.11
N PHE A 578 22.65 13.03 30.94
CA PHE A 578 23.47 13.41 29.76
C PHE A 578 24.94 13.30 30.15
N ILE A 579 25.77 12.69 29.30
CA ILE A 579 27.21 12.49 29.59
C ILE A 579 28.02 13.25 28.54
N ASP A 580 29.23 13.70 28.87
CA ASP A 580 30.05 14.54 27.95
C ASP A 580 30.47 13.76 26.70
N LYS A 581 30.86 12.50 26.85
CA LYS A 581 31.38 11.72 25.70
C LYS A 581 30.22 11.18 24.87
N PRO A 582 30.26 11.20 23.52
CA PRO A 582 29.20 10.59 22.73
C PRO A 582 29.13 9.10 23.05
N GLY A 583 27.91 8.54 23.16
CA GLY A 583 27.72 7.12 23.52
C GLY A 583 26.39 6.90 24.23
N ILE A 584 25.64 5.85 23.87
CA ILE A 584 24.29 5.59 24.43
C ILE A 584 24.30 4.27 25.20
N ARG A 585 24.02 4.29 26.51
CA ARG A 585 23.92 3.03 27.31
C ARG A 585 22.47 2.88 27.75
N ILE A 586 21.82 1.76 27.42
CA ILE A 586 20.37 1.54 27.73
C ILE A 586 20.24 0.27 28.58
N THR A 587 19.37 0.28 29.60
CA THR A 587 19.11 -0.95 30.42
C THR A 587 17.64 -1.31 30.28
N GLU A 588 17.34 -2.59 30.00
CA GLU A 588 15.93 -3.06 29.82
C GLU A 588 15.24 -2.19 28.76
N GLY A 589 15.88 -1.99 27.60
CA GLY A 589 15.31 -1.10 26.57
C GLY A 589 14.07 -1.67 25.91
N ARG A 590 12.99 -0.87 25.85
CA ARG A 590 11.72 -1.30 25.18
C ARG A 590 11.39 -0.31 24.06
N HIS A 591 11.24 -0.79 22.82
CA HIS A 591 10.87 0.08 21.68
C HIS A 591 9.49 0.66 21.99
N PRO A 592 9.26 1.99 21.88
CA PRO A 592 7.98 2.55 22.31
C PRO A 592 6.75 2.16 21.50
N VAL A 593 6.82 2.27 20.16
CA VAL A 593 5.61 2.01 19.33
C VAL A 593 5.25 0.54 19.41
N VAL A 594 6.23 -0.36 19.27
CA VAL A 594 5.90 -1.81 19.21
C VAL A 594 5.31 -2.25 20.55
N GLU A 595 5.87 -1.80 21.67
CA GLU A 595 5.37 -2.30 22.98
C GLU A 595 3.89 -1.91 23.13
N GLN A 596 3.52 -0.68 22.75
CA GLN A 596 2.13 -0.19 22.92
C GLN A 596 1.16 -0.93 21.99
N VAL A 597 1.57 -1.20 20.75
CA VAL A 597 0.63 -1.78 19.73
C VAL A 597 0.67 -3.32 19.73
N LEU A 598 1.46 -3.94 20.60
CA LEU A 598 1.61 -5.43 20.59
C LEU A 598 0.87 -6.02 21.79
N ASN A 599 -0.09 -6.92 21.54
CA ASN A 599 -0.84 -7.59 22.64
C ASN A 599 0.15 -8.43 23.44
N GLU A 600 1.01 -9.16 22.74
CA GLU A 600 2.03 -10.01 23.41
C GLU A 600 3.10 -9.09 23.99
N PRO A 601 3.73 -9.41 25.15
CA PRO A 601 4.70 -8.50 25.76
C PRO A 601 5.95 -8.27 24.90
N PHE A 602 6.46 -7.03 24.91
CA PHE A 602 7.73 -6.74 24.20
C PHE A 602 8.86 -7.22 25.12
N ILE A 603 9.67 -8.17 24.66
CA ILE A 603 10.81 -8.63 25.49
C ILE A 603 11.84 -7.51 25.41
N ALA A 604 12.15 -6.86 26.54
CA ALA A 604 13.07 -5.71 26.57
C ALA A 604 14.52 -6.19 26.46
N ASN A 605 15.39 -5.38 25.84
CA ASN A 605 16.81 -5.76 25.68
C ASN A 605 17.74 -4.58 25.99
N PRO A 606 18.81 -4.76 26.79
CA PRO A 606 19.79 -3.69 27.02
C PRO A 606 20.70 -3.47 25.81
N LEU A 607 21.14 -2.24 25.58
CA LEU A 607 22.07 -1.93 24.47
C LEU A 607 23.18 -1.03 25.02
N ASN A 608 24.41 -1.17 24.54
CA ASN A 608 25.53 -0.29 24.98
C ASN A 608 26.27 0.27 23.77
N LEU A 609 26.43 1.60 23.69
CA LEU A 609 27.22 2.25 22.61
C LEU A 609 28.23 3.15 23.33
N SER A 610 29.50 3.11 22.92
CA SER A 610 30.57 3.86 23.65
C SER A 610 31.68 4.19 22.65
N PRO A 611 32.78 4.90 23.02
CA PRO A 611 33.84 5.13 22.07
C PRO A 611 34.29 3.74 21.60
N GLN A 612 34.28 2.76 22.51
CA GLN A 612 34.67 1.36 22.16
C GLN A 612 33.51 0.53 21.59
N ARG A 613 32.27 0.73 22.02
CA ARG A 613 31.15 -0.15 21.57
C ARG A 613 30.38 0.57 20.46
N ARG A 614 31.08 1.35 19.63
CA ARG A 614 30.43 2.17 18.56
C ARG A 614 29.68 1.32 17.53
N MET A 615 30.25 0.19 17.09
CA MET A 615 29.61 -0.59 15.97
C MET A 615 29.03 -1.92 16.46
N LEU A 616 27.76 -2.19 16.11
CA LEU A 616 27.14 -3.50 16.42
C LEU A 616 26.62 -4.11 15.11
N ILE A 617 27.13 -5.28 14.72
CA ILE A 617 26.61 -6.00 13.52
C ILE A 617 25.42 -6.82 14.00
N ILE A 618 24.25 -6.67 13.37
CA ILE A 618 23.02 -7.41 13.82
C ILE A 618 22.73 -8.50 12.79
N THR A 619 22.60 -9.75 13.23
CA THR A 619 22.31 -10.90 12.33
C THR A 619 21.15 -11.70 12.96
N GLY A 620 20.50 -12.58 12.20
CA GLY A 620 19.46 -13.43 12.82
C GLY A 620 18.33 -13.79 11.88
N PRO A 621 17.28 -14.50 12.38
CA PRO A 621 16.19 -14.95 11.54
C PRO A 621 15.26 -13.83 11.05
N ASN A 622 14.66 -14.02 9.88
CA ASN A 622 13.69 -13.03 9.34
C ASN A 622 12.46 -13.11 10.23
N MET A 623 11.76 -11.99 10.44
CA MET A 623 10.59 -11.91 11.35
C MET A 623 11.11 -12.04 12.78
N GLY A 624 12.43 -11.88 12.96
CA GLY A 624 13.05 -11.93 14.30
C GLY A 624 13.22 -10.53 14.83
N GLY A 625 12.62 -9.54 14.14
CA GLY A 625 12.69 -8.13 14.59
C GLY A 625 14.10 -7.60 14.67
N LYS A 626 14.96 -7.95 13.70
CA LYS A 626 16.35 -7.41 13.69
C LYS A 626 16.23 -5.89 13.54
N SER A 627 15.30 -5.43 12.69
CA SER A 627 15.11 -3.98 12.43
C SER A 627 14.63 -3.23 13.67
N THR A 628 13.69 -3.78 14.42
CA THR A 628 13.10 -3.06 15.57
C THR A 628 14.17 -2.78 16.64
N TYR A 629 15.13 -3.67 16.85
CA TYR A 629 16.14 -3.50 17.94
C TYR A 629 16.87 -2.17 17.69
N MET A 630 17.25 -1.91 16.44
CA MET A 630 17.95 -0.65 16.06
C MET A 630 17.03 0.57 16.17
N ARG A 631 15.76 0.43 15.76
CA ARG A 631 14.79 1.56 15.79
C ARG A 631 14.59 2.01 17.23
N GLN A 632 14.58 1.06 18.16
CA GLN A 632 14.39 1.38 19.60
C GLN A 632 15.50 2.31 20.05
N THR A 633 16.75 2.02 19.65
CA THR A 633 17.89 2.85 20.11
C THR A 633 17.77 4.26 19.55
N ALA A 634 17.46 4.40 18.27
CA ALA A 634 17.40 5.73 17.64
C ALA A 634 16.27 6.57 18.25
N LEU A 635 15.10 5.97 18.44
CA LEU A 635 13.93 6.70 19.01
C LEU A 635 14.27 7.10 20.45
N ILE A 636 14.96 6.22 21.19
CA ILE A 636 15.40 6.56 22.57
C ILE A 636 16.37 7.73 22.49
N ALA A 637 17.31 7.68 21.54
CA ALA A 637 18.32 8.75 21.41
C ALA A 637 17.63 10.06 21.06
N LEU A 638 16.62 9.99 20.18
CA LEU A 638 15.84 11.21 19.81
C LEU A 638 15.08 11.69 21.04
N MET A 639 14.46 10.78 21.80
CA MET A 639 13.63 11.17 22.97
C MET A 639 14.53 11.86 24.01
N ALA A 640 15.76 11.38 24.17
CA ALA A 640 16.69 11.97 25.16
C ALA A 640 16.93 13.43 24.77
N TYR A 641 17.02 13.72 23.47
CA TYR A 641 17.32 15.10 22.99
C TYR A 641 16.07 15.95 22.81
N ILE A 642 14.86 15.41 23.05
CA ILE A 642 13.64 16.29 23.07
C ILE A 642 13.42 16.66 24.54
N GLY A 643 14.26 16.14 25.45
CA GLY A 643 14.19 16.46 26.89
C GLY A 643 13.24 15.56 27.67
N SER A 644 12.58 14.60 27.03
CA SER A 644 11.57 13.70 27.69
C SER A 644 12.24 12.51 28.38
N TYR A 645 11.45 11.72 29.14
CA TYR A 645 11.97 10.50 29.80
C TYR A 645 11.99 9.38 28.75
N VAL A 646 12.54 8.20 29.07
CA VAL A 646 12.72 7.12 28.06
C VAL A 646 12.06 5.81 28.53
N PRO A 647 11.53 4.93 27.63
CA PRO A 647 10.85 3.70 28.06
C PRO A 647 11.91 2.63 28.39
N ALA A 648 12.75 2.93 29.38
CA ALA A 648 13.80 1.99 29.82
C ALA A 648 14.01 2.26 31.31
N GLN A 649 14.60 1.32 32.04
CA GLN A 649 14.87 1.51 33.48
C GLN A 649 15.84 2.68 33.66
N LYS A 650 16.86 2.79 32.80
CA LYS A 650 17.85 3.91 32.88
C LYS A 650 18.47 4.15 31.51
N VAL A 651 18.63 5.40 31.08
CA VAL A 651 19.34 5.69 29.78
C VAL A 651 20.45 6.72 30.03
N GLU A 652 21.63 6.52 29.42
CA GLU A 652 22.76 7.47 29.53
C GLU A 652 23.08 7.91 28.10
N ILE A 653 23.06 9.21 27.78
CA ILE A 653 23.18 9.65 26.36
C ILE A 653 24.38 10.60 26.18
N GLY A 654 25.11 10.47 25.08
CA GLY A 654 26.25 11.36 24.78
C GLY A 654 25.88 12.29 23.64
N PRO A 655 26.53 13.45 23.45
CA PRO A 655 26.09 14.42 22.43
C PRO A 655 26.06 13.83 21.02
N ILE A 656 24.98 14.09 20.27
CA ILE A 656 24.83 13.52 18.89
C ILE A 656 24.52 14.67 17.93
N ASP A 657 25.29 14.78 16.83
CA ASP A 657 25.07 15.86 15.83
C ASP A 657 24.07 15.43 14.77
N ARG A 658 24.16 14.19 14.27
CA ARG A 658 23.29 13.76 13.15
C ARG A 658 22.80 12.33 13.34
N ILE A 659 21.55 12.03 12.97
CA ILE A 659 21.03 10.63 13.02
C ILE A 659 20.79 10.20 11.57
N PHE A 660 21.53 9.20 11.08
CA PHE A 660 21.42 8.71 9.68
C PHE A 660 20.78 7.34 9.70
N THR A 661 19.76 7.11 8.86
CA THR A 661 19.14 5.76 8.75
C THR A 661 19.07 5.34 7.28
N ARG A 662 19.49 4.11 6.96
CA ARG A 662 19.35 3.59 5.58
C ARG A 662 18.55 2.29 5.67
N VAL A 663 17.38 2.24 5.02
CA VAL A 663 16.59 0.97 4.94
C VAL A 663 16.25 0.74 3.47
N GLY A 664 16.85 -0.28 2.84
CA GLY A 664 16.52 -0.61 1.44
C GLY A 664 15.56 -1.78 1.40
N ALA A 665 14.28 -1.53 1.09
CA ALA A 665 13.25 -2.59 1.08
C ALA A 665 12.67 -2.82 -0.33
N ALA A 666 12.50 -1.77 -1.13
CA ALA A 666 11.86 -1.90 -2.47
C ALA A 666 12.28 -0.76 -3.41
N ASP A 667 12.11 -0.95 -4.72
CA ASP A 667 12.46 0.08 -5.73
C ASP A 667 11.56 1.30 -5.49
N ASP A 668 12.11 2.51 -5.61
CA ASP A 668 11.29 3.75 -5.46
C ASP A 668 11.03 4.36 -6.84
N ARG A 673 14.99 6.06 -9.98
CA ARG A 673 16.29 5.34 -9.85
C ARG A 673 16.01 3.88 -9.46
N SER A 674 16.88 2.94 -9.86
CA SER A 674 16.72 1.50 -9.50
C SER A 674 16.90 1.39 -7.99
N THR A 675 16.48 0.30 -7.36
CA THR A 675 16.54 0.22 -5.87
C THR A 675 17.99 0.40 -5.44
N PHE A 676 18.92 -0.25 -6.14
CA PHE A 676 20.35 -0.15 -5.74
C PHE A 676 20.85 1.28 -5.92
N MET A 677 20.47 1.93 -7.02
CA MET A 677 20.88 3.34 -7.22
C MET A 677 20.36 4.16 -6.04
N VAL A 678 19.08 4.01 -5.64
CA VAL A 678 18.49 4.80 -4.51
C VAL A 678 19.28 4.48 -3.25
N GLU A 679 19.57 3.19 -3.03
CA GLU A 679 20.27 2.79 -1.80
C GLU A 679 21.64 3.44 -1.77
N MET A 680 22.33 3.48 -2.92
CA MET A 680 23.68 4.07 -3.01
C MET A 680 23.64 5.58 -2.76
N THR A 681 22.61 6.28 -3.23
CA THR A 681 22.56 7.77 -3.12
C THR A 681 22.56 8.20 -1.65
N GLU A 682 21.72 7.58 -0.83
CA GLU A 682 21.63 7.95 0.61
C GLU A 682 22.92 7.50 1.30
N THR A 683 23.44 6.34 0.90
CA THR A 683 24.69 5.79 1.51
C THR A 683 25.85 6.73 1.20
N ALA A 684 25.92 7.26 -0.03
CA ALA A 684 27.00 8.19 -0.36
C ALA A 684 26.90 9.36 0.61
N ASN A 685 25.67 9.85 0.84
CA ASN A 685 25.46 11.00 1.75
C ASN A 685 25.93 10.62 3.15
N ILE A 686 25.61 9.40 3.60
CA ILE A 686 26.02 8.94 4.95
C ILE A 686 27.55 8.94 5.00
N LEU A 687 28.22 8.51 3.95
CA LEU A 687 29.70 8.39 3.94
C LEU A 687 30.40 9.76 4.03
N HIS A 688 29.81 10.84 3.50
CA HIS A 688 30.42 12.19 3.62
C HIS A 688 29.95 12.95 4.86
N ASN A 689 28.64 13.06 5.08
CA ASN A 689 28.09 13.90 6.18
C ASN A 689 28.43 13.36 7.58
N ALA A 690 28.46 12.04 7.78
CA ALA A 690 28.64 11.47 9.15
C ALA A 690 29.96 11.87 9.79
N THR A 691 29.95 12.10 11.11
CA THR A 691 31.15 12.56 11.88
C THR A 691 31.14 11.80 13.21
N GLU A 692 32.13 11.97 14.08
CA GLU A 692 32.25 11.20 15.33
C GLU A 692 30.95 11.29 16.15
N TYR A 693 30.24 12.42 16.10
CA TYR A 693 29.03 12.63 16.95
C TYR A 693 27.79 12.07 16.23
N SER A 694 27.96 11.35 15.12
CA SER A 694 26.81 10.85 14.33
C SER A 694 26.34 9.47 14.77
N LEU A 695 25.02 9.24 14.80
CA LEU A 695 24.48 7.89 15.08
C LEU A 695 23.93 7.38 13.74
N VAL A 696 24.42 6.23 13.27
CA VAL A 696 24.02 5.69 11.93
C VAL A 696 23.26 4.39 12.14
N LEU A 697 22.25 4.13 11.30
CA LEU A 697 21.41 2.91 11.43
C LEU A 697 21.31 2.26 10.06
N MET A 698 22.41 1.71 9.53
CA MET A 698 22.37 1.00 8.24
C MET A 698 21.51 -0.24 8.42
N ASP A 699 20.57 -0.50 7.49
CA ASP A 699 19.67 -1.67 7.60
C ASP A 699 19.62 -2.42 6.27
N GLU A 700 19.81 -3.74 6.32
CA GLU A 700 19.74 -4.59 5.09
C GLU A 700 20.71 -4.04 4.04
N ILE A 701 21.88 -3.53 4.49
CA ILE A 701 22.92 -3.03 3.56
C ILE A 701 23.52 -4.26 2.88
N GLY A 702 24.21 -4.08 1.75
CA GLY A 702 24.69 -5.26 1.00
C GLY A 702 23.53 -5.97 0.36
N ARG A 703 22.47 -5.25 -0.05
CA ARG A 703 21.34 -5.86 -0.79
C ARG A 703 21.74 -5.81 -2.27
N GLY A 704 23.06 -5.71 -2.51
CA GLY A 704 23.59 -5.73 -3.88
C GLY A 704 23.08 -6.98 -4.56
N THR A 705 22.66 -6.84 -5.81
CA THR A 705 21.98 -7.95 -6.51
C THR A 705 22.91 -9.15 -6.60
N SER A 706 24.19 -8.95 -6.95
CA SER A 706 25.17 -10.07 -6.95
C SER A 706 25.71 -10.17 -5.53
N THR A 707 25.82 -11.38 -4.97
CA THR A 707 26.30 -11.48 -3.56
C THR A 707 27.74 -10.96 -3.47
N TYR A 708 28.56 -11.23 -4.48
CA TYR A 708 29.96 -10.69 -4.47
C TYR A 708 29.93 -9.16 -4.54
N ASP A 709 29.04 -8.59 -5.36
CA ASP A 709 28.95 -7.11 -5.51
C ASP A 709 28.50 -6.45 -4.21
N GLY A 710 27.43 -6.94 -3.59
CA GLY A 710 26.89 -6.35 -2.35
C GLY A 710 27.89 -6.50 -1.22
N LEU A 711 28.58 -7.65 -1.17
CA LEU A 711 29.53 -7.92 -0.06
C LEU A 711 30.64 -6.88 -0.15
N SER A 712 31.13 -6.58 -1.35
CA SER A 712 32.27 -5.62 -1.47
C SER A 712 31.86 -4.25 -0.96
N LEU A 713 30.66 -3.78 -1.34
CA LEU A 713 30.27 -2.41 -0.94
C LEU A 713 29.98 -2.29 0.56
N ALA A 714 29.16 -3.18 1.14
CA ALA A 714 28.79 -3.05 2.58
C ALA A 714 30.02 -3.27 3.45
N TRP A 715 30.86 -4.25 3.08
CA TRP A 715 32.05 -4.57 3.92
C TRP A 715 32.91 -3.31 4.00
N ALA A 716 33.12 -2.63 2.87
CA ALA A 716 33.89 -1.36 2.85
C ALA A 716 33.10 -0.26 3.56
N CYS A 717 31.77 -0.21 3.41
CA CYS A 717 30.95 0.90 4.00
C CYS A 717 31.09 0.89 5.52
N ALA A 718 30.99 -0.29 6.15
CA ALA A 718 31.13 -0.41 7.61
C ALA A 718 32.57 -0.06 8.02
N GLU A 719 33.55 -0.52 7.23
CA GLU A 719 34.97 -0.29 7.56
C GLU A 719 35.23 1.22 7.53
N ASN A 720 34.69 1.93 6.53
CA ASN A 720 34.83 3.41 6.45
C ASN A 720 34.08 4.07 7.60
N LEU A 721 32.92 3.51 7.96
CA LEU A 721 32.10 4.04 9.10
C LEU A 721 32.81 3.79 10.43
N ALA A 722 33.73 2.83 10.52
CA ALA A 722 34.43 2.51 11.79
C ALA A 722 35.94 2.79 11.73
N ASN A 723 36.46 3.33 10.62
CA ASN A 723 37.90 3.67 10.53
C ASN A 723 38.11 5.19 10.49
N LYS A 724 37.28 5.92 9.76
CA LYS A 724 37.48 7.40 9.61
C LYS A 724 36.32 8.17 10.24
N ILE A 725 35.09 7.86 9.85
CA ILE A 725 33.90 8.59 10.38
C ILE A 725 33.86 8.36 11.89
N LYS A 726 34.14 7.14 12.34
CA LYS A 726 34.16 6.80 13.80
C LYS A 726 32.80 7.14 14.42
N ALA A 727 31.71 6.93 13.69
CA ALA A 727 30.34 7.20 14.19
C ALA A 727 29.86 5.99 14.98
N LEU A 728 28.64 6.04 15.52
CA LEU A 728 28.05 4.87 16.19
C LEU A 728 27.16 4.21 15.13
N THR A 729 27.23 2.88 14.97
CA THR A 729 26.38 2.23 13.95
C THR A 729 25.71 0.97 14.49
N LEU A 730 24.51 0.67 13.96
CA LEU A 730 23.77 -0.56 14.35
C LEU A 730 23.48 -1.26 13.03
N PHE A 731 24.53 -1.77 12.38
CA PHE A 731 24.35 -2.38 11.04
C PHE A 731 23.43 -3.60 11.14
N ALA A 732 22.38 -3.68 10.30
CA ALA A 732 21.54 -4.90 10.26
C ALA A 732 21.92 -5.60 8.95
N THR A 733 22.67 -6.71 9.02
CA THR A 733 23.17 -7.36 7.78
C THR A 733 22.87 -8.85 7.73
N HIS A 734 22.24 -9.31 6.66
CA HIS A 734 21.98 -10.76 6.44
C HIS A 734 23.32 -11.49 6.27
N TYR A 735 24.33 -10.81 5.71
CA TYR A 735 25.64 -11.46 5.43
C TYR A 735 26.25 -12.08 6.68
N PHE A 736 26.78 -13.30 6.57
CA PHE A 736 27.44 -14.01 7.69
C PHE A 736 28.95 -13.81 7.59
N GLU A 737 29.42 -13.11 6.54
CA GLU A 737 30.87 -12.87 6.33
C GLU A 737 31.21 -11.50 6.94
N LEU A 738 30.19 -10.72 7.29
CA LEU A 738 30.40 -9.39 7.94
C LEU A 738 30.44 -9.62 9.45
N THR A 739 30.28 -10.88 9.88
CA THR A 739 30.37 -11.23 11.31
C THR A 739 31.85 -11.48 11.69
N GLN A 740 32.76 -11.44 10.71
CA GLN A 740 34.21 -11.63 10.97
C GLN A 740 34.87 -10.26 11.20
N LEU A 741 34.08 -9.18 11.16
CA LEU A 741 34.63 -7.81 11.33
C LEU A 741 35.31 -7.63 12.69
N PRO A 742 34.77 -8.10 13.84
CA PRO A 742 35.42 -7.82 15.11
C PRO A 742 36.88 -8.30 15.15
N GLU A 743 37.18 -9.46 14.54
CA GLU A 743 38.59 -9.94 14.49
C GLU A 743 39.43 -8.95 13.69
N LYS A 744 38.97 -8.56 12.50
CA LYS A 744 39.71 -7.63 11.62
C LYS A 744 39.69 -6.17 12.11
N MET A 745 38.55 -5.68 12.61
CA MET A 745 38.39 -4.24 12.94
C MET A 745 38.00 -4.04 14.40
N GLU A 746 38.57 -3.01 15.07
CA GLU A 746 38.23 -2.68 16.49
C GLU A 746 36.97 -1.82 16.53
N GLY A 747 36.13 -2.00 17.55
CA GLY A 747 34.88 -1.23 17.71
C GLY A 747 33.66 -2.02 17.25
N VAL A 748 33.86 -3.05 16.41
CA VAL A 748 32.73 -3.87 15.90
C VAL A 748 32.39 -4.92 16.95
N ALA A 749 31.11 -5.22 17.17
CA ALA A 749 30.72 -6.33 18.07
C ALA A 749 29.47 -7.02 17.52
N ASN A 750 29.55 -8.33 17.26
CA ASN A 750 28.40 -9.07 16.69
C ASN A 750 27.33 -9.27 17.76
N VAL A 751 26.06 -9.02 17.42
CA VAL A 751 24.91 -9.29 18.34
C VAL A 751 23.83 -9.93 17.47
N HIS A 752 23.10 -10.93 17.98
CA HIS A 752 22.07 -11.63 17.17
C HIS A 752 20.77 -11.89 17.94
N LEU A 753 19.62 -11.58 17.33
CA LEU A 753 18.33 -11.92 17.96
C LEU A 753 18.14 -13.40 17.62
N ASP A 754 17.93 -14.26 18.61
CA ASP A 754 17.87 -15.72 18.33
C ASP A 754 16.47 -16.28 18.52
N ALA A 755 15.99 -17.09 17.56
CA ALA A 755 14.69 -17.79 17.72
C ALA A 755 15.03 -19.19 18.23
N LEU A 756 14.43 -19.62 19.33
CA LEU A 756 14.78 -20.93 19.93
C LEU A 756 14.03 -22.07 19.25
N GLU A 757 14.60 -23.27 19.28
CA GLU A 757 13.91 -24.47 18.74
C GLU A 757 13.96 -25.58 19.79
N HIS A 758 12.80 -25.95 20.34
CA HIS A 758 12.71 -27.07 21.31
C HIS A 758 11.86 -28.15 20.65
N GLY A 759 12.44 -29.30 20.33
CA GLY A 759 11.69 -30.33 19.57
C GLY A 759 11.33 -29.83 18.18
N ASP A 760 10.05 -29.87 17.83
CA ASP A 760 9.58 -29.50 16.45
C ASP A 760 8.87 -28.15 16.45
N THR A 761 9.07 -27.31 17.48
CA THR A 761 8.41 -25.98 17.53
C THR A 761 9.47 -24.87 17.54
N ILE A 762 9.30 -23.85 16.69
CA ILE A 762 10.22 -22.66 16.69
C ILE A 762 9.48 -21.53 17.42
N ALA A 763 10.19 -20.80 18.28
CA ALA A 763 9.59 -19.67 19.02
C ALA A 763 10.40 -18.43 18.69
N PHE A 764 9.76 -17.26 18.67
CA PHE A 764 10.49 -15.99 18.45
C PHE A 764 10.72 -15.34 19.83
N MET A 765 11.95 -15.41 20.32
CA MET A 765 12.28 -14.82 21.65
C MET A 765 12.28 -13.30 21.58
N HIS A 766 12.66 -12.73 20.43
CA HIS A 766 12.75 -11.26 20.28
C HIS A 766 13.66 -10.71 21.38
N SER A 767 14.79 -11.38 21.66
CA SER A 767 15.76 -10.95 22.69
C SER A 767 17.15 -10.86 22.05
N VAL A 768 18.08 -10.08 22.59
CA VAL A 768 19.42 -9.84 21.98
C VAL A 768 20.49 -10.63 22.73
N GLN A 769 21.35 -11.36 22.00
CA GLN A 769 22.43 -12.17 22.62
C GLN A 769 23.74 -11.87 21.90
N ASP A 770 24.88 -12.18 22.52
CA ASP A 770 26.21 -11.86 21.94
C ASP A 770 26.54 -12.78 20.75
N GLY A 771 27.39 -12.30 19.83
CA GLY A 771 27.80 -13.10 18.66
C GLY A 771 26.63 -13.43 17.75
N ALA A 772 26.60 -14.64 17.21
CA ALA A 772 25.54 -15.04 16.24
C ALA A 772 25.34 -16.56 16.28
N ALA A 773 24.22 -17.03 15.71
CA ALA A 773 23.93 -18.49 15.69
C ALA A 773 24.73 -19.10 14.53
N SER A 774 25.81 -19.83 14.84
CA SER A 774 26.68 -20.41 13.79
C SER A 774 25.88 -21.40 12.96
N LYS A 775 25.09 -22.25 13.63
CA LYS A 775 24.17 -23.17 12.92
C LYS A 775 22.85 -22.42 12.85
N SER A 776 22.47 -21.99 11.66
CA SER A 776 21.27 -21.13 11.48
C SER A 776 19.99 -21.93 11.70
N TYR A 777 18.89 -21.23 11.99
CA TYR A 777 17.58 -21.88 12.22
C TYR A 777 17.14 -22.60 10.95
N GLY A 778 17.68 -22.22 9.80
CA GLY A 778 17.28 -22.80 8.50
C GLY A 778 17.48 -24.30 8.39
N LEU A 779 18.57 -24.85 8.94
CA LEU A 779 18.80 -26.32 8.92
C LEU A 779 17.67 -27.01 9.71
N ALA A 780 17.33 -26.47 10.88
CA ALA A 780 16.23 -27.02 11.70
C ALA A 780 14.91 -26.81 10.96
N VAL A 781 14.76 -25.65 10.32
CA VAL A 781 13.52 -25.35 9.54
C VAL A 781 13.43 -26.35 8.40
N ALA A 782 14.56 -26.76 7.84
CA ALA A 782 14.57 -27.76 6.75
C ALA A 782 13.94 -29.05 7.26
N ALA A 783 14.22 -29.45 8.51
CA ALA A 783 13.61 -30.66 9.13
C ALA A 783 12.09 -30.45 9.26
N LEU A 784 11.64 -29.24 9.64
CA LEU A 784 10.18 -28.95 9.71
C LEU A 784 9.66 -29.00 8.28
N ALA A 785 8.50 -29.64 8.03
CA ALA A 785 8.06 -29.82 6.61
C ALA A 785 9.30 -30.39 5.92
N GLY A 786 9.80 -31.52 6.41
CA GLY A 786 11.10 -32.05 5.96
C GLY A 786 11.32 -32.26 4.48
N VAL A 787 12.47 -31.79 3.99
CA VAL A 787 12.90 -32.04 2.58
C VAL A 787 13.36 -33.49 2.58
N PRO A 788 13.65 -34.15 1.43
CA PRO A 788 14.14 -35.52 1.50
C PRO A 788 15.36 -35.54 2.44
N LYS A 789 15.49 -36.60 3.25
CA LYS A 789 16.56 -36.65 4.29
C LYS A 789 17.94 -36.52 3.63
N GLU A 790 18.12 -37.09 2.44
CA GLU A 790 19.42 -36.95 1.74
C GLU A 790 19.65 -35.46 1.45
N VAL A 791 18.62 -34.71 1.03
CA VAL A 791 18.81 -33.28 0.65
C VAL A 791 19.25 -32.45 1.86
N ILE A 792 18.59 -32.65 3.01
CA ILE A 792 18.97 -31.91 4.24
C ILE A 792 20.39 -32.34 4.64
N LYS A 793 20.69 -33.64 4.51
CA LYS A 793 22.05 -34.16 4.83
C LYS A 793 23.07 -33.52 3.88
N ARG A 794 22.72 -33.38 2.60
CA ARG A 794 23.65 -32.81 1.58
C ARG A 794 23.97 -31.37 1.97
N ALA A 795 22.97 -30.62 2.47
CA ALA A 795 23.21 -29.22 2.90
C ALA A 795 24.19 -29.23 4.08
N ARG A 796 24.01 -30.16 5.02
CA ARG A 796 24.89 -30.21 6.20
C ARG A 796 26.31 -30.46 5.70
N GLN A 797 26.45 -31.30 4.68
CA GLN A 797 27.78 -31.57 4.08
C GLN A 797 28.32 -30.26 3.49
N LYS A 798 27.49 -29.52 2.76
CA LYS A 798 27.92 -28.25 2.10
C LYS A 798 28.21 -27.14 3.11
N LEU A 799 27.38 -26.99 4.16
CA LEU A 799 27.58 -25.93 5.16
C LEU A 799 28.91 -26.18 5.87
N ARG A 800 29.20 -27.46 6.17
CA ARG A 800 30.47 -27.83 6.83
C ARG A 800 31.63 -27.49 5.88
N GLU A 801 31.45 -27.79 4.59
CA GLU A 801 32.51 -27.51 3.58
C GLU A 801 32.77 -26.01 3.45
N LEU A 802 31.71 -25.19 3.41
CA LEU A 802 31.89 -23.73 3.20
C LEU A 802 32.61 -23.11 4.39
N GLU A 803 32.19 -23.44 5.62
CA GLU A 803 32.80 -22.85 6.83
C GLU A 803 34.23 -23.35 7.00
N SER A 804 34.47 -24.64 6.73
CA SER A 804 35.81 -25.24 6.92
C SER A 804 36.82 -24.61 5.95
N ILE A 805 36.43 -24.44 4.68
CA ILE A 805 37.34 -23.86 3.65
C ILE A 805 37.67 -22.43 4.08
N SER A 806 36.67 -21.71 4.62
CA SER A 806 36.88 -20.33 5.12
C SER A 806 37.79 -20.35 6.35
N TYR B 23 -39.96 -24.87 13.21
CA TYR B 23 -38.62 -24.34 12.83
C TYR B 23 -37.54 -25.16 13.53
N LEU B 24 -37.74 -25.49 14.81
CA LEU B 24 -36.70 -26.21 15.59
C LEU B 24 -36.42 -27.57 14.95
N ARG B 25 -37.46 -28.27 14.50
CA ARG B 25 -37.30 -29.59 13.81
C ARG B 25 -36.55 -29.39 12.49
N LEU B 26 -36.91 -28.34 11.74
CA LEU B 26 -36.28 -28.05 10.43
C LEU B 26 -34.81 -27.69 10.63
N LYS B 27 -34.51 -26.87 11.65
CA LYS B 27 -33.12 -26.46 11.99
C LYS B 27 -32.37 -27.71 12.45
N ALA B 28 -33.04 -28.61 13.18
CA ALA B 28 -32.41 -29.85 13.69
C ALA B 28 -31.91 -30.71 12.54
N GLN B 29 -32.63 -30.70 11.39
CA GLN B 29 -32.22 -31.49 10.20
C GLN B 29 -30.87 -30.98 9.69
N HIS B 30 -30.67 -29.65 9.69
CA HIS B 30 -29.39 -29.04 9.23
C HIS B 30 -28.93 -28.06 10.31
N PRO B 31 -28.43 -28.51 11.48
CA PRO B 31 -28.07 -27.61 12.57
C PRO B 31 -26.68 -26.97 12.39
N GLU B 32 -25.88 -27.48 11.45
CA GLU B 32 -24.48 -26.99 11.25
C GLU B 32 -24.47 -25.84 10.24
N ILE B 33 -25.64 -25.49 9.67
CA ILE B 33 -25.71 -24.43 8.61
C ILE B 33 -26.84 -23.46 8.92
N LEU B 34 -26.78 -22.23 8.36
CA LEU B 34 -27.85 -21.20 8.58
C LEU B 34 -29.09 -21.61 7.77
N LEU B 35 -30.27 -21.11 8.16
CA LEU B 35 -31.51 -21.38 7.40
C LEU B 35 -32.25 -20.06 7.16
N PHE B 36 -32.82 -19.89 5.96
CA PHE B 36 -33.68 -18.72 5.70
C PHE B 36 -35.10 -19.27 5.85
N TYR B 37 -35.84 -18.82 6.88
CA TYR B 37 -37.18 -19.37 7.19
C TYR B 37 -38.22 -18.39 6.64
N ARG B 38 -39.09 -18.86 5.73
CA ARG B 38 -40.02 -17.89 5.09
C ARG B 38 -41.05 -17.42 6.10
N MET B 39 -41.05 -16.12 6.39
CA MET B 39 -42.03 -15.52 7.33
C MET B 39 -42.35 -14.14 6.73
N GLY B 40 -43.00 -14.12 5.56
CA GLY B 40 -43.20 -12.85 4.83
C GLY B 40 -41.93 -12.54 4.06
N ASP B 41 -41.76 -11.30 3.57
CA ASP B 41 -40.56 -10.99 2.75
C ASP B 41 -39.35 -11.29 3.63
N PHE B 42 -39.42 -10.95 4.92
CA PHE B 42 -38.25 -11.14 5.81
C PHE B 42 -38.10 -12.63 6.14
N TYR B 43 -36.99 -13.24 5.71
CA TYR B 43 -36.73 -14.65 6.11
C TYR B 43 -36.19 -14.50 7.52
N GLU B 44 -37.01 -14.85 8.51
CA GLU B 44 -36.59 -14.57 9.92
C GLU B 44 -35.55 -15.60 10.36
N LEU B 45 -34.44 -15.16 10.95
CA LEU B 45 -33.36 -16.04 11.48
C LEU B 45 -33.44 -15.88 13.00
N PHE B 46 -33.13 -16.92 13.78
CA PHE B 46 -33.34 -16.85 15.26
C PHE B 46 -32.11 -17.32 16.06
N TYR B 47 -32.04 -16.90 17.33
CA TYR B 47 -30.97 -17.39 18.25
C TYR B 47 -29.57 -17.17 17.66
N ASP B 48 -28.75 -18.22 17.60
CA ASP B 48 -27.34 -18.10 17.12
C ASP B 48 -27.30 -17.64 15.67
N ASP B 49 -28.23 -18.11 14.84
CA ASP B 49 -28.28 -17.73 13.40
C ASP B 49 -28.50 -16.21 13.30
N ALA B 50 -29.37 -15.66 14.14
CA ALA B 50 -29.65 -14.20 14.14
C ALA B 50 -28.36 -13.46 14.51
N LYS B 51 -27.59 -14.01 15.45
CA LYS B 51 -26.31 -13.38 15.87
C LYS B 51 -25.34 -13.34 14.70
N ARG B 52 -25.16 -14.46 13.98
CA ARG B 52 -24.18 -14.52 12.86
C ARG B 52 -24.65 -13.59 11.74
N ALA B 53 -25.96 -13.58 11.45
CA ALA B 53 -26.49 -12.76 10.34
C ALA B 53 -26.22 -11.29 10.67
N SER B 54 -26.39 -10.89 11.94
CA SER B 54 -26.14 -9.49 12.36
C SER B 54 -24.67 -9.11 12.15
N GLN B 55 -23.75 -10.03 12.44
CA GLN B 55 -22.30 -9.77 12.26
C GLN B 55 -21.93 -9.60 10.78
N LEU B 56 -22.47 -10.46 9.90
CA LEU B 56 -22.01 -10.46 8.47
C LEU B 56 -22.89 -9.60 7.57
N LEU B 57 -24.20 -9.83 7.56
CA LEU B 57 -25.15 -9.05 6.73
C LEU B 57 -25.21 -7.63 7.30
N ASP B 58 -24.77 -7.46 8.56
CA ASP B 58 -24.73 -6.12 9.20
C ASP B 58 -26.16 -5.65 9.48
N ILE B 59 -27.14 -6.58 9.46
CA ILE B 59 -28.56 -6.27 9.78
C ILE B 59 -28.68 -6.19 11.31
N SER B 60 -29.50 -5.29 11.85
CA SER B 60 -29.58 -5.10 13.33
C SER B 60 -30.11 -6.38 14.00
N LEU B 61 -29.46 -6.84 15.08
CA LEU B 61 -29.97 -8.01 15.83
C LEU B 61 -31.10 -7.53 16.75
N THR B 62 -32.32 -8.06 16.59
CA THR B 62 -33.47 -7.69 17.46
C THR B 62 -33.91 -8.93 18.24
N PRO B 73 -33.69 -14.18 20.20
CA PRO B 73 -32.98 -13.34 19.22
C PRO B 73 -33.58 -13.54 17.81
N MET B 74 -33.62 -12.47 17.00
CA MET B 74 -34.23 -12.56 15.64
C MET B 74 -33.59 -11.56 14.66
N ALA B 75 -33.51 -11.92 13.36
CA ALA B 75 -33.03 -11.00 12.29
C ALA B 75 -33.88 -11.33 11.05
N GLY B 76 -34.06 -10.39 10.09
CA GLY B 76 -34.83 -10.70 8.85
C GLY B 76 -34.35 -9.92 7.64
N ILE B 77 -34.47 -10.50 6.43
CA ILE B 77 -34.06 -9.82 5.15
C ILE B 77 -35.13 -10.05 4.07
N PRO B 78 -35.45 -9.07 3.20
CA PRO B 78 -36.54 -9.22 2.21
C PRO B 78 -36.30 -10.33 1.18
N TYR B 79 -37.37 -11.05 0.77
CA TYR B 79 -37.27 -12.22 -0.15
C TYR B 79 -36.76 -11.81 -1.54
N HIS B 80 -37.20 -10.66 -2.06
CA HIS B 80 -36.81 -10.18 -3.43
C HIS B 80 -35.33 -9.79 -3.48
N ALA B 81 -34.74 -9.38 -2.35
CA ALA B 81 -33.33 -8.94 -2.29
C ALA B 81 -32.45 -10.04 -1.69
N VAL B 82 -32.98 -11.28 -1.59
CA VAL B 82 -32.25 -12.41 -0.94
C VAL B 82 -30.93 -12.64 -1.67
N GLU B 83 -30.92 -12.52 -3.00
CA GLU B 83 -29.72 -12.86 -3.81
C GLU B 83 -28.52 -12.00 -3.41
N ASN B 84 -28.75 -10.72 -3.10
CA ASN B 84 -27.65 -9.80 -2.69
C ASN B 84 -27.02 -10.30 -1.37
N TYR B 85 -27.86 -10.66 -0.39
CA TYR B 85 -27.38 -11.19 0.92
C TYR B 85 -26.71 -12.56 0.71
N LEU B 86 -27.27 -13.36 -0.21
CA LEU B 86 -26.69 -14.69 -0.51
C LEU B 86 -25.27 -14.47 -1.04
N ALA B 87 -25.07 -13.46 -1.90
CA ALA B 87 -23.74 -13.17 -2.46
C ALA B 87 -22.78 -12.79 -1.33
N LYS B 88 -23.25 -11.98 -0.37
CA LYS B 88 -22.39 -11.53 0.76
C LYS B 88 -21.98 -12.77 1.56
N LEU B 89 -22.93 -13.65 1.85
CA LEU B 89 -22.67 -14.90 2.63
C LEU B 89 -21.77 -15.84 1.84
N VAL B 90 -22.01 -15.97 0.52
CA VAL B 90 -21.24 -16.93 -0.33
C VAL B 90 -19.77 -16.52 -0.37
N ASN B 91 -19.48 -15.21 -0.43
CA ASN B 91 -18.07 -14.72 -0.43
C ASN B 91 -17.44 -15.16 0.90
N GLN B 92 -18.22 -15.11 1.99
CA GLN B 92 -17.71 -15.51 3.33
C GLN B 92 -17.73 -17.03 3.49
N GLY B 93 -18.26 -17.76 2.50
CA GLY B 93 -18.34 -19.24 2.56
C GLY B 93 -19.37 -19.73 3.55
N GLU B 94 -20.46 -18.97 3.73
CA GLU B 94 -21.53 -19.39 4.67
C GLU B 94 -22.64 -20.08 3.87
N SER B 95 -22.85 -21.39 4.07
CA SER B 95 -23.96 -22.12 3.41
C SER B 95 -25.28 -21.66 4.04
N VAL B 96 -26.33 -21.55 3.22
CA VAL B 96 -27.67 -21.19 3.77
C VAL B 96 -28.73 -22.11 3.17
N ALA B 97 -29.63 -22.65 4.00
CA ALA B 97 -30.75 -23.47 3.50
C ALA B 97 -31.92 -22.54 3.20
N ILE B 98 -32.68 -22.80 2.13
CA ILE B 98 -33.89 -21.98 1.83
C ILE B 98 -35.11 -22.88 2.05
N CYS B 99 -36.03 -22.48 2.94
CA CYS B 99 -37.24 -23.27 3.26
C CYS B 99 -38.47 -22.42 2.91
N GLU B 100 -39.48 -23.03 2.30
CA GLU B 100 -40.73 -22.30 1.98
C GLU B 100 -41.91 -23.02 2.65
N LYS B 115 -40.95 -27.00 4.30
CA LYS B 115 -39.86 -27.93 3.87
C LYS B 115 -38.75 -27.14 3.17
N VAL B 116 -37.50 -27.56 3.42
CA VAL B 116 -36.34 -26.88 2.77
C VAL B 116 -36.47 -27.12 1.27
N VAL B 117 -36.68 -26.04 0.49
CA VAL B 117 -36.83 -26.14 -1.00
C VAL B 117 -35.49 -26.40 -1.69
N ARG B 118 -34.42 -25.77 -1.19
CA ARG B 118 -33.06 -25.95 -1.76
C ARG B 118 -32.05 -25.53 -0.68
N ILE B 119 -30.81 -25.98 -0.80
CA ILE B 119 -29.75 -25.50 0.15
C ILE B 119 -28.75 -24.71 -0.69
N VAL B 120 -28.74 -23.39 -0.53
CA VAL B 120 -27.82 -22.54 -1.34
C VAL B 120 -26.46 -22.64 -0.67
N THR B 121 -25.52 -23.34 -1.30
CA THR B 121 -24.19 -23.57 -0.69
C THR B 121 -23.15 -22.98 -1.63
N PRO B 122 -21.96 -22.57 -1.16
CA PRO B 122 -20.99 -21.93 -2.03
C PRO B 122 -20.65 -22.87 -3.19
N GLY B 123 -20.64 -24.19 -2.96
CA GLY B 123 -20.35 -25.17 -4.03
C GLY B 123 -21.39 -25.21 -5.12
N THR B 124 -22.69 -25.18 -4.78
CA THR B 124 -23.79 -25.35 -5.77
C THR B 124 -24.46 -24.00 -6.10
N ILE B 125 -23.68 -22.91 -6.19
CA ILE B 125 -24.31 -21.63 -6.61
C ILE B 125 -24.38 -21.60 -8.14
N SER B 126 -25.59 -21.84 -8.67
CA SER B 126 -25.80 -21.82 -10.15
C SER B 126 -26.32 -20.44 -10.57
N ASP B 127 -26.72 -19.59 -9.63
CA ASP B 127 -27.30 -18.26 -9.97
C ASP B 127 -26.16 -17.41 -10.56
N GLU B 128 -26.40 -16.74 -11.69
CA GLU B 128 -25.33 -15.95 -12.38
C GLU B 128 -24.87 -14.81 -11.46
N ALA B 129 -25.80 -14.23 -10.70
CA ALA B 129 -25.48 -13.07 -9.81
C ALA B 129 -24.39 -13.46 -8.80
N LEU B 130 -24.36 -14.73 -8.38
CA LEU B 130 -23.39 -15.19 -7.35
C LEU B 130 -22.11 -15.71 -8.02
N LEU B 131 -22.02 -15.66 -9.36
CA LEU B 131 -20.86 -16.25 -10.06
C LEU B 131 -20.04 -15.21 -10.81
N GLN B 132 -18.72 -15.17 -10.55
CA GLN B 132 -17.86 -14.27 -11.35
C GLN B 132 -17.93 -14.84 -12.76
N GLU B 133 -18.17 -14.00 -13.77
CA GLU B 133 -18.40 -14.53 -15.15
C GLU B 133 -17.20 -15.31 -15.67
N ARG B 134 -15.97 -14.85 -15.39
CA ARG B 134 -14.75 -15.48 -15.98
C ARG B 134 -14.00 -16.37 -14.97
N GLN B 135 -14.59 -16.66 -13.80
CA GLN B 135 -13.95 -17.59 -12.81
C GLN B 135 -14.88 -18.78 -12.53
N ASP B 136 -14.34 -20.01 -12.59
CA ASP B 136 -15.13 -21.25 -12.38
C ASP B 136 -15.48 -21.44 -10.91
N ASN B 137 -16.72 -21.90 -10.66
CA ASN B 137 -17.16 -22.23 -9.28
C ASN B 137 -17.19 -23.76 -9.21
N LEU B 138 -16.72 -24.34 -8.10
CA LEU B 138 -16.63 -25.83 -7.98
C LEU B 138 -17.17 -26.29 -6.62
N LEU B 139 -17.56 -27.56 -6.52
CA LEU B 139 -17.98 -28.15 -5.22
C LEU B 139 -17.24 -29.49 -5.08
N ALA B 140 -16.61 -29.74 -3.92
CA ALA B 140 -15.80 -30.97 -3.76
C ALA B 140 -15.92 -31.53 -2.35
N ALA B 141 -15.63 -32.83 -2.16
CA ALA B 141 -15.62 -33.46 -0.82
C ALA B 141 -14.28 -34.20 -0.72
N ILE B 142 -13.81 -34.44 0.50
CA ILE B 142 -12.51 -35.16 0.70
C ILE B 142 -12.65 -36.22 1.80
N TRP B 143 -12.03 -37.40 1.62
CA TRP B 143 -12.15 -38.53 2.58
C TRP B 143 -10.77 -39.20 2.74
N GLN B 144 -10.38 -39.58 3.97
CA GLN B 144 -9.01 -40.14 4.20
C GLN B 144 -9.07 -41.62 4.59
N ASP B 145 -8.28 -42.45 3.91
CA ASP B 145 -8.15 -43.90 4.27
C ASP B 145 -6.69 -44.05 4.68
N SER B 146 -6.32 -45.18 5.30
CA SER B 146 -4.91 -45.44 5.65
C SER B 146 -4.09 -45.51 4.36
N LYS B 147 -4.66 -46.11 3.30
CA LYS B 147 -3.97 -46.25 2.00
C LYS B 147 -3.70 -44.90 1.34
N GLY B 148 -4.61 -43.93 1.44
CA GLY B 148 -4.47 -42.64 0.74
C GLY B 148 -5.71 -41.78 0.92
N PHE B 149 -5.96 -40.82 0.03
CA PHE B 149 -7.13 -39.91 0.16
C PHE B 149 -7.99 -39.95 -1.12
N GLY B 150 -9.31 -39.86 -0.97
CA GLY B 150 -10.22 -39.83 -2.15
C GLY B 150 -10.78 -38.44 -2.37
N TYR B 151 -10.41 -37.79 -3.48
CA TYR B 151 -10.86 -36.40 -3.74
C TYR B 151 -11.81 -36.36 -4.93
N ALA B 152 -13.01 -35.83 -4.74
CA ALA B 152 -14.02 -35.73 -5.83
C ALA B 152 -14.29 -34.26 -6.09
N THR B 153 -14.61 -33.91 -7.35
CA THR B 153 -14.96 -32.51 -7.71
C THR B 153 -16.14 -32.51 -8.68
N LEU B 154 -17.07 -31.57 -8.50
CA LEU B 154 -18.22 -31.44 -9.43
C LEU B 154 -18.36 -29.98 -9.83
N ASP B 155 -18.28 -29.70 -11.13
CA ASP B 155 -18.55 -28.31 -11.59
C ASP B 155 -20.06 -28.32 -11.84
N ILE B 156 -20.84 -27.92 -10.83
CA ILE B 156 -22.33 -27.97 -10.94
C ILE B 156 -22.75 -27.04 -12.07
N SER B 157 -21.97 -25.99 -12.34
CA SER B 157 -22.32 -24.97 -13.37
C SER B 157 -22.02 -25.46 -14.79
N SER B 158 -21.33 -26.59 -14.97
CA SER B 158 -21.07 -27.16 -16.32
C SER B 158 -21.58 -28.61 -16.46
N GLY B 159 -21.79 -29.32 -15.35
CA GLY B 159 -22.15 -30.76 -15.39
C GLY B 159 -20.90 -31.63 -15.44
N ARG B 160 -19.73 -30.99 -15.55
CA ARG B 160 -18.45 -31.73 -15.62
C ARG B 160 -18.18 -32.32 -14.24
N PHE B 161 -18.01 -33.64 -14.15
CA PHE B 161 -17.81 -34.32 -12.85
C PHE B 161 -16.47 -35.07 -12.89
N ARG B 162 -15.58 -34.83 -11.92
CA ARG B 162 -14.23 -35.44 -11.96
C ARG B 162 -13.92 -36.14 -10.63
N LEU B 163 -12.91 -37.03 -10.63
CA LEU B 163 -12.53 -37.79 -9.42
C LEU B 163 -11.02 -37.98 -9.41
N SER B 164 -10.39 -38.16 -8.24
CA SER B 164 -8.93 -38.45 -8.17
C SER B 164 -8.57 -39.15 -6.85
N GLU B 165 -7.41 -39.83 -6.81
CA GLU B 165 -6.93 -40.48 -5.56
C GLU B 165 -5.49 -40.02 -5.32
N PRO B 166 -5.28 -38.77 -4.87
CA PRO B 166 -3.92 -38.25 -4.71
C PRO B 166 -3.19 -39.10 -3.66
N ALA B 167 -1.92 -39.43 -3.91
CA ALA B 167 -1.16 -40.34 -3.01
C ALA B 167 -0.93 -39.79 -1.61
N ASP B 168 -0.66 -38.49 -1.46
CA ASP B 168 -0.25 -37.96 -0.12
C ASP B 168 -0.82 -36.57 0.18
N ARG B 169 -0.59 -36.07 1.40
CA ARG B 169 -1.15 -34.77 1.88
C ARG B 169 -0.71 -33.63 0.96
N GLU B 170 0.54 -33.63 0.50
CA GLU B 170 1.07 -32.51 -0.33
C GLU B 170 0.28 -32.41 -1.62
N THR B 171 -0.04 -33.55 -2.25
CA THR B 171 -0.84 -33.57 -3.49
C THR B 171 -2.25 -33.05 -3.19
N MET B 172 -2.78 -33.35 -2.00
CA MET B 172 -4.16 -32.91 -1.66
C MET B 172 -4.17 -31.38 -1.72
N ALA B 173 -3.15 -30.72 -1.16
CA ALA B 173 -3.09 -29.24 -1.13
C ALA B 173 -3.02 -28.69 -2.56
N ALA B 174 -2.25 -29.34 -3.43
CA ALA B 174 -2.11 -28.87 -4.83
C ALA B 174 -3.49 -28.97 -5.49
N GLU B 175 -4.19 -30.08 -5.27
CA GLU B 175 -5.54 -30.28 -5.85
C GLU B 175 -6.52 -29.26 -5.25
N LEU B 176 -6.43 -29.05 -3.93
CA LEU B 176 -7.39 -28.14 -3.24
C LEU B 176 -7.24 -26.73 -3.81
N GLN B 177 -6.01 -26.25 -3.98
CA GLN B 177 -5.83 -24.87 -4.50
C GLN B 177 -6.24 -24.81 -5.98
N ARG B 178 -5.89 -25.83 -6.77
CA ARG B 178 -6.19 -25.77 -8.23
C ARG B 178 -7.70 -25.66 -8.38
N THR B 179 -8.44 -26.49 -7.64
CA THR B 179 -9.93 -26.45 -7.66
C THR B 179 -10.37 -25.16 -6.97
N ASN B 180 -9.68 -24.77 -5.88
CA ASN B 180 -10.07 -23.59 -5.08
C ASN B 180 -11.56 -23.76 -4.77
N PRO B 181 -12.02 -24.88 -4.18
CA PRO B 181 -13.45 -25.11 -4.04
C PRO B 181 -14.03 -24.10 -3.04
N ALA B 182 -15.02 -23.31 -3.50
CA ALA B 182 -15.61 -22.28 -2.63
C ALA B 182 -16.23 -23.01 -1.45
N GLU B 183 -16.61 -24.28 -1.66
CA GLU B 183 -17.12 -25.11 -0.54
C GLU B 183 -16.35 -26.43 -0.51
N LEU B 184 -16.00 -26.95 0.68
CA LEU B 184 -15.36 -28.29 0.79
C LEU B 184 -16.08 -29.14 1.83
N LEU B 185 -16.46 -30.37 1.46
CA LEU B 185 -17.14 -31.30 2.41
C LEU B 185 -16.09 -32.29 2.91
N TYR B 186 -16.18 -32.72 4.18
CA TYR B 186 -15.21 -33.71 4.72
C TYR B 186 -15.90 -34.53 5.81
N ALA B 187 -15.22 -35.56 6.31
CA ALA B 187 -15.83 -36.46 7.32
C ALA B 187 -15.29 -36.15 8.71
N GLU B 188 -16.06 -36.49 9.75
CA GLU B 188 -15.69 -36.20 11.16
C GLU B 188 -14.36 -36.88 11.51
N ASP B 189 -14.01 -37.99 10.87
CA ASP B 189 -12.79 -38.78 11.19
C ASP B 189 -11.55 -38.25 10.47
N PHE B 190 -11.66 -37.13 9.73
CA PHE B 190 -10.52 -36.66 8.90
C PHE B 190 -9.34 -36.27 9.80
N ALA B 191 -8.20 -36.96 9.65
CA ALA B 191 -7.00 -36.71 10.50
C ALA B 191 -6.27 -35.41 10.18
N GLU B 192 -6.00 -35.12 8.90
CA GLU B 192 -5.16 -33.92 8.54
C GLU B 192 -6.06 -32.69 8.47
N MET B 193 -6.30 -32.04 9.60
CA MET B 193 -7.25 -30.88 9.65
C MET B 193 -6.53 -29.59 9.28
N SER B 194 -5.20 -29.62 9.11
CA SER B 194 -4.43 -28.40 8.71
C SER B 194 -4.86 -27.96 7.31
N LEU B 195 -5.00 -28.91 6.37
CA LEU B 195 -5.42 -28.61 4.98
C LEU B 195 -6.85 -28.11 4.99
N ILE B 196 -7.72 -28.76 5.77
CA ILE B 196 -9.17 -28.43 5.81
C ILE B 196 -9.40 -27.06 6.45
N GLU B 197 -8.73 -26.75 7.56
CA GLU B 197 -8.99 -25.47 8.29
C GLU B 197 -8.50 -24.28 7.45
N GLY B 198 -9.27 -23.19 7.42
CA GLY B 198 -8.92 -21.99 6.62
C GLY B 198 -9.58 -22.00 5.26
N ARG B 199 -10.13 -23.14 4.83
CA ARG B 199 -10.88 -23.20 3.55
C ARG B 199 -12.26 -22.56 3.78
N ARG B 200 -12.77 -21.84 2.79
CA ARG B 200 -14.12 -21.21 2.88
C ARG B 200 -15.19 -22.30 2.75
N GLY B 201 -16.36 -22.09 3.33
CA GLY B 201 -17.47 -23.07 3.20
C GLY B 201 -17.10 -24.45 3.72
N LEU B 202 -16.47 -24.51 4.88
CA LEU B 202 -16.01 -25.81 5.44
C LEU B 202 -17.22 -26.57 6.02
N ARG B 203 -17.42 -27.83 5.61
CA ARG B 203 -18.58 -28.63 6.07
C ARG B 203 -18.13 -29.99 6.65
N ARG B 204 -18.57 -30.32 7.87
CA ARG B 204 -18.29 -31.63 8.50
C ARG B 204 -19.50 -32.52 8.18
N ARG B 205 -19.32 -33.82 7.94
CA ARG B 205 -20.46 -34.68 7.49
C ARG B 205 -20.53 -35.99 8.29
N PRO B 206 -21.69 -36.69 8.32
CA PRO B 206 -21.78 -38.00 8.98
C PRO B 206 -20.91 -39.05 8.30
N LEU B 207 -20.43 -40.04 9.06
CA LEU B 207 -19.55 -41.12 8.53
C LEU B 207 -20.30 -42.03 7.54
N TRP B 208 -21.59 -42.27 7.74
CA TRP B 208 -22.37 -43.25 6.91
C TRP B 208 -22.40 -42.82 5.44
N GLU B 209 -22.26 -41.52 5.16
CA GLU B 209 -22.27 -40.97 3.78
C GLU B 209 -21.04 -41.47 2.99
N PHE B 210 -19.94 -41.80 3.67
CA PHE B 210 -18.66 -42.21 2.99
C PHE B 210 -18.53 -43.73 2.91
N GLU B 211 -19.64 -44.48 3.05
CA GLU B 211 -19.60 -45.97 2.87
C GLU B 211 -19.40 -46.30 1.38
N ILE B 212 -18.50 -47.22 1.04
CA ILE B 212 -18.20 -47.60 -0.38
C ILE B 212 -19.41 -48.24 -1.07
N ASP B 213 -20.15 -49.13 -0.39
CA ASP B 213 -21.25 -49.88 -1.05
C ASP B 213 -22.34 -48.91 -1.52
N THR B 214 -22.73 -47.94 -0.68
CA THR B 214 -23.80 -46.98 -1.04
C THR B 214 -23.33 -46.17 -2.25
N ALA B 215 -22.05 -45.78 -2.27
CA ALA B 215 -21.48 -45.01 -3.40
C ALA B 215 -21.52 -45.83 -4.70
N ARG B 216 -21.18 -47.12 -4.63
CA ARG B 216 -21.12 -47.91 -5.87
C ARG B 216 -22.52 -47.93 -6.49
N GLN B 217 -23.53 -48.19 -5.66
CA GLN B 217 -24.94 -48.22 -6.14
C GLN B 217 -25.39 -46.82 -6.60
N GLN B 218 -25.09 -45.78 -5.81
CA GLN B 218 -25.61 -44.42 -6.13
C GLN B 218 -25.05 -43.92 -7.46
N LEU B 219 -23.74 -44.10 -7.68
CA LEU B 219 -23.10 -43.58 -8.92
C LEU B 219 -23.68 -44.34 -10.12
N ASN B 220 -23.83 -45.66 -9.99
CA ASN B 220 -24.37 -46.49 -11.10
C ASN B 220 -25.81 -46.02 -11.37
N LEU B 221 -26.59 -45.76 -10.33
CA LEU B 221 -28.03 -45.35 -10.49
C LEU B 221 -28.11 -44.01 -11.23
N GLN B 222 -27.28 -43.03 -10.84
CA GLN B 222 -27.35 -41.68 -11.46
C GLN B 222 -26.97 -41.76 -12.94
N PHE B 223 -25.88 -42.46 -13.26
CA PHE B 223 -25.40 -42.61 -14.66
C PHE B 223 -26.37 -43.49 -15.45
N GLY B 224 -26.95 -44.51 -14.80
CA GLY B 224 -27.84 -45.46 -15.50
C GLY B 224 -27.02 -46.58 -16.11
N THR B 225 -25.71 -46.62 -15.81
CA THR B 225 -24.79 -47.67 -16.33
C THR B 225 -24.63 -48.74 -15.25
N ARG B 226 -24.75 -50.02 -15.62
CA ARG B 226 -24.68 -51.13 -14.62
C ARG B 226 -23.30 -51.12 -13.95
N ASP B 227 -22.24 -50.88 -14.73
CA ASP B 227 -20.85 -50.92 -14.18
C ASP B 227 -20.16 -49.57 -14.37
N LEU B 228 -19.45 -49.10 -13.34
CA LEU B 228 -18.68 -47.83 -13.44
C LEU B 228 -17.45 -48.09 -14.31
N VAL B 229 -17.23 -49.35 -14.72
CA VAL B 229 -16.09 -49.74 -15.61
C VAL B 229 -16.23 -48.92 -16.90
N GLY B 230 -17.45 -48.49 -17.24
CA GLY B 230 -17.69 -47.66 -18.43
C GLY B 230 -16.93 -46.34 -18.38
N PHE B 231 -16.59 -45.86 -17.18
CA PHE B 231 -15.81 -44.61 -17.03
C PHE B 231 -14.43 -44.88 -16.40
N GLY B 232 -14.07 -46.16 -16.24
CA GLY B 232 -12.78 -46.55 -15.63
C GLY B 232 -12.60 -45.98 -14.23
N VAL B 233 -13.64 -45.98 -13.39
CA VAL B 233 -13.52 -45.50 -11.97
C VAL B 233 -13.74 -46.65 -10.98
N GLU B 234 -14.09 -47.84 -11.46
CA GLU B 234 -14.39 -49.01 -10.58
C GLU B 234 -13.14 -49.37 -9.77
N ASN B 235 -11.95 -49.21 -10.33
CA ASN B 235 -10.69 -49.64 -9.67
C ASN B 235 -10.20 -48.60 -8.65
N ALA B 236 -10.97 -47.53 -8.41
CA ALA B 236 -10.56 -46.47 -7.46
C ALA B 236 -11.68 -46.22 -6.44
N PRO B 237 -11.92 -47.12 -5.46
CA PRO B 237 -13.02 -46.98 -4.50
C PRO B 237 -12.96 -45.76 -3.56
N ARG B 238 -11.75 -45.36 -3.11
CA ARG B 238 -11.64 -44.26 -2.12
C ARG B 238 -12.24 -42.99 -2.70
N GLY B 239 -11.93 -42.69 -3.97
CA GLY B 239 -12.49 -41.51 -4.65
C GLY B 239 -13.99 -41.64 -4.81
N LEU B 240 -14.48 -42.85 -5.12
CA LEU B 240 -15.93 -43.08 -5.35
C LEU B 240 -16.72 -42.73 -4.09
N CYS B 241 -16.16 -43.03 -2.91
CA CYS B 241 -16.87 -42.77 -1.63
C CYS B 241 -17.16 -41.26 -1.54
N ALA B 242 -16.16 -40.44 -1.84
CA ALA B 242 -16.33 -38.96 -1.82
C ALA B 242 -17.35 -38.58 -2.90
N ALA B 243 -17.26 -39.23 -4.06
CA ALA B 243 -18.16 -38.90 -5.18
C ALA B 243 -19.60 -39.16 -4.74
N GLY B 244 -19.85 -40.29 -4.07
CA GLY B 244 -21.22 -40.63 -3.68
C GLY B 244 -21.77 -39.59 -2.73
N CYS B 245 -20.97 -39.16 -1.75
CA CYS B 245 -21.41 -38.12 -0.79
C CYS B 245 -21.64 -36.82 -1.55
N LEU B 246 -20.75 -36.49 -2.48
CA LEU B 246 -20.86 -35.23 -3.26
C LEU B 246 -22.14 -35.31 -4.09
N LEU B 247 -22.38 -36.46 -4.74
CA LEU B 247 -23.59 -36.65 -5.58
C LEU B 247 -24.81 -36.53 -4.68
N GLN B 248 -24.76 -37.17 -3.50
CA GLN B 248 -25.88 -37.10 -2.53
C GLN B 248 -26.01 -35.66 -2.03
N TYR B 249 -24.88 -35.00 -1.78
CA TYR B 249 -24.90 -33.60 -1.28
C TYR B 249 -25.51 -32.70 -2.35
N ALA B 250 -25.10 -32.89 -3.60
CA ALA B 250 -25.62 -32.08 -4.71
C ALA B 250 -27.12 -32.38 -4.82
N LYS B 251 -27.46 -33.65 -4.70
CA LYS B 251 -28.89 -34.06 -4.77
C LYS B 251 -29.63 -33.43 -3.59
N ASP B 252 -29.03 -33.46 -2.39
CA ASP B 252 -29.65 -32.91 -1.16
C ASP B 252 -29.79 -31.39 -1.31
N THR B 253 -28.76 -30.74 -1.85
CA THR B 253 -28.75 -29.25 -1.99
C THR B 253 -29.77 -28.79 -3.03
N GLN B 254 -30.03 -29.61 -4.05
CA GLN B 254 -30.98 -29.21 -5.13
C GLN B 254 -32.35 -29.88 -4.94
N ARG B 255 -32.43 -30.94 -4.12
CA ARG B 255 -33.71 -31.64 -3.83
C ARG B 255 -34.29 -32.21 -5.13
N THR B 256 -33.47 -32.41 -6.18
CA THR B 256 -33.95 -32.84 -7.52
C THR B 256 -32.88 -33.70 -8.22
N THR B 257 -33.24 -34.43 -9.29
CA THR B 257 -32.29 -35.27 -10.06
C THR B 257 -31.34 -34.38 -10.86
N LEU B 258 -30.16 -34.91 -11.26
CA LEU B 258 -29.11 -34.09 -11.95
C LEU B 258 -28.73 -34.77 -13.28
N PRO B 259 -29.60 -34.71 -14.32
CA PRO B 259 -29.34 -35.40 -15.61
C PRO B 259 -28.12 -34.88 -16.39
N HIS B 260 -27.78 -33.60 -16.24
CA HIS B 260 -26.60 -32.98 -16.90
C HIS B 260 -25.32 -33.67 -16.42
N ILE B 261 -25.30 -34.13 -15.17
CA ILE B 261 -24.12 -34.86 -14.62
C ILE B 261 -24.27 -36.27 -15.19
N ARG B 262 -23.90 -36.44 -16.46
CA ARG B 262 -24.12 -37.73 -17.18
C ARG B 262 -22.85 -38.58 -17.24
N SER B 263 -21.75 -38.12 -16.65
CA SER B 263 -20.47 -38.88 -16.80
C SER B 263 -19.54 -38.59 -15.62
N ILE B 264 -18.58 -39.49 -15.37
CA ILE B 264 -17.53 -39.27 -14.33
C ILE B 264 -16.21 -39.55 -15.04
N THR B 265 -15.17 -38.79 -14.72
CA THR B 265 -13.85 -39.01 -15.36
C THR B 265 -12.78 -39.10 -14.28
N MET B 266 -11.80 -39.99 -14.49
CA MET B 266 -10.67 -40.10 -13.52
C MET B 266 -9.54 -39.25 -14.07
N GLU B 267 -9.15 -38.21 -13.33
CA GLU B 267 -8.09 -37.30 -13.83
C GLU B 267 -6.79 -38.04 -13.52
N ARG B 268 -6.21 -38.66 -14.55
CA ARG B 268 -4.96 -39.44 -14.37
C ARG B 268 -3.79 -38.47 -14.34
N GLU B 269 -2.89 -38.66 -13.38
CA GLU B 269 -1.70 -37.79 -13.25
C GLU B 269 -0.89 -37.95 -14.54
N GLN B 270 -0.88 -39.16 -15.10
CA GLN B 270 -0.13 -39.46 -16.36
C GLN B 270 -0.69 -38.68 -17.55
N ASP B 271 -2.00 -38.37 -17.58
CA ASP B 271 -2.64 -37.73 -18.76
C ASP B 271 -2.63 -36.19 -18.71
N SER B 272 -2.01 -35.59 -17.69
CA SER B 272 -2.05 -34.10 -17.52
C SER B 272 -0.76 -33.56 -16.89
N ILE B 273 -0.48 -32.27 -17.06
CA ILE B 273 0.69 -31.65 -16.36
C ILE B 273 0.22 -31.30 -14.95
N ILE B 274 0.93 -31.78 -13.93
CA ILE B 274 0.50 -31.56 -12.52
C ILE B 274 1.24 -30.33 -11.99
N MET B 275 0.53 -29.21 -11.80
CA MET B 275 1.18 -27.98 -11.26
C MET B 275 0.90 -27.92 -9.75
N ASP B 276 1.93 -27.73 -8.93
CA ASP B 276 1.75 -27.65 -7.46
C ASP B 276 1.02 -26.35 -7.13
N ALA B 277 0.38 -26.26 -5.97
CA ALA B 277 -0.43 -25.06 -5.64
C ALA B 277 0.44 -23.82 -5.68
N ALA B 278 1.67 -23.89 -5.13
CA ALA B 278 2.56 -22.72 -5.05
C ALA B 278 2.92 -22.22 -6.45
N THR B 279 3.21 -23.11 -7.41
CA THR B 279 3.65 -22.65 -8.76
C THR B 279 2.54 -21.78 -9.32
N ARG B 280 1.28 -22.17 -9.10
CA ARG B 280 0.12 -21.47 -9.69
C ARG B 280 0.09 -20.01 -9.25
N ARG B 281 0.34 -19.73 -7.97
CA ARG B 281 0.33 -18.35 -7.43
C ARG B 281 1.44 -17.49 -8.04
N ASN B 282 2.60 -18.07 -8.30
CA ASN B 282 3.77 -17.32 -8.85
C ASN B 282 3.65 -16.95 -10.33
N LEU B 283 3.16 -17.87 -11.16
CA LEU B 283 3.11 -17.61 -12.62
C LEU B 283 1.98 -16.62 -12.90
N GLU B 284 1.17 -16.29 -11.88
CA GLU B 284 0.10 -15.26 -12.03
C GLU B 284 -0.75 -15.71 -13.20
N ILE B 285 -1.05 -17.02 -13.29
CA ILE B 285 -1.77 -17.55 -14.49
C ILE B 285 -3.14 -16.88 -14.58
N THR B 286 -3.91 -16.85 -13.47
CA THR B 286 -5.23 -16.18 -13.44
C THR B 286 -5.26 -15.11 -12.35
N GLN B 287 -4.54 -15.33 -11.24
CA GLN B 287 -4.55 -14.40 -10.08
C GLN B 287 -3.12 -14.01 -9.72
N ASN B 288 -2.84 -12.71 -9.53
CA ASN B 288 -1.48 -12.21 -9.23
C ASN B 288 -1.12 -12.49 -7.77
N LEU B 289 0.15 -12.25 -7.39
CA LEU B 289 0.59 -12.44 -5.98
C LEU B 289 -0.24 -11.50 -5.10
N ALA B 290 -0.54 -10.28 -5.60
CA ALA B 290 -1.37 -9.30 -4.86
C ALA B 290 -2.83 -9.76 -4.76
N GLY B 291 -3.24 -10.74 -5.58
CA GLY B 291 -4.64 -11.22 -5.60
C GLY B 291 -5.48 -10.52 -6.66
N GLY B 292 -4.85 -9.63 -7.44
CA GLY B 292 -5.54 -8.91 -8.53
C GLY B 292 -5.71 -9.75 -9.77
N ALA B 293 -6.52 -9.28 -10.75
CA ALA B 293 -6.72 -9.98 -12.03
C ALA B 293 -5.99 -9.19 -13.13
N GLU B 294 -4.98 -8.40 -12.76
CA GLU B 294 -4.23 -7.53 -13.72
C GLU B 294 -2.81 -8.05 -13.86
N ASN B 295 -2.17 -7.81 -15.02
CA ASN B 295 -0.78 -8.27 -15.29
C ASN B 295 -0.74 -9.80 -15.22
N THR B 296 -1.85 -10.46 -15.57
CA THR B 296 -1.93 -11.94 -15.51
C THR B 296 -1.67 -12.51 -16.91
N LEU B 297 -1.28 -13.78 -17.01
CA LEU B 297 -1.11 -14.43 -18.34
C LEU B 297 -2.49 -14.39 -18.98
N ALA B 298 -3.53 -14.58 -18.17
CA ALA B 298 -4.92 -14.55 -18.69
C ALA B 298 -5.21 -13.16 -19.25
N SER B 299 -4.81 -12.08 -18.58
CA SER B 299 -5.18 -10.71 -19.04
C SER B 299 -4.65 -10.48 -20.45
N VAL B 300 -3.41 -10.92 -20.73
CA VAL B 300 -2.80 -10.81 -22.09
C VAL B 300 -3.40 -11.84 -23.08
N LEU B 301 -3.62 -13.09 -22.63
CA LEU B 301 -4.11 -14.16 -23.54
C LEU B 301 -5.64 -14.15 -23.62
N ASP B 302 -6.30 -13.27 -22.86
CA ASP B 302 -7.78 -13.35 -22.80
C ASP B 302 -8.44 -12.13 -23.46
N CYS B 303 -8.85 -12.28 -24.71
CA CYS B 303 -9.67 -11.25 -25.41
C CYS B 303 -10.85 -12.08 -25.91
N THR B 304 -11.16 -13.18 -25.20
CA THR B 304 -12.21 -14.12 -25.66
C THR B 304 -13.52 -13.38 -25.80
N VAL B 305 -14.28 -13.73 -26.84
CA VAL B 305 -15.53 -13.01 -27.15
C VAL B 305 -16.68 -13.46 -26.22
N THR B 306 -16.54 -14.62 -25.56
CA THR B 306 -17.57 -15.10 -24.59
C THR B 306 -16.87 -15.56 -23.31
N PRO B 307 -17.44 -15.32 -22.10
CA PRO B 307 -16.76 -15.67 -20.85
C PRO B 307 -16.46 -17.17 -20.79
N MET B 308 -17.33 -18.00 -21.38
CA MET B 308 -17.13 -19.47 -21.34
C MET B 308 -15.77 -19.79 -21.96
N GLY B 309 -15.39 -19.11 -23.03
CA GLY B 309 -14.09 -19.31 -23.67
C GLY B 309 -12.96 -18.98 -22.72
N SER B 310 -13.10 -17.89 -21.95
CA SER B 310 -12.08 -17.49 -20.95
C SER B 310 -11.96 -18.58 -19.90
N ARG B 311 -13.10 -19.09 -19.42
CA ARG B 311 -13.09 -20.14 -18.37
C ARG B 311 -12.47 -21.43 -18.92
N MET B 312 -12.82 -21.79 -20.16
CA MET B 312 -12.23 -22.99 -20.78
C MET B 312 -10.73 -22.75 -20.96
N LEU B 313 -10.35 -21.53 -21.34
CA LEU B 313 -8.92 -21.19 -21.49
C LEU B 313 -8.30 -21.31 -20.10
N LYS B 314 -8.96 -20.78 -19.07
CA LYS B 314 -8.43 -20.82 -17.68
C LYS B 314 -8.35 -22.28 -17.22
N ARG B 315 -9.35 -23.10 -17.56
CA ARG B 315 -9.31 -24.55 -17.19
C ARG B 315 -8.14 -25.19 -17.93
N TRP B 316 -7.98 -24.88 -19.22
CA TRP B 316 -6.90 -25.48 -20.03
C TRP B 316 -5.57 -25.06 -19.43
N LEU B 317 -5.47 -23.78 -19.01
CA LEU B 317 -4.23 -23.29 -18.36
C LEU B 317 -4.05 -24.05 -17.05
N HIS B 318 -5.11 -24.23 -16.27
CA HIS B 318 -5.07 -24.92 -14.95
C HIS B 318 -4.85 -26.43 -15.12
N MET B 319 -5.21 -27.00 -16.28
CA MET B 319 -5.01 -28.45 -16.55
C MET B 319 -4.38 -28.58 -17.94
N PRO B 320 -3.06 -28.36 -18.11
CA PRO B 320 -2.44 -28.56 -19.41
C PRO B 320 -2.51 -30.04 -19.80
N VAL B 321 -2.92 -30.35 -21.03
CA VAL B 321 -3.07 -31.76 -21.50
C VAL B 321 -1.70 -32.25 -21.99
N ARG B 322 -1.41 -33.55 -21.89
CA ARG B 322 -0.10 -34.12 -22.32
C ARG B 322 -0.19 -34.85 -23.68
N ASP B 323 -1.37 -35.34 -24.07
CA ASP B 323 -1.47 -36.17 -25.32
C ASP B 323 -1.17 -35.28 -26.54
N THR B 324 -0.26 -35.72 -27.40
CA THR B 324 0.17 -34.94 -28.59
C THR B 324 -0.99 -34.79 -29.60
N ARG B 325 -1.78 -35.85 -29.78
CA ARG B 325 -2.83 -35.85 -30.84
C ARG B 325 -3.82 -34.69 -30.61
N VAL B 326 -4.27 -34.48 -29.37
CA VAL B 326 -5.26 -33.41 -29.05
C VAL B 326 -4.63 -32.05 -29.38
N LEU B 327 -3.33 -31.89 -29.08
CA LEU B 327 -2.62 -30.62 -29.36
C LEU B 327 -2.42 -30.38 -30.86
N LEU B 328 -2.03 -31.42 -31.61
CA LEU B 328 -1.84 -31.29 -33.09
C LEU B 328 -3.18 -30.95 -33.72
N GLU B 329 -4.26 -31.52 -33.18
CA GLU B 329 -5.63 -31.23 -33.71
C GLU B 329 -5.93 -29.75 -33.50
N ARG B 330 -5.64 -29.21 -32.32
CA ARG B 330 -5.94 -27.79 -31.99
C ARG B 330 -5.10 -26.82 -32.83
N GLN B 331 -3.80 -27.10 -33.00
CA GLN B 331 -2.92 -26.17 -33.74
C GLN B 331 -3.33 -26.07 -35.20
N GLN B 332 -3.64 -27.20 -35.82
CA GLN B 332 -4.00 -27.20 -37.27
C GLN B 332 -5.26 -26.35 -37.39
N THR B 333 -6.18 -26.50 -36.43
CA THR B 333 -7.43 -25.73 -36.44
C THR B 333 -7.13 -24.23 -36.30
N ILE B 334 -6.25 -23.86 -35.35
CA ILE B 334 -5.92 -22.42 -35.11
C ILE B 334 -5.29 -21.82 -36.36
N GLY B 335 -4.39 -22.56 -37.03
CA GLY B 335 -3.73 -22.08 -38.26
C GLY B 335 -4.74 -21.85 -39.36
N ALA B 336 -5.69 -22.79 -39.51
CA ALA B 336 -6.76 -22.67 -40.53
C ALA B 336 -7.66 -21.48 -40.19
N LEU B 337 -7.96 -21.27 -38.91
CA LEU B 337 -8.85 -20.16 -38.45
C LEU B 337 -8.15 -18.80 -38.58
N GLN B 338 -6.81 -18.76 -38.60
CA GLN B 338 -6.07 -17.46 -38.56
C GLN B 338 -6.50 -16.55 -39.70
N ASP B 339 -6.70 -17.11 -40.91
CA ASP B 339 -7.12 -16.31 -42.09
C ASP B 339 -8.51 -15.70 -41.88
N PHE B 340 -9.43 -16.45 -41.27
CA PHE B 340 -10.85 -15.99 -41.12
C PHE B 340 -11.10 -15.38 -39.74
N THR B 341 -10.05 -15.13 -38.93
CA THR B 341 -10.26 -14.68 -37.53
C THR B 341 -11.08 -13.39 -37.48
N ALA B 342 -10.83 -12.45 -38.40
CA ALA B 342 -11.54 -11.15 -38.35
C ALA B 342 -13.03 -11.39 -38.55
N GLY B 343 -13.41 -12.28 -39.50
CA GLY B 343 -14.83 -12.64 -39.71
C GLY B 343 -15.41 -13.43 -38.55
N LEU B 344 -14.62 -14.34 -37.99
CA LEU B 344 -15.10 -15.25 -36.89
C LEU B 344 -15.37 -14.52 -35.58
N GLN B 345 -14.54 -13.55 -35.19
CA GLN B 345 -14.68 -12.94 -33.84
C GLN B 345 -16.03 -12.25 -33.60
N PRO B 346 -16.60 -11.42 -34.49
CA PRO B 346 -17.88 -10.76 -34.19
C PRO B 346 -19.03 -11.75 -34.04
N VAL B 347 -19.11 -12.77 -34.91
CA VAL B 347 -20.23 -13.75 -34.90
C VAL B 347 -20.20 -14.54 -33.59
N LEU B 348 -19.01 -14.94 -33.15
CA LEU B 348 -18.87 -15.75 -31.90
C LEU B 348 -19.22 -14.94 -30.65
N ARG B 349 -19.09 -13.60 -30.70
CA ARG B 349 -19.40 -12.72 -29.55
C ARG B 349 -20.90 -12.80 -29.23
N GLN B 350 -21.74 -12.94 -30.26
CA GLN B 350 -23.21 -12.95 -30.08
C GLN B 350 -23.72 -14.28 -29.52
N VAL B 351 -22.86 -15.29 -29.41
CA VAL B 351 -23.25 -16.65 -28.90
C VAL B 351 -23.75 -16.60 -27.45
N GLY B 352 -23.05 -15.88 -26.56
CA GLY B 352 -23.43 -15.82 -25.12
C GLY B 352 -22.82 -16.94 -24.28
N ASP B 353 -23.13 -16.99 -22.98
CA ASP B 353 -22.54 -17.99 -22.02
C ASP B 353 -23.33 -19.31 -22.11
N LEU B 354 -23.18 -20.08 -23.20
CA LEU B 354 -24.00 -21.31 -23.40
C LEU B 354 -23.77 -22.35 -22.31
N GLU B 355 -22.53 -22.56 -21.86
CA GLU B 355 -22.25 -23.68 -20.91
C GLU B 355 -22.99 -23.49 -19.58
N ARG B 356 -22.94 -22.31 -18.99
CA ARG B 356 -23.66 -22.02 -17.72
C ARG B 356 -25.16 -21.99 -17.97
N ILE B 357 -25.56 -21.50 -19.15
CA ILE B 357 -27.01 -21.44 -19.52
C ILE B 357 -27.56 -22.86 -19.56
N LEU B 358 -26.82 -23.80 -20.17
CA LEU B 358 -27.26 -25.22 -20.30
C LEU B 358 -27.37 -25.90 -18.94
N ALA B 359 -26.41 -25.63 -18.05
CA ALA B 359 -26.44 -26.21 -16.69
C ALA B 359 -27.64 -25.66 -15.91
N ARG B 360 -27.89 -24.35 -16.02
CA ARG B 360 -29.07 -23.75 -15.35
C ARG B 360 -30.33 -24.37 -15.97
N LEU B 361 -30.33 -24.59 -17.29
CA LEU B 361 -31.47 -25.24 -17.99
C LEU B 361 -31.61 -26.66 -17.44
N ALA B 362 -30.48 -27.36 -17.24
CA ALA B 362 -30.49 -28.75 -16.73
C ALA B 362 -31.04 -28.79 -15.30
N LEU B 363 -30.64 -27.81 -14.48
CA LEU B 363 -31.09 -27.75 -13.05
C LEU B 363 -32.53 -27.24 -13.00
N ARG B 364 -33.07 -26.81 -14.15
CA ARG B 364 -34.45 -26.26 -14.23
C ARG B 364 -34.46 -24.91 -13.51
N THR B 365 -33.30 -24.25 -13.42
CA THR B 365 -33.17 -22.93 -12.75
C THR B 365 -32.74 -21.84 -13.74
N ALA B 366 -32.83 -22.10 -15.05
CA ALA B 366 -32.48 -21.10 -16.08
C ALA B 366 -33.53 -19.98 -16.13
N ARG B 367 -33.16 -18.79 -16.60
CA ARG B 367 -34.08 -17.62 -16.68
C ARG B 367 -34.26 -17.24 -18.15
N PRO B 368 -35.37 -16.58 -18.57
CA PRO B 368 -35.63 -16.31 -19.99
C PRO B 368 -34.52 -15.50 -20.67
N ARG B 369 -33.81 -14.65 -19.93
CA ARG B 369 -32.69 -13.83 -20.48
C ARG B 369 -31.63 -14.80 -21.02
N ASP B 370 -31.42 -15.93 -20.32
CA ASP B 370 -30.48 -16.98 -20.76
C ASP B 370 -30.99 -17.66 -22.03
N LEU B 371 -32.31 -17.89 -22.10
CA LEU B 371 -32.94 -18.53 -23.29
C LEU B 371 -32.80 -17.63 -24.52
N ALA B 372 -32.85 -16.31 -24.34
CA ALA B 372 -32.66 -15.38 -25.47
C ALA B 372 -31.25 -15.56 -26.04
N ARG B 373 -30.24 -15.71 -25.16
CA ARG B 373 -28.84 -15.97 -25.60
C ARG B 373 -28.73 -17.33 -26.28
N MET B 374 -29.47 -18.33 -25.79
CA MET B 374 -29.45 -19.70 -26.38
C MET B 374 -30.01 -19.69 -27.80
N ARG B 375 -31.15 -19.03 -28.02
CA ARG B 375 -31.78 -18.91 -29.37
C ARG B 375 -30.87 -18.05 -30.24
N HIS B 376 -30.26 -17.01 -29.65
CA HIS B 376 -29.33 -16.11 -30.39
C HIS B 376 -28.13 -16.91 -30.88
N ALA B 377 -27.59 -17.79 -30.02
CA ALA B 377 -26.45 -18.66 -30.39
C ALA B 377 -26.88 -19.59 -31.51
N PHE B 378 -28.12 -20.09 -31.45
CA PHE B 378 -28.66 -21.00 -32.49
C PHE B 378 -28.73 -20.24 -33.82
N GLN B 379 -29.07 -18.95 -33.80
CA GLN B 379 -29.10 -18.09 -35.02
C GLN B 379 -27.68 -17.92 -35.59
N GLN B 380 -26.68 -17.78 -34.71
CA GLN B 380 -25.25 -17.59 -35.13
C GLN B 380 -24.65 -18.88 -35.69
N LEU B 381 -25.18 -20.05 -35.31
CA LEU B 381 -24.58 -21.35 -35.74
C LEU B 381 -24.56 -21.53 -37.26
N PRO B 382 -25.64 -21.27 -38.03
CA PRO B 382 -25.58 -21.49 -39.48
C PRO B 382 -24.50 -20.66 -40.17
N GLU B 383 -24.34 -19.38 -39.81
CA GLU B 383 -23.28 -18.52 -40.40
C GLU B 383 -21.92 -19.10 -40.01
N LEU B 384 -21.78 -19.57 -38.77
CA LEU B 384 -20.50 -20.20 -38.34
C LEU B 384 -20.28 -21.43 -39.22
N ARG B 385 -21.32 -22.24 -39.42
CA ARG B 385 -21.20 -23.47 -40.24
C ARG B 385 -20.79 -23.07 -41.67
N ALA B 386 -21.33 -21.97 -42.18
CA ALA B 386 -20.97 -21.48 -43.53
C ALA B 386 -19.50 -21.08 -43.59
N GLN B 387 -19.02 -20.31 -42.59
CA GLN B 387 -17.60 -19.85 -42.57
C GLN B 387 -16.69 -21.05 -42.35
N LEU B 388 -17.09 -21.98 -41.49
CA LEU B 388 -16.27 -23.18 -41.15
C LEU B 388 -16.22 -24.15 -42.34
N GLU B 389 -17.28 -24.19 -43.15
CA GLU B 389 -17.34 -25.12 -44.31
C GLU B 389 -16.22 -24.81 -45.31
N THR B 390 -15.97 -23.52 -45.58
CA THR B 390 -14.90 -23.10 -46.54
C THR B 390 -13.54 -23.51 -45.98
N VAL B 391 -13.38 -23.45 -44.66
CA VAL B 391 -12.08 -23.80 -44.00
C VAL B 391 -11.76 -25.26 -44.32
N ASP B 392 -10.52 -25.53 -44.76
CA ASP B 392 -10.13 -26.92 -45.13
C ASP B 392 -9.27 -27.51 -44.01
N SER B 393 -9.90 -28.20 -43.05
CA SER B 393 -9.16 -28.89 -41.96
C SER B 393 -10.07 -29.98 -41.39
N ALA B 394 -9.51 -31.15 -41.05
CA ALA B 394 -10.33 -32.27 -40.53
C ALA B 394 -10.98 -31.93 -39.17
N PRO B 395 -10.28 -31.35 -38.17
CA PRO B 395 -10.91 -31.02 -36.90
C PRO B 395 -11.97 -29.92 -37.03
N VAL B 396 -11.76 -28.93 -37.92
CA VAL B 396 -12.70 -27.78 -38.06
C VAL B 396 -14.05 -28.32 -38.51
N GLN B 397 -14.06 -29.26 -39.47
CA GLN B 397 -15.32 -29.89 -39.96
C GLN B 397 -15.90 -30.75 -38.83
N ALA B 398 -15.04 -31.42 -38.06
CA ALA B 398 -15.49 -32.25 -36.92
C ALA B 398 -16.14 -31.34 -35.87
N LEU B 399 -15.53 -30.18 -35.60
CA LEU B 399 -16.10 -29.19 -34.65
C LEU B 399 -17.42 -28.69 -35.21
N ARG B 400 -17.49 -28.50 -36.54
CA ARG B 400 -18.72 -27.99 -37.20
C ARG B 400 -19.86 -29.00 -36.98
N GLU B 401 -19.56 -30.29 -37.10
CA GLU B 401 -20.57 -31.37 -36.87
C GLU B 401 -20.97 -31.40 -35.40
N LYS B 402 -20.00 -31.20 -34.49
CA LYS B 402 -20.26 -31.27 -33.02
C LYS B 402 -21.23 -30.17 -32.57
N MET B 403 -21.13 -28.95 -33.13
CA MET B 403 -22.07 -27.84 -32.80
C MET B 403 -23.49 -28.17 -33.28
N GLY B 404 -23.61 -28.79 -34.47
CA GLY B 404 -24.93 -29.21 -34.97
C GLY B 404 -25.75 -28.03 -35.45
N GLU B 405 -27.04 -28.25 -35.74
CA GLU B 405 -27.92 -27.16 -36.22
C GLU B 405 -28.89 -26.71 -35.14
N PHE B 406 -29.64 -27.66 -34.53
CA PHE B 406 -30.65 -27.33 -33.50
C PHE B 406 -31.62 -26.29 -34.08
N ALA B 407 -31.88 -26.36 -35.38
CA ALA B 407 -32.75 -25.38 -36.07
C ALA B 407 -34.20 -25.52 -35.57
N GLU B 408 -34.65 -26.75 -35.34
CA GLU B 408 -36.03 -27.00 -34.84
C GLU B 408 -36.17 -26.39 -33.45
N LEU B 409 -35.12 -26.53 -32.63
CA LEU B 409 -35.13 -25.95 -31.25
C LEU B 409 -35.13 -24.43 -31.33
N ARG B 410 -34.37 -23.86 -32.28
CA ARG B 410 -34.33 -22.39 -32.46
C ARG B 410 -35.74 -21.94 -32.85
N ASP B 411 -36.40 -22.70 -33.74
CA ASP B 411 -37.78 -22.35 -34.19
C ASP B 411 -38.69 -22.40 -32.97
N LEU B 412 -38.53 -23.44 -32.15
CA LEU B 412 -39.38 -23.58 -30.94
C LEU B 412 -39.13 -22.40 -30.00
N LEU B 413 -37.86 -22.01 -29.82
CA LEU B 413 -37.51 -20.88 -28.92
C LEU B 413 -38.05 -19.56 -29.49
N GLU B 414 -37.92 -19.37 -30.81
CA GLU B 414 -38.45 -18.14 -31.46
C GLU B 414 -39.96 -18.12 -31.26
N ARG B 415 -40.62 -19.28 -31.35
CA ARG B 415 -42.08 -19.40 -31.11
C ARG B 415 -42.43 -19.24 -29.62
N ALA B 416 -41.57 -19.71 -28.71
CA ALA B 416 -41.90 -19.72 -27.27
C ALA B 416 -41.28 -18.58 -26.44
N ILE B 417 -40.49 -17.69 -27.04
CA ILE B 417 -39.84 -16.56 -26.29
C ILE B 417 -39.87 -15.31 -27.16
N ILE B 418 -40.06 -14.13 -26.56
CA ILE B 418 -40.02 -12.85 -27.34
C ILE B 418 -38.55 -12.43 -27.46
N ALA B 526 -47.31 -11.72 -15.57
CA ALA B 526 -46.96 -12.72 -16.60
C ALA B 526 -45.64 -13.40 -16.23
N LEU B 527 -45.09 -13.11 -15.04
CA LEU B 527 -43.86 -13.80 -14.58
C LEU B 527 -44.20 -15.29 -14.46
N ALA B 528 -45.41 -15.60 -13.94
CA ALA B 528 -45.85 -17.00 -13.79
C ALA B 528 -45.92 -17.64 -15.18
N LEU B 529 -46.45 -16.92 -16.17
CA LEU B 529 -46.62 -17.48 -17.52
C LEU B 529 -45.25 -17.74 -18.15
N GLU B 530 -44.32 -16.80 -18.03
CA GLU B 530 -42.96 -16.97 -18.59
C GLU B 530 -42.25 -18.10 -17.84
N LYS B 531 -42.47 -18.19 -16.52
CA LYS B 531 -41.85 -19.27 -15.70
C LYS B 531 -42.39 -20.61 -16.20
N GLN B 532 -43.69 -20.68 -16.47
CA GLN B 532 -44.29 -21.93 -17.01
C GLN B 532 -43.62 -22.22 -18.35
N LEU B 533 -43.38 -21.17 -19.14
CA LEU B 533 -42.81 -21.39 -20.50
C LEU B 533 -41.42 -22.03 -20.39
N TYR B 534 -40.54 -21.49 -19.55
CA TYR B 534 -39.15 -22.03 -19.49
C TYR B 534 -39.19 -23.45 -18.90
N GLU B 535 -40.09 -23.70 -17.95
CA GLU B 535 -40.21 -25.08 -17.40
C GLU B 535 -40.58 -26.03 -18.53
N GLU B 536 -41.51 -25.62 -19.39
CA GLU B 536 -41.91 -26.47 -20.54
C GLU B 536 -40.68 -26.65 -21.43
N LEU B 537 -39.91 -25.58 -21.63
CA LEU B 537 -38.72 -25.63 -22.52
C LEU B 537 -37.68 -26.60 -21.95
N PHE B 538 -37.52 -26.64 -20.63
CA PHE B 538 -36.51 -27.53 -20.01
C PHE B 538 -36.87 -28.96 -20.41
N ASP B 539 -38.16 -29.31 -20.35
CA ASP B 539 -38.60 -30.69 -20.70
C ASP B 539 -38.30 -30.95 -22.17
N LEU B 540 -38.57 -29.98 -23.04
CA LEU B 540 -38.39 -30.14 -24.50
C LEU B 540 -36.91 -30.31 -24.86
N LEU B 541 -36.01 -29.59 -24.18
CA LEU B 541 -34.57 -29.60 -24.54
C LEU B 541 -33.83 -30.73 -23.80
N LEU B 542 -34.51 -31.49 -22.93
CA LEU B 542 -33.83 -32.54 -22.14
C LEU B 542 -33.25 -33.63 -23.05
N PRO B 543 -33.96 -34.21 -24.04
CA PRO B 543 -33.39 -35.30 -24.85
C PRO B 543 -32.13 -34.83 -25.57
N HIS B 544 -32.13 -33.57 -26.03
CA HIS B 544 -30.98 -33.03 -26.80
C HIS B 544 -29.96 -32.40 -25.86
N LEU B 545 -30.19 -32.42 -24.53
CA LEU B 545 -29.29 -31.72 -23.58
C LEU B 545 -27.87 -32.28 -23.76
N GLU B 546 -27.74 -33.59 -23.97
CA GLU B 546 -26.40 -34.21 -24.18
C GLU B 546 -25.74 -33.59 -25.41
N ALA B 547 -26.50 -33.45 -26.51
CA ALA B 547 -25.98 -32.83 -27.76
C ALA B 547 -25.67 -31.35 -27.53
N LEU B 548 -26.54 -30.65 -26.78
CA LEU B 548 -26.35 -29.20 -26.49
C LEU B 548 -25.08 -29.05 -25.66
N GLN B 549 -24.86 -29.95 -24.69
CA GLN B 549 -23.64 -29.90 -23.84
C GLN B 549 -22.42 -30.12 -24.75
N GLN B 550 -22.52 -31.04 -25.71
CA GLN B 550 -21.43 -31.27 -26.68
C GLN B 550 -21.25 -29.99 -27.52
N SER B 551 -22.35 -29.33 -27.88
CA SER B 551 -22.30 -28.07 -28.68
C SER B 551 -21.58 -26.95 -27.92
N ALA B 552 -21.89 -26.77 -26.63
CA ALA B 552 -21.25 -25.72 -25.80
C ALA B 552 -19.76 -26.02 -25.68
N SER B 553 -19.41 -27.30 -25.55
CA SER B 553 -17.99 -27.70 -25.46
C SER B 553 -17.28 -27.28 -26.74
N ALA B 554 -17.89 -27.54 -27.90
CA ALA B 554 -17.30 -27.13 -29.21
C ALA B 554 -17.29 -25.61 -29.36
N LEU B 555 -18.37 -24.92 -28.96
CA LEU B 555 -18.45 -23.45 -29.16
C LEU B 555 -17.38 -22.73 -28.33
N ALA B 556 -17.26 -23.09 -27.05
CA ALA B 556 -16.24 -22.46 -26.18
C ALA B 556 -14.87 -22.87 -26.70
N GLU B 557 -14.72 -24.12 -27.15
CA GLU B 557 -13.43 -24.64 -27.68
C GLU B 557 -13.08 -23.80 -28.90
N LEU B 558 -14.05 -23.53 -29.78
CA LEU B 558 -13.80 -22.74 -31.02
C LEU B 558 -13.40 -21.31 -30.62
N ASP B 559 -14.07 -20.72 -29.62
CA ASP B 559 -13.78 -19.33 -29.21
C ASP B 559 -12.32 -19.27 -28.78
N VAL B 560 -11.87 -20.28 -28.01
CA VAL B 560 -10.47 -20.27 -27.49
C VAL B 560 -9.54 -20.34 -28.70
N LEU B 561 -9.82 -21.22 -29.67
CA LEU B 561 -8.88 -21.39 -30.81
C LEU B 561 -8.84 -20.09 -31.62
N VAL B 562 -10.00 -19.45 -31.83
CA VAL B 562 -10.07 -18.17 -32.60
C VAL B 562 -9.34 -17.08 -31.83
N ASN B 563 -9.54 -17.02 -30.51
CA ASN B 563 -8.90 -15.96 -29.69
C ASN B 563 -7.39 -16.15 -29.78
N LEU B 564 -6.93 -17.39 -29.68
CA LEU B 564 -5.47 -17.69 -29.74
C LEU B 564 -4.96 -17.30 -31.13
N ALA B 565 -5.73 -17.58 -32.18
CA ALA B 565 -5.33 -17.21 -33.56
C ALA B 565 -5.25 -15.68 -33.67
N GLU B 566 -6.20 -14.95 -33.09
CA GLU B 566 -6.20 -13.47 -33.18
C GLU B 566 -4.94 -12.96 -32.49
N ARG B 567 -4.65 -13.50 -31.31
CA ARG B 567 -3.45 -13.09 -30.55
C ARG B 567 -2.23 -13.47 -31.38
N ALA B 568 -2.27 -14.63 -32.03
CA ALA B 568 -1.13 -15.08 -32.86
C ALA B 568 -0.92 -14.09 -34.00
N TYR B 569 -2.00 -13.65 -34.65
CA TYR B 569 -1.88 -12.72 -35.80
C TYR B 569 -1.36 -11.37 -35.32
N THR B 570 -1.91 -10.85 -34.21
CA THR B 570 -1.51 -9.52 -33.68
C THR B 570 -0.10 -9.53 -33.11
N LEU B 571 0.24 -10.56 -32.31
CA LEU B 571 1.55 -10.58 -31.57
C LEU B 571 2.55 -11.51 -32.26
N ASN B 572 2.29 -11.90 -33.52
CA ASN B 572 3.26 -12.71 -34.30
C ASN B 572 3.62 -14.00 -33.56
N TYR B 573 2.63 -14.72 -33.04
CA TYR B 573 2.89 -16.04 -32.40
C TYR B 573 3.06 -17.12 -33.48
N THR B 574 4.01 -18.06 -33.29
CA THR B 574 4.26 -19.15 -34.27
C THR B 574 3.98 -20.50 -33.59
N CYS B 575 3.42 -21.47 -34.32
CA CYS B 575 3.09 -22.80 -33.75
C CYS B 575 4.33 -23.54 -33.26
N PRO B 576 4.32 -24.17 -32.08
CA PRO B 576 5.45 -24.98 -31.64
C PRO B 576 5.30 -26.50 -31.87
N THR B 577 6.28 -27.11 -32.56
CA THR B 577 6.23 -28.57 -32.85
C THR B 577 6.51 -29.36 -31.56
N PHE B 578 5.90 -30.54 -31.40
CA PHE B 578 6.11 -31.40 -30.21
C PHE B 578 7.18 -32.45 -30.53
N ILE B 579 8.12 -32.67 -29.61
CA ILE B 579 9.23 -33.66 -29.83
C ILE B 579 9.14 -34.71 -28.74
N ASP B 580 9.57 -35.95 -29.01
CA ASP B 580 9.48 -37.08 -28.04
C ASP B 580 10.37 -36.86 -26.81
N LYS B 581 11.57 -36.30 -27.02
CA LYS B 581 12.54 -36.12 -25.90
C LYS B 581 12.12 -34.92 -25.04
N PRO B 582 12.21 -34.93 -23.68
CA PRO B 582 11.73 -33.81 -22.87
C PRO B 582 12.71 -32.62 -22.84
N GLY B 583 12.76 -31.84 -23.93
CA GLY B 583 13.60 -30.62 -24.00
C GLY B 583 12.85 -29.47 -24.64
N ILE B 584 13.07 -28.23 -24.18
CA ILE B 584 12.38 -27.01 -24.72
C ILE B 584 13.40 -26.13 -25.45
N ARG B 585 13.27 -25.95 -26.76
CA ARG B 585 14.18 -25.05 -27.52
C ARG B 585 13.36 -23.85 -28.01
N ILE B 586 13.76 -22.63 -27.65
CA ILE B 586 12.99 -21.39 -28.00
C ILE B 586 13.90 -20.48 -28.83
N THR B 587 13.36 -19.83 -29.87
CA THR B 587 14.15 -18.85 -30.67
C THR B 587 13.42 -17.50 -30.61
N GLU B 588 14.14 -16.41 -30.31
CA GLU B 588 13.53 -15.06 -30.21
C GLU B 588 12.36 -15.08 -29.21
N GLY B 589 12.56 -15.68 -28.03
CA GLY B 589 11.50 -15.79 -27.02
C GLY B 589 11.12 -14.45 -26.43
N ARG B 590 9.81 -14.13 -26.41
CA ARG B 590 9.32 -12.87 -25.82
C ARG B 590 8.32 -13.17 -24.69
N HIS B 591 8.57 -12.67 -23.48
CA HIS B 591 7.64 -12.86 -22.34
C HIS B 591 6.33 -12.18 -22.71
N PRO B 592 5.15 -12.84 -22.57
CA PRO B 592 3.92 -12.22 -23.03
C PRO B 592 3.42 -10.98 -22.25
N VAL B 593 3.38 -11.04 -20.92
CA VAL B 593 2.74 -9.92 -20.15
C VAL B 593 3.54 -8.61 -20.28
N VAL B 594 4.85 -8.65 -20.08
CA VAL B 594 5.67 -7.40 -20.05
C VAL B 594 5.72 -6.73 -21.44
N GLU B 595 5.74 -7.52 -22.52
CA GLU B 595 5.73 -6.92 -23.88
C GLU B 595 4.36 -6.28 -24.16
N GLN B 596 3.36 -6.58 -23.33
CA GLN B 596 1.99 -6.01 -23.51
C GLN B 596 1.64 -4.95 -22.46
N VAL B 597 2.53 -4.67 -21.50
CA VAL B 597 2.27 -3.59 -20.50
C VAL B 597 3.44 -2.59 -20.44
N LEU B 598 4.40 -2.67 -21.36
CA LEU B 598 5.62 -1.82 -21.28
C LEU B 598 5.80 -0.97 -22.56
N ASN B 599 6.00 0.35 -22.39
CA ASN B 599 6.13 1.27 -23.56
C ASN B 599 7.39 0.96 -24.37
N GLU B 600 8.54 0.79 -23.71
CA GLU B 600 9.82 0.59 -24.43
C GLU B 600 9.84 -0.81 -25.04
N PRO B 601 10.56 -1.07 -26.15
CA PRO B 601 10.48 -2.38 -26.79
C PRO B 601 10.98 -3.54 -25.92
N PHE B 602 10.19 -4.62 -25.84
CA PHE B 602 10.70 -5.82 -25.13
C PHE B 602 11.78 -6.40 -26.03
N ILE B 603 12.95 -6.75 -25.48
CA ILE B 603 14.01 -7.39 -26.30
C ILE B 603 13.85 -8.90 -26.14
N ALA B 604 13.59 -9.61 -27.24
CA ALA B 604 13.35 -11.07 -27.21
C ALA B 604 14.67 -11.82 -27.03
N ASN B 605 14.63 -13.02 -26.43
CA ASN B 605 15.87 -13.81 -26.18
C ASN B 605 15.64 -15.30 -26.43
N PRO B 606 16.55 -16.01 -27.12
CA PRO B 606 16.42 -17.46 -27.29
C PRO B 606 16.79 -18.25 -26.03
N LEU B 607 16.18 -19.43 -25.84
CA LEU B 607 16.51 -20.31 -24.69
C LEU B 607 16.64 -21.74 -25.22
N ASN B 608 17.54 -22.56 -24.66
CA ASN B 608 17.64 -23.99 -25.06
C ASN B 608 17.64 -24.89 -23.83
N LEU B 609 16.73 -25.87 -23.78
CA LEU B 609 16.69 -26.86 -22.67
C LEU B 609 16.71 -28.23 -23.35
N SER B 610 17.51 -29.17 -22.86
CA SER B 610 17.67 -30.49 -23.53
C SER B 610 18.03 -31.54 -22.47
N PRO B 611 18.21 -32.84 -22.81
CA PRO B 611 18.63 -33.79 -21.80
C PRO B 611 19.95 -33.24 -21.25
N GLN B 612 20.78 -32.63 -22.10
CA GLN B 612 22.06 -32.03 -21.65
C GLN B 612 21.91 -30.58 -21.14
N ARG B 613 21.02 -29.76 -21.71
CA ARG B 613 20.94 -28.32 -21.33
C ARG B 613 19.80 -28.16 -20.32
N ARG B 614 19.58 -29.18 -19.49
CA ARG B 614 18.43 -29.18 -18.52
C ARG B 614 18.50 -28.02 -17.52
N MET B 615 19.69 -27.68 -17.00
CA MET B 615 19.78 -26.65 -15.93
C MET B 615 20.40 -25.35 -16.45
N LEU B 616 19.74 -24.21 -16.17
CA LEU B 616 20.31 -22.89 -16.52
C LEU B 616 20.36 -22.02 -15.26
N ILE B 617 21.55 -21.55 -14.87
CA ILE B 617 21.66 -20.63 -13.71
C ILE B 617 21.47 -19.21 -14.25
N ILE B 618 20.52 -18.45 -13.69
CA ILE B 618 20.26 -17.05 -14.16
C ILE B 618 20.84 -16.09 -13.13
N THR B 619 21.75 -15.21 -13.55
CA THR B 619 22.43 -14.24 -12.65
C THR B 619 22.40 -12.87 -13.35
N GLY B 620 22.86 -11.82 -12.66
CA GLY B 620 22.91 -10.47 -13.26
C GLY B 620 22.15 -9.48 -12.41
N PRO B 621 22.03 -8.20 -12.86
CA PRO B 621 21.38 -7.16 -12.07
C PRO B 621 19.91 -7.34 -11.70
N ASN B 622 19.53 -6.81 -10.53
CA ASN B 622 18.09 -6.79 -10.12
C ASN B 622 17.48 -5.71 -11.00
N MET B 623 16.17 -5.78 -11.25
CA MET B 623 15.52 -4.86 -12.21
C MET B 623 16.20 -5.12 -13.57
N GLY B 624 16.74 -6.32 -13.75
CA GLY B 624 17.38 -6.73 -15.03
C GLY B 624 16.59 -7.88 -15.62
N GLY B 625 15.36 -8.08 -15.15
CA GLY B 625 14.53 -9.21 -15.61
C GLY B 625 15.19 -10.55 -15.35
N LYS B 626 15.88 -10.72 -14.22
CA LYS B 626 16.41 -12.08 -13.91
C LYS B 626 15.20 -13.01 -13.78
N SER B 627 14.16 -12.56 -13.05
CA SER B 627 12.91 -13.34 -12.87
C SER B 627 12.08 -13.44 -14.15
N THR B 628 11.94 -12.36 -14.92
CA THR B 628 11.04 -12.37 -16.10
C THR B 628 11.50 -13.41 -17.14
N TYR B 629 12.81 -13.61 -17.30
CA TYR B 629 13.31 -14.53 -18.37
C TYR B 629 12.79 -15.95 -18.12
N MET B 630 12.90 -16.43 -16.87
CA MET B 630 12.44 -17.81 -16.57
C MET B 630 10.91 -17.88 -16.71
N ARG B 631 10.19 -16.85 -16.25
CA ARG B 631 8.71 -16.86 -16.32
C ARG B 631 8.33 -16.98 -17.79
N GLN B 632 9.10 -16.34 -18.68
CA GLN B 632 8.79 -16.38 -20.14
C GLN B 632 8.83 -17.84 -20.60
N THR B 633 9.86 -18.60 -20.20
CA THR B 633 9.99 -20.01 -20.68
C THR B 633 8.83 -20.84 -20.14
N ALA B 634 8.51 -20.70 -18.85
CA ALA B 634 7.48 -21.55 -18.25
C ALA B 634 6.12 -21.25 -18.88
N LEU B 635 5.80 -19.97 -19.05
CA LEU B 635 4.49 -19.58 -19.64
C LEU B 635 4.46 -20.08 -21.09
N ILE B 636 5.59 -20.00 -21.80
CA ILE B 636 5.66 -20.55 -23.19
C ILE B 636 5.45 -22.06 -23.12
N ALA B 637 6.11 -22.75 -22.18
CA ALA B 637 6.02 -24.21 -22.08
C ALA B 637 4.57 -24.58 -21.72
N LEU B 638 3.96 -23.81 -20.82
CA LEU B 638 2.54 -24.04 -20.43
C LEU B 638 1.65 -23.79 -21.65
N MET B 639 1.89 -22.69 -22.37
CA MET B 639 1.07 -22.33 -23.57
C MET B 639 1.26 -23.37 -24.68
N ALA B 640 2.43 -23.97 -24.78
CA ALA B 640 2.68 -25.03 -25.79
C ALA B 640 1.79 -26.24 -25.49
N TYR B 641 1.61 -26.57 -24.20
CA TYR B 641 0.78 -27.74 -23.81
C TYR B 641 -0.71 -27.40 -23.73
N ILE B 642 -1.11 -26.13 -23.81
CA ILE B 642 -2.57 -25.82 -23.91
C ILE B 642 -2.89 -25.96 -25.40
N GLY B 643 -1.87 -26.12 -26.26
CA GLY B 643 -2.07 -26.31 -27.71
C GLY B 643 -2.05 -25.01 -28.50
N SER B 644 -1.80 -23.86 -27.86
CA SER B 644 -1.80 -22.52 -28.52
C SER B 644 -0.48 -22.22 -29.23
N TYR B 645 -0.42 -21.11 -29.99
CA TYR B 645 0.85 -20.67 -30.62
C TYR B 645 1.67 -19.95 -29.54
N VAL B 646 2.95 -19.65 -29.80
CA VAL B 646 3.82 -19.07 -28.74
C VAL B 646 4.39 -17.73 -29.19
N PRO B 647 4.60 -16.73 -28.29
CA PRO B 647 5.20 -15.45 -28.69
C PRO B 647 6.70 -15.61 -28.93
N ALA B 648 7.07 -16.18 -30.07
CA ALA B 648 8.48 -16.42 -30.43
C ALA B 648 8.53 -16.71 -31.93
N GLN B 649 9.72 -16.85 -32.52
CA GLN B 649 9.86 -17.28 -33.95
C GLN B 649 9.55 -18.78 -34.10
N LYS B 650 10.07 -19.60 -33.20
CA LYS B 650 9.84 -21.07 -33.25
C LYS B 650 10.00 -21.68 -31.86
N VAL B 651 9.14 -22.61 -31.44
CA VAL B 651 9.34 -23.32 -30.13
C VAL B 651 9.27 -24.82 -30.38
N GLU B 652 10.14 -25.59 -29.73
CA GLU B 652 10.12 -27.08 -29.83
C GLU B 652 9.96 -27.56 -28.39
N ILE B 653 8.93 -28.36 -28.08
CA ILE B 653 8.65 -28.72 -26.65
C ILE B 653 8.72 -30.24 -26.46
N GLY B 654 9.25 -30.69 -25.32
CA GLY B 654 9.34 -32.13 -25.00
C GLY B 654 8.35 -32.47 -23.90
N PRO B 655 7.87 -33.73 -23.75
CA PRO B 655 6.81 -34.04 -22.79
C PRO B 655 7.17 -33.63 -21.36
N ILE B 656 6.24 -33.00 -20.65
CA ILE B 656 6.48 -32.51 -19.27
C ILE B 656 5.37 -33.03 -18.37
N ASP B 657 5.71 -33.67 -17.24
CA ASP B 657 4.69 -34.21 -16.30
C ASP B 657 4.29 -33.17 -15.25
N ARG B 658 5.24 -32.35 -14.76
CA ARG B 658 4.93 -31.39 -13.66
C ARG B 658 5.67 -30.07 -13.84
N ILE B 659 5.04 -28.92 -13.52
CA ILE B 659 5.75 -27.61 -13.56
C ILE B 659 5.88 -27.10 -12.12
N PHE B 660 7.10 -26.98 -11.61
CA PHE B 660 7.34 -26.56 -10.20
C PHE B 660 7.98 -25.17 -10.22
N THR B 661 7.55 -24.28 -9.33
CA THR B 661 8.15 -22.92 -9.22
C THR B 661 8.31 -22.54 -7.76
N ARG B 662 9.42 -21.88 -7.40
CA ARG B 662 9.61 -21.38 -6.01
C ARG B 662 10.00 -19.91 -6.12
N VAL B 663 9.03 -19.03 -6.42
CA VAL B 663 9.33 -17.58 -6.59
C VAL B 663 9.86 -17.00 -5.28
N GLY B 664 10.76 -16.03 -5.36
CA GLY B 664 11.42 -15.51 -4.14
C GLY B 664 10.75 -14.29 -3.52
N ALA B 665 11.49 -13.54 -2.72
CA ALA B 665 10.97 -12.31 -2.05
C ALA B 665 9.78 -12.63 -1.16
N ALA B 666 9.88 -13.68 -0.34
CA ALA B 666 8.77 -14.03 0.58
C ALA B 666 9.02 -13.41 1.96
N ASP B 667 8.19 -12.43 2.35
CA ASP B 667 8.35 -11.75 3.65
C ASP B 667 7.03 -11.82 4.44
N ASP B 668 6.22 -12.84 4.17
CA ASP B 668 4.92 -13.00 4.86
C ASP B 668 4.94 -14.25 5.73
N LEU B 669 4.60 -14.11 7.01
CA LEU B 669 4.56 -15.27 7.94
C LEU B 669 3.21 -16.00 7.82
N ARG B 673 3.93 -20.91 10.68
CA ARG B 673 4.86 -21.15 9.55
C ARG B 673 5.62 -19.85 9.24
N SER B 674 6.90 -19.77 9.60
CA SER B 674 7.73 -18.57 9.31
C SER B 674 8.01 -18.51 7.81
N THR B 675 8.51 -17.39 7.30
CA THR B 675 8.70 -17.25 5.84
C THR B 675 9.62 -18.35 5.32
N PHE B 676 10.73 -18.59 6.02
CA PHE B 676 11.72 -19.61 5.56
C PHE B 676 11.09 -20.99 5.65
N MET B 677 10.25 -21.24 6.67
CA MET B 677 9.56 -22.55 6.79
C MET B 677 8.66 -22.74 5.57
N VAL B 678 7.88 -21.73 5.19
CA VAL B 678 7.00 -21.82 3.99
C VAL B 678 7.91 -22.04 2.79
N GLU B 679 9.06 -21.37 2.78
CA GLU B 679 10.00 -21.46 1.63
C GLU B 679 10.49 -22.90 1.46
N MET B 680 10.91 -23.55 2.54
CA MET B 680 11.43 -24.93 2.47
C MET B 680 10.28 -25.93 2.26
N THR B 681 9.06 -25.60 2.70
CA THR B 681 7.90 -26.54 2.57
C THR B 681 7.64 -26.81 1.08
N GLU B 682 7.64 -25.76 0.27
CA GLU B 682 7.42 -25.89 -1.19
C GLU B 682 8.65 -26.57 -1.83
N THR B 683 9.86 -26.25 -1.36
CA THR B 683 11.09 -26.91 -1.87
C THR B 683 11.06 -28.40 -1.51
N ALA B 684 10.66 -28.74 -0.28
CA ALA B 684 10.60 -30.15 0.15
C ALA B 684 9.61 -30.85 -0.76
N ASN B 685 8.50 -30.18 -1.06
CA ASN B 685 7.43 -30.76 -1.90
C ASN B 685 8.00 -31.08 -3.29
N ILE B 686 8.78 -30.16 -3.86
CA ILE B 686 9.34 -30.34 -5.23
C ILE B 686 10.32 -31.50 -5.23
N LEU B 687 11.23 -31.56 -4.26
CA LEU B 687 12.33 -32.56 -4.29
C LEU B 687 11.79 -33.97 -3.99
N HIS B 688 10.56 -34.08 -3.44
CA HIS B 688 9.93 -35.41 -3.23
C HIS B 688 9.07 -35.81 -4.43
N ASN B 689 8.44 -34.84 -5.11
CA ASN B 689 7.47 -35.17 -6.19
C ASN B 689 7.99 -34.84 -7.60
N ALA B 690 9.26 -34.46 -7.76
CA ALA B 690 9.83 -34.10 -9.08
C ALA B 690 10.43 -35.33 -9.76
N THR B 691 10.32 -35.43 -11.09
CA THR B 691 10.83 -36.60 -11.87
C THR B 691 11.63 -36.12 -13.09
N GLU B 692 11.98 -37.02 -14.02
CA GLU B 692 12.74 -36.68 -15.26
C GLU B 692 11.95 -35.76 -16.18
N TYR B 693 10.61 -35.81 -16.15
CA TYR B 693 9.76 -35.03 -17.08
C TYR B 693 9.32 -33.71 -16.42
N SER B 694 9.91 -33.33 -15.28
CA SER B 694 9.46 -32.12 -14.54
C SER B 694 10.19 -30.86 -15.01
N LEU B 695 9.48 -29.72 -15.11
CA LEU B 695 10.13 -28.42 -15.44
C LEU B 695 10.09 -27.61 -14.14
N VAL B 696 11.23 -27.17 -13.62
CA VAL B 696 11.31 -26.49 -12.30
C VAL B 696 11.81 -25.07 -12.53
N LEU B 697 11.30 -24.09 -11.76
CA LEU B 697 11.78 -22.68 -11.84
C LEU B 697 12.08 -22.15 -10.43
N MET B 698 13.17 -22.60 -9.80
CA MET B 698 13.53 -22.03 -8.48
C MET B 698 13.92 -20.57 -8.74
N ASP B 699 13.42 -19.63 -7.93
CA ASP B 699 13.74 -18.19 -8.11
C ASP B 699 14.11 -17.55 -6.78
N GLU B 700 15.23 -16.82 -6.73
CA GLU B 700 15.71 -16.19 -5.48
C GLU B 700 15.87 -17.30 -4.43
N ILE B 701 16.23 -18.51 -4.87
CA ILE B 701 16.38 -19.68 -3.95
C ILE B 701 17.63 -19.42 -3.09
N GLY B 702 17.70 -20.03 -1.91
CA GLY B 702 18.81 -19.75 -0.99
C GLY B 702 18.68 -18.39 -0.35
N ARG B 703 17.45 -17.90 -0.16
CA ARG B 703 17.26 -16.62 0.58
C ARG B 703 17.30 -16.98 2.07
N GLY B 704 18.34 -17.71 2.49
CA GLY B 704 18.53 -17.99 3.92
C GLY B 704 19.00 -16.72 4.59
N THR B 705 18.49 -16.46 5.80
CA THR B 705 18.82 -15.19 6.48
C THR B 705 20.32 -15.18 6.67
N SER B 706 20.92 -16.31 7.05
CA SER B 706 22.40 -16.41 7.08
C SER B 706 22.82 -16.81 5.67
N THR B 707 23.70 -16.03 5.03
CA THR B 707 24.03 -16.33 3.61
C THR B 707 24.67 -17.71 3.54
N TYR B 708 25.50 -18.07 4.51
CA TYR B 708 26.16 -19.40 4.48
C TYR B 708 25.09 -20.50 4.55
N ASP B 709 24.07 -20.34 5.39
CA ASP B 709 23.02 -21.38 5.53
C ASP B 709 22.25 -21.54 4.22
N GLY B 710 21.86 -20.42 3.60
CA GLY B 710 21.10 -20.47 2.34
C GLY B 710 21.93 -21.09 1.23
N LEU B 711 23.24 -20.80 1.21
CA LEU B 711 24.11 -21.32 0.12
C LEU B 711 24.09 -22.84 0.17
N SER B 712 24.20 -23.43 1.36
CA SER B 712 24.23 -24.91 1.47
C SER B 712 22.92 -25.50 0.95
N LEU B 713 21.77 -24.90 1.31
CA LEU B 713 20.46 -25.49 0.91
C LEU B 713 20.24 -25.40 -0.61
N ALA B 714 20.43 -24.21 -1.22
CA ALA B 714 20.17 -24.06 -2.67
C ALA B 714 21.19 -24.87 -3.47
N TRP B 715 22.46 -24.83 -3.06
CA TRP B 715 23.53 -25.55 -3.82
C TRP B 715 23.17 -27.02 -3.83
N ALA B 716 22.74 -27.56 -2.69
CA ALA B 716 22.29 -28.96 -2.60
C ALA B 716 20.99 -29.18 -3.39
N CYS B 717 20.06 -28.21 -3.35
CA CYS B 717 18.75 -28.37 -4.04
C CYS B 717 19.01 -28.57 -5.54
N ALA B 718 19.92 -27.77 -6.11
CA ALA B 718 20.29 -27.87 -7.54
C ALA B 718 20.95 -29.21 -7.84
N GLU B 719 21.88 -29.63 -6.98
CA GLU B 719 22.65 -30.88 -7.20
C GLU B 719 21.69 -32.07 -7.20
N ASN B 720 20.71 -32.08 -6.28
CA ASN B 720 19.68 -33.14 -6.23
C ASN B 720 18.79 -33.04 -7.46
N LEU B 721 18.47 -31.82 -7.87
CA LEU B 721 17.62 -31.58 -9.09
C LEU B 721 18.36 -32.01 -10.36
N ALA B 722 19.70 -32.08 -10.33
CA ALA B 722 20.50 -32.43 -11.54
C ALA B 722 21.30 -33.74 -11.40
N ASN B 723 21.19 -34.45 -10.27
CA ASN B 723 21.88 -35.76 -10.14
C ASN B 723 20.87 -36.91 -10.15
N LYS B 724 19.71 -36.75 -9.50
CA LYS B 724 18.72 -37.87 -9.39
C LYS B 724 17.40 -37.50 -10.08
N ILE B 725 16.81 -36.36 -9.73
CA ILE B 725 15.50 -35.95 -10.31
C ILE B 725 15.72 -35.77 -11.81
N LYS B 726 16.85 -35.19 -12.22
CA LYS B 726 17.18 -35.00 -13.67
C LYS B 726 16.08 -34.21 -14.37
N ALA B 727 15.49 -33.21 -13.67
CA ALA B 727 14.41 -32.35 -14.23
C ALA B 727 15.05 -31.22 -15.05
N LEU B 728 14.23 -30.36 -15.66
CA LEU B 728 14.73 -29.16 -16.37
C LEU B 728 14.59 -28.00 -15.38
N THR B 729 15.59 -27.14 -15.23
CA THR B 729 15.46 -26.05 -14.23
C THR B 729 15.96 -24.72 -14.78
N LEU B 730 15.37 -23.62 -14.31
CA LEU B 730 15.80 -22.26 -14.70
C LEU B 730 16.03 -21.53 -13.39
N PHE B 731 17.09 -21.91 -12.67
CA PHE B 731 17.31 -21.33 -11.33
C PHE B 731 17.64 -19.85 -11.46
N ALA B 732 16.92 -18.99 -10.73
CA ALA B 732 17.28 -17.55 -10.69
C ALA B 732 17.95 -17.37 -9.34
N THR B 733 19.27 -17.15 -9.32
CA THR B 733 19.98 -17.10 -8.02
C THR B 733 20.78 -15.81 -7.89
N HIS B 734 20.55 -15.07 -6.80
CA HIS B 734 21.37 -13.88 -6.48
C HIS B 734 22.79 -14.37 -6.23
N TYR B 735 22.93 -15.56 -5.66
CA TYR B 735 24.27 -16.11 -5.34
C TYR B 735 25.15 -16.16 -6.59
N PHE B 736 26.38 -15.67 -6.48
CA PHE B 736 27.35 -15.72 -7.60
C PHE B 736 28.26 -16.93 -7.37
N GLU B 737 27.97 -17.70 -6.31
CA GLU B 737 28.76 -18.93 -5.99
C GLU B 737 28.11 -20.12 -6.70
N LEU B 738 26.88 -19.94 -7.20
CA LEU B 738 26.19 -21.01 -7.96
C LEU B 738 26.55 -20.89 -9.44
N THR B 739 27.38 -19.92 -9.80
CA THR B 739 27.87 -19.76 -11.21
C THR B 739 29.02 -20.72 -11.48
N GLN B 740 29.55 -21.36 -10.42
CA GLN B 740 30.66 -22.34 -10.57
C GLN B 740 30.08 -23.73 -10.79
N LEU B 741 28.75 -23.86 -10.79
CA LEU B 741 28.10 -25.19 -10.93
C LEU B 741 28.48 -25.88 -12.24
N PRO B 742 28.56 -25.24 -13.42
CA PRO B 742 28.85 -25.99 -14.65
C PRO B 742 30.16 -26.78 -14.56
N GLU B 743 31.19 -26.20 -13.96
CA GLU B 743 32.46 -26.96 -13.77
C GLU B 743 32.21 -28.14 -12.83
N LYS B 744 31.52 -27.90 -11.69
CA LYS B 744 31.26 -28.96 -10.68
C LYS B 744 30.21 -29.99 -11.11
N MET B 745 29.11 -29.56 -11.74
CA MET B 745 27.98 -30.46 -12.08
C MET B 745 27.68 -30.44 -13.58
N GLU B 746 27.34 -31.59 -14.16
CA GLU B 746 26.98 -31.69 -15.60
C GLU B 746 25.50 -31.34 -15.77
N GLY B 747 25.15 -30.65 -16.86
CA GLY B 747 23.77 -30.24 -17.14
C GLY B 747 23.54 -28.76 -16.84
N VAL B 748 24.40 -28.15 -16.02
CA VAL B 748 24.23 -26.72 -15.63
C VAL B 748 24.86 -25.83 -16.71
N ALA B 749 24.24 -24.68 -17.04
CA ALA B 749 24.85 -23.71 -17.98
C ALA B 749 24.50 -22.29 -17.53
N ASN B 750 25.50 -21.44 -17.31
CA ASN B 750 25.23 -20.05 -16.80
C ASN B 750 24.64 -19.21 -17.92
N VAL B 751 23.59 -18.41 -17.62
CA VAL B 751 23.03 -17.44 -18.60
C VAL B 751 22.79 -16.15 -17.81
N HIS B 752 23.06 -14.97 -18.39
CA HIS B 752 22.94 -13.72 -17.60
C HIS B 752 22.29 -12.58 -18.40
N LEU B 753 21.45 -11.77 -17.75
CA LEU B 753 20.88 -10.57 -18.41
C LEU B 753 21.70 -9.41 -17.84
N ASP B 754 22.44 -8.66 -18.66
CA ASP B 754 23.35 -7.60 -18.12
C ASP B 754 22.95 -6.20 -18.62
N ALA B 755 22.58 -5.29 -17.71
CA ALA B 755 22.31 -3.90 -18.10
C ALA B 755 23.65 -3.29 -18.52
N LEU B 756 23.72 -2.66 -19.69
CA LEU B 756 25.02 -2.12 -20.19
C LEU B 756 25.30 -0.79 -19.53
N GLU B 757 26.57 -0.39 -19.46
CA GLU B 757 26.94 0.94 -18.92
C GLU B 757 27.88 1.61 -19.92
N HIS B 758 27.41 2.66 -20.60
CA HIS B 758 28.24 3.43 -21.57
C HIS B 758 28.20 4.89 -21.14
N GLY B 759 29.36 5.51 -20.90
CA GLY B 759 29.37 6.89 -20.37
C GLY B 759 28.76 6.96 -18.98
N ASP B 760 27.79 7.85 -18.78
CA ASP B 760 27.18 8.07 -17.43
C ASP B 760 25.76 7.50 -17.38
N THR B 761 25.38 6.65 -18.34
CA THR B 761 23.97 6.14 -18.41
C THR B 761 23.94 4.61 -18.36
N ILE B 762 23.00 4.03 -17.60
CA ILE B 762 22.83 2.54 -17.56
C ILE B 762 21.65 2.21 -18.48
N ALA B 763 21.80 1.18 -19.31
CA ALA B 763 20.73 0.77 -20.24
C ALA B 763 20.19 -0.59 -19.81
N PHE B 764 18.87 -0.75 -19.68
CA PHE B 764 18.25 -2.05 -19.33
C PHE B 764 18.10 -2.86 -20.62
N MET B 765 19.17 -3.56 -21.02
CA MET B 765 19.15 -4.33 -22.29
C MET B 765 18.14 -5.47 -22.19
N HIS B 766 18.07 -6.15 -21.05
CA HIS B 766 17.19 -7.34 -20.93
C HIS B 766 17.54 -8.30 -22.07
N SER B 767 18.83 -8.49 -22.33
CA SER B 767 19.30 -9.41 -23.40
C SER B 767 20.01 -10.60 -22.76
N VAL B 768 19.72 -11.83 -23.19
CA VAL B 768 20.29 -13.05 -22.57
C VAL B 768 21.59 -13.42 -23.28
N GLN B 769 22.61 -13.82 -22.50
CA GLN B 769 23.90 -14.26 -23.10
C GLN B 769 24.53 -15.30 -22.16
N ASP B 770 25.44 -16.15 -22.66
CA ASP B 770 26.16 -17.15 -21.83
C ASP B 770 27.13 -16.43 -20.88
N GLY B 771 27.43 -17.03 -19.73
CA GLY B 771 28.38 -16.45 -18.76
C GLY B 771 27.68 -15.61 -17.71
N ALA B 772 28.43 -14.83 -16.94
CA ALA B 772 27.86 -13.96 -15.88
C ALA B 772 28.74 -12.71 -15.76
N ALA B 773 28.21 -11.62 -15.18
CA ALA B 773 28.98 -10.36 -15.08
C ALA B 773 29.76 -10.34 -13.77
N SER B 774 31.08 -10.58 -13.84
CA SER B 774 31.94 -10.56 -12.62
C SER B 774 31.90 -9.15 -12.06
N LYS B 775 31.99 -8.13 -12.92
CA LYS B 775 31.80 -6.73 -12.46
C LYS B 775 30.31 -6.47 -12.63
N SER B 776 29.60 -6.19 -11.53
CA SER B 776 28.13 -6.03 -11.58
C SER B 776 27.76 -4.61 -11.99
N TYR B 777 26.49 -4.38 -12.35
CA TYR B 777 26.01 -3.02 -12.68
C TYR B 777 26.13 -2.17 -11.42
N GLY B 778 26.21 -2.78 -10.23
CA GLY B 778 26.32 -2.06 -8.94
C GLY B 778 27.60 -1.26 -8.77
N LEU B 779 28.76 -1.78 -9.22
CA LEU B 779 30.02 -0.98 -9.14
C LEU B 779 29.85 0.26 -10.00
N ALA B 780 29.27 0.12 -11.20
CA ALA B 780 29.01 1.29 -12.07
C ALA B 780 27.96 2.19 -11.40
N VAL B 781 26.95 1.60 -10.79
CA VAL B 781 25.88 2.37 -10.10
C VAL B 781 26.52 3.12 -8.93
N ALA B 782 27.52 2.50 -8.28
CA ALA B 782 28.24 3.17 -7.16
C ALA B 782 28.86 4.47 -7.67
N ALA B 783 29.40 4.47 -8.91
CA ALA B 783 29.97 5.71 -9.52
C ALA B 783 28.87 6.75 -9.72
N LEU B 784 27.67 6.34 -10.14
CA LEU B 784 26.53 7.29 -10.28
C LEU B 784 26.12 7.69 -8.86
N ALA B 785 25.80 8.97 -8.61
CA ALA B 785 25.56 9.40 -7.21
C ALA B 785 26.78 8.85 -6.47
N GLY B 786 27.98 9.22 -6.92
CA GLY B 786 29.23 8.60 -6.43
C GLY B 786 29.50 8.61 -4.95
N VAL B 787 29.93 7.45 -4.42
CA VAL B 787 30.37 7.34 -3.01
C VAL B 787 31.76 7.96 -3.04
N PRO B 788 32.46 8.22 -1.91
CA PRO B 788 33.81 8.75 -1.98
C PRO B 788 34.64 7.81 -2.87
N LYS B 789 35.55 8.36 -3.68
CA LYS B 789 36.31 7.54 -4.66
C LYS B 789 37.07 6.44 -3.93
N GLU B 790 37.57 6.71 -2.74
CA GLU B 790 38.28 5.67 -1.95
C GLU B 790 37.30 4.53 -1.65
N VAL B 791 36.05 4.83 -1.30
CA VAL B 791 35.07 3.76 -0.91
C VAL B 791 34.78 2.86 -2.11
N ILE B 792 34.53 3.45 -3.28
CA ILE B 792 34.25 2.64 -4.51
C ILE B 792 35.53 1.84 -4.84
N LYS B 793 36.71 2.46 -4.67
CA LYS B 793 38.00 1.77 -4.93
C LYS B 793 38.12 0.59 -3.98
N ARG B 794 37.75 0.77 -2.71
CA ARG B 794 37.85 -0.30 -1.69
C ARG B 794 36.94 -1.47 -2.07
N ALA B 795 35.75 -1.19 -2.63
CA ALA B 795 34.85 -2.26 -3.09
C ALA B 795 35.53 -3.04 -4.22
N ARG B 796 36.20 -2.34 -5.13
CA ARG B 796 36.91 -3.03 -6.25
C ARG B 796 37.96 -3.94 -5.63
N GLN B 797 38.65 -3.45 -4.61
CA GLN B 797 39.72 -4.27 -3.96
C GLN B 797 39.04 -5.52 -3.40
N LYS B 798 37.91 -5.36 -2.70
CA LYS B 798 37.18 -6.50 -2.09
C LYS B 798 36.59 -7.40 -3.17
N LEU B 799 36.05 -6.83 -4.26
CA LEU B 799 35.42 -7.64 -5.34
C LEU B 799 36.49 -8.51 -5.97
N ARG B 800 37.69 -7.95 -6.18
CA ARG B 800 38.82 -8.74 -6.75
C ARG B 800 39.19 -9.84 -5.76
N GLU B 801 39.22 -9.51 -4.46
CA GLU B 801 39.57 -10.51 -3.42
C GLU B 801 38.53 -11.64 -3.37
N LEU B 802 37.23 -11.32 -3.43
CA LEU B 802 36.19 -12.37 -3.27
C LEU B 802 36.23 -13.35 -4.45
N GLU B 803 36.31 -12.82 -5.68
CA GLU B 803 36.32 -13.68 -6.90
C GLU B 803 37.63 -14.46 -6.98
N SER B 804 38.76 -13.83 -6.61
CA SER B 804 40.09 -14.50 -6.66
C SER B 804 40.15 -15.66 -5.66
N ILE B 805 39.60 -15.47 -4.46
CA ILE B 805 39.61 -16.54 -3.41
C ILE B 805 38.82 -17.73 -3.95
N SER B 806 37.71 -17.48 -4.66
CA SER B 806 36.91 -18.56 -5.30
C SER B 806 37.73 -19.18 -6.45
PB ADP C . 12.50 -8.13 10.56
O1B ADP C . 13.12 -6.80 10.77
O2B ADP C . 13.30 -9.27 11.13
O3B ADP C . 12.19 -8.35 9.09
PA ADP C . 10.01 -6.91 11.53
O1A ADP C . 9.64 -6.28 10.23
O2A ADP C . 10.56 -6.02 12.61
O3A ADP C . 11.07 -8.07 11.28
O5' ADP C . 8.76 -7.73 12.11
C5' ADP C . 8.93 -8.50 13.32
C4' ADP C . 7.65 -8.52 14.09
O4' ADP C . 7.91 -9.14 15.38
C3' ADP C . 7.03 -7.16 14.40
O3' ADP C . 6.00 -6.80 13.48
C2' ADP C . 6.43 -7.32 15.80
O2' ADP C . 5.07 -7.70 15.76
C1' ADP C . 7.27 -8.42 16.42
N9 ADP C . 8.30 -7.95 17.34
C8 ADP C . 9.40 -7.18 17.07
N7 ADP C . 10.15 -6.95 18.11
C5 ADP C . 9.51 -7.62 19.14
C6 ADP C . 9.80 -7.75 20.51
N6 ADP C . 10.88 -7.22 21.10
N1 ADP C . 8.96 -8.49 21.27
C2 ADP C . 7.90 -9.04 20.68
N3 ADP C . 7.51 -8.98 19.40
C4 ADP C . 8.37 -8.24 18.68
PB ADP D . 13.63 -8.76 -11.73
O1B ADP D . 15.12 -8.77 -11.76
O2B ADP D . 12.98 -9.72 -12.68
O3B ADP D . 13.11 -8.92 -10.32
PA ADP D . 11.58 -6.78 -12.32
O1A ADP D . 10.98 -6.66 -10.95
O2A ADP D . 10.88 -7.61 -13.33
O3A ADP D . 13.08 -7.32 -12.18
O5' ADP D . 11.84 -5.31 -12.90
C5' ADP D . 12.28 -5.13 -14.28
C4' ADP D . 11.23 -4.34 -15.02
O4' ADP D . 11.78 -3.91 -16.29
C3' ADP D . 9.95 -5.09 -15.39
O3' ADP D . 9.00 -5.08 -14.32
C2' ADP D . 9.45 -4.32 -16.60
O2' ADP D . 8.66 -3.19 -16.25
C1' ADP D . 10.75 -3.90 -17.27
N9 ADP D . 11.18 -4.76 -18.37
C8 ADP D . 10.96 -6.11 -18.51
N7 ADP D . 11.48 -6.58 -19.61
C5 ADP D . 12.06 -5.50 -20.24
C6 ADP D . 12.77 -5.36 -21.46
N6 ADP D . 13.01 -6.37 -22.28
N1 ADP D . 13.22 -4.13 -21.78
C2 ADP D . 12.98 -3.12 -20.93
N3 ADP D . 12.33 -3.13 -19.77
C4 ADP D . 11.89 -4.36 -19.48
#